data_7WVF
#
_entry.id   7WVF
#
_cell.length_a   1.00
_cell.length_b   1.00
_cell.length_c   1.00
_cell.angle_alpha   90.00
_cell.angle_beta   90.00
_cell.angle_gamma   90.00
#
_symmetry.space_group_name_H-M   'P 1'
#
loop_
_entity.id
_entity.type
_entity.pdbx_description
1 polymer 'Toll-like receptor 3'
2 polymer 'RNA (46-MER)'
3 polymer 'RNA (46-MER)'
4 polymer mAb12
#
loop_
_entity_poly.entity_id
_entity_poly.type
_entity_poly.pdbx_seq_one_letter_code
_entity_poly.pdbx_strand_id
1 'polypeptide(L)'
;ADPKCTVSHEVADCSHLKLTQVPDDLPTNITVLNLTHNQLRRLPAANFTRYSQLTSLDVGFNTISKLEPELCQKLPMLKV
LNLQHNELSQLSDKTFAFCTNLTELHLMSNSIQKIKNNPFVKQKNLITLDLSHNGLSSTKLGTQVQLENLQELLLSNNKI
QALKSEELDIFANSSLKKLELSSNQIKEFSPGCFHAIGRLFGLFLNNVQLGPSLTEKLCLELANTSIRNLSLSNSQLSTT
SNTTFLGLKWTNLTMLDLSYNNLNVVGNDSFAWLPQLEYFFLEYNNIQHLFSHSLHGLFNVRYLNLKRSFTKQSISLASL
PKIDDFSFQWLKCLEHLNMEDNDIPGIKSNMFTGLINLKYLSLSNSFTSLRTLTNETFVSLAHSPLHILNLTKNKISKIE
SDAFSWLGHLEVLDLGLNEIGQELTGQEWRGLENIFEIYLSYNKYLQLTRNSFALVPSLQRLMLRRVALKNVDSSPSPFQ
PLRNLTILDLSNNNIANINDDMLEGLEKLEILDLQHNNLARLWKHANPGGPIYFLKGLSHLHILNLESNGFDEIPVEVFK
DLFELKIIDLGLNNLNTLPASVFNNQVSLKSLNLQKNLITSVEKKVFGPAFRNLTELDMRFNPFDCTCESIAWFVNWINE
THTNIPELSSHYLCNTPPHYHGFPVRLFDTSSCKSGRLVPRGSHHHHHH
;
A,B
2 'polyribonucleotide' CCCCCCCCCCCCCCCCCCCCCCCCCCCCCCCCCCCCCCCCCCCCCC E
3 'polyribonucleotide' IIIIIIIIIIIIIIIIIIIIIIIIIIIIIIIIIIIIIIIIIIIIII F
4 'polypeptide(L)'
;ADPQVQLQQSGPGLVKPSQTLSLTCAISGDSVSSNSAAWGWIRQSPGRGLEWLGIIQKRSKWYNNYAVSVKSRITINPDT
SKNQFSLQLNSVTPEDTAVYYCARYSYPFYSIDYWGQGTLVTVSSGGGGSGGGGSGGGGSGGGGSQSVLTQPPSVSVAPG
QTARISCSGDNIGSYYVHWYQQKPGQAPVLVIYEDSERPSGIPERFSGSNSGNTATLTISGTQAEDEADYYCSSYDDPNF
QVFGGGTKLTVLGHHHHHHHH
;
C
#
loop_
_chem_comp.id
_chem_comp.type
_chem_comp.name
_chem_comp.formula
C RNA linking CYTIDINE-5'-MONOPHOSPHATE 'C9 H14 N3 O8 P'
I RNA linking 'INOSINIC ACID' 'C10 H13 N4 O8 P'
#
# COMPACT_ATOMS: atom_id res chain seq x y z
N THR A 6 26.59 -2.61 33.39
CA THR A 6 27.94 -2.61 32.84
C THR A 6 28.36 -4.01 32.40
N VAL A 7 27.69 -4.52 31.37
CA VAL A 7 28.00 -5.85 30.86
C VAL A 7 29.35 -5.83 30.15
N SER A 8 30.16 -6.85 30.40
CA SER A 8 31.51 -6.91 29.83
C SER A 8 32.04 -8.33 29.95
N HIS A 9 32.52 -8.87 28.85
CA HIS A 9 33.24 -10.15 28.82
C HIS A 9 34.67 -10.00 28.33
N GLU A 10 34.88 -9.25 27.27
CA GLU A 10 36.19 -8.86 26.79
C GLU A 10 36.30 -7.36 26.60
N VAL A 11 35.23 -6.69 26.17
CA VAL A 11 35.17 -5.25 26.06
C VAL A 11 34.12 -4.74 27.03
N ALA A 12 34.27 -3.49 27.44
CA ALA A 12 33.38 -2.86 28.42
C ALA A 12 32.43 -1.91 27.72
N ASP A 13 31.14 -2.05 27.99
CA ASP A 13 30.11 -1.21 27.40
C ASP A 13 29.34 -0.50 28.51
N CYS A 14 29.24 0.82 28.41
CA CYS A 14 28.49 1.62 29.37
C CYS A 14 27.68 2.68 28.64
N SER A 15 27.03 2.30 27.55
CA SER A 15 26.30 3.24 26.72
C SER A 15 24.88 3.43 27.25
N HIS A 16 24.51 4.68 27.50
CA HIS A 16 23.18 5.06 27.98
C HIS A 16 22.89 4.46 29.36
N LEU A 17 23.92 4.33 30.20
CA LEU A 17 23.75 3.87 31.57
C LEU A 17 23.71 5.00 32.58
N LYS A 18 23.78 6.26 32.12
CA LYS A 18 23.64 7.44 32.98
C LYS A 18 24.69 7.46 34.08
N LEU A 19 25.92 7.08 33.74
CA LEU A 19 27.01 7.12 34.70
C LEU A 19 27.53 8.54 34.90
N THR A 20 27.91 8.84 36.14
CA THR A 20 28.56 10.10 36.48
C THR A 20 30.04 9.93 36.76
N GLN A 21 30.44 8.79 37.32
CA GLN A 21 31.84 8.48 37.59
C GLN A 21 32.14 7.10 37.03
N VAL A 22 33.40 6.90 36.65
CA VAL A 22 33.80 5.62 36.04
C VAL A 22 33.70 4.51 37.07
N PRO A 23 33.28 3.31 36.70
CA PRO A 23 33.23 2.21 37.66
C PRO A 23 34.63 1.76 38.07
N ASP A 24 34.71 1.22 39.27
CA ASP A 24 35.98 0.75 39.83
C ASP A 24 36.04 -0.77 39.98
N ASP A 25 35.08 -1.50 39.43
CA ASP A 25 35.04 -2.96 39.52
C ASP A 25 34.93 -3.55 38.12
N LEU A 26 36.07 -3.68 37.46
CA LEU A 26 36.17 -4.31 36.15
C LEU A 26 37.47 -5.11 36.12
N PRO A 27 37.55 -6.10 35.23
CA PRO A 27 38.82 -6.85 35.09
C PRO A 27 39.96 -5.92 34.68
N THR A 28 41.15 -6.24 35.17
CA THR A 28 42.32 -5.40 34.92
C THR A 28 42.74 -5.45 33.45
N ASN A 29 42.56 -6.60 32.79
CA ASN A 29 43.03 -6.79 31.42
C ASN A 29 42.01 -6.39 30.37
N ILE A 30 41.12 -5.45 30.68
CA ILE A 30 40.16 -4.98 29.69
C ILE A 30 40.88 -4.13 28.65
N THR A 31 40.52 -4.35 27.38
CA THR A 31 41.16 -3.62 26.28
C THR A 31 40.32 -2.46 25.77
N VAL A 32 38.99 -2.57 25.81
CA VAL A 32 38.10 -1.52 25.33
C VAL A 32 37.21 -1.08 26.48
N LEU A 33 37.14 0.23 26.70
CA LEU A 33 36.33 0.81 27.76
C LEU A 33 35.46 1.90 27.14
N ASN A 34 34.17 1.60 26.98
CA ASN A 34 33.24 2.47 26.27
C ASN A 34 32.31 3.17 27.24
N LEU A 35 32.21 4.50 27.14
CA LEU A 35 31.34 5.29 28.01
C LEU A 35 30.59 6.35 27.21
N THR A 36 30.05 5.97 26.06
CA THR A 36 29.25 6.92 25.28
C THR A 36 27.90 7.17 25.94
N HIS A 37 27.39 8.39 25.72
CA HIS A 37 26.07 8.81 26.19
C HIS A 37 25.98 8.72 27.71
N ASN A 38 26.92 9.41 28.37
CA ASN A 38 26.92 9.49 29.83
C ASN A 38 26.99 10.94 30.28
N GLN A 39 27.19 11.17 31.57
CA GLN A 39 27.22 12.51 32.15
C GLN A 39 28.47 12.70 33.00
N LEU A 40 29.62 12.29 32.47
CA LEU A 40 30.89 12.44 33.16
C LEU A 40 31.31 13.89 33.09
N ARG A 41 31.10 14.64 34.18
CA ARG A 41 31.50 16.04 34.21
C ARG A 41 33.02 16.17 34.12
N ARG A 42 33.74 15.40 34.93
CA ARG A 42 35.19 15.39 34.93
C ARG A 42 35.68 13.95 34.93
N LEU A 43 36.93 13.77 34.50
CA LEU A 43 37.54 12.44 34.39
C LEU A 43 38.87 12.44 35.13
N PRO A 44 38.84 12.28 36.45
CA PRO A 44 40.10 12.19 37.20
C PRO A 44 40.91 10.97 36.78
N ALA A 45 42.23 11.12 36.77
CA ALA A 45 43.13 10.04 36.39
C ALA A 45 43.42 9.08 37.53
N ALA A 46 43.10 9.46 38.77
CA ALA A 46 43.36 8.59 39.91
C ALA A 46 42.51 7.32 39.86
N ASN A 47 41.40 7.36 39.15
CA ASN A 47 40.54 6.19 39.05
C ASN A 47 41.02 5.24 37.96
N PHE A 48 42.05 5.60 37.21
CA PHE A 48 42.55 4.77 36.13
C PHE A 48 43.77 3.94 36.53
N THR A 49 44.12 3.91 37.81
CA THR A 49 45.23 3.07 38.26
C THR A 49 44.95 1.59 38.02
N ARG A 50 43.72 1.16 38.29
CA ARG A 50 43.34 -0.24 38.07
C ARG A 50 43.34 -0.57 36.59
N TYR A 51 42.86 0.34 35.75
CA TYR A 51 42.75 0.11 34.31
C TYR A 51 44.05 0.58 33.65
N SER A 52 44.99 -0.36 33.52
CA SER A 52 46.29 -0.06 32.90
C SER A 52 46.57 -0.95 31.70
N GLN A 53 45.53 -1.57 31.12
CA GLN A 53 45.69 -2.42 29.95
C GLN A 53 44.73 -2.00 28.83
N LEU A 54 44.26 -0.75 28.85
CA LEU A 54 43.27 -0.30 27.89
C LEU A 54 43.93 0.01 26.55
N THR A 55 43.21 -0.33 25.47
CA THR A 55 43.61 0.00 24.11
C THR A 55 42.68 1.01 23.45
N SER A 56 41.38 0.90 23.69
CA SER A 56 40.39 1.83 23.17
C SER A 56 39.64 2.46 24.33
N LEU A 57 39.47 3.78 24.26
CA LEU A 57 38.82 4.55 25.33
C LEU A 57 37.83 5.51 24.67
N ASP A 58 36.58 5.06 24.54
CA ASP A 58 35.51 5.86 23.95
C ASP A 58 34.72 6.53 25.08
N VAL A 59 34.92 7.82 25.24
CA VAL A 59 34.26 8.59 26.29
C VAL A 59 33.47 9.69 25.61
N GLY A 60 32.97 9.41 24.42
CA GLY A 60 32.26 10.41 23.66
C GLY A 60 30.86 10.63 24.17
N PHE A 61 30.23 11.67 23.61
CA PHE A 61 28.86 12.07 23.95
C PHE A 61 28.68 12.31 25.44
N ASN A 62 29.68 12.96 26.05
CA ASN A 62 29.64 13.25 27.48
C ASN A 62 29.87 14.74 27.72
N THR A 63 30.03 15.13 28.98
CA THR A 63 30.19 16.55 29.33
C THR A 63 31.50 16.77 30.07
N ILE A 64 32.58 16.26 29.51
CA ILE A 64 33.90 16.49 30.08
C ILE A 64 34.38 17.88 29.70
N SER A 65 34.77 18.67 30.71
CA SER A 65 35.25 20.02 30.43
C SER A 65 36.71 20.00 29.99
N LYS A 66 37.60 19.46 30.83
CA LYS A 66 39.01 19.40 30.51
C LYS A 66 39.60 18.09 31.03
N LEU A 67 40.70 17.69 30.42
CA LEU A 67 41.42 16.49 30.82
C LEU A 67 42.75 16.85 31.50
N GLU A 68 43.45 15.82 31.95
CA GLU A 68 44.74 16.03 32.59
C GLU A 68 45.76 15.08 31.99
N PRO A 69 47.03 15.50 31.93
CA PRO A 69 48.08 14.62 31.39
C PRO A 69 48.28 13.32 32.16
N GLU A 70 47.89 13.29 33.44
CA GLU A 70 48.05 12.07 34.23
C GLU A 70 47.22 10.93 33.68
N LEU A 71 46.19 11.26 32.89
CA LEU A 71 45.36 10.22 32.31
C LEU A 71 46.18 9.35 31.38
N CYS A 72 47.07 9.97 30.59
CA CYS A 72 47.89 9.17 29.69
C CYS A 72 48.89 8.32 30.45
N GLN A 73 49.31 8.76 31.66
CA GLN A 73 50.32 7.99 32.39
C GLN A 73 49.81 6.60 32.77
N LYS A 74 48.55 6.50 33.19
CA LYS A 74 47.98 5.21 33.58
C LYS A 74 47.76 4.27 32.40
N LEU A 75 47.75 4.79 31.17
CA LEU A 75 47.52 3.97 29.99
C LEU A 75 48.79 3.90 29.15
N PRO A 76 49.55 2.80 29.22
CA PRO A 76 50.83 2.74 28.50
C PRO A 76 50.68 2.30 27.06
N MET A 77 49.57 1.64 26.72
CA MET A 77 49.40 1.00 25.42
C MET A 77 48.12 1.48 24.73
N LEU A 78 47.58 2.63 25.15
CA LEU A 78 46.34 3.13 24.57
C LEU A 78 46.52 3.47 23.09
N LYS A 79 45.52 3.15 22.29
CA LYS A 79 45.63 3.33 20.84
C LYS A 79 44.48 4.15 20.28
N VAL A 80 43.33 4.12 20.96
CA VAL A 80 42.13 4.83 20.53
C VAL A 80 41.67 5.76 21.64
N LEU A 81 41.46 7.04 21.31
CA LEU A 81 40.95 8.04 22.24
C LEU A 81 39.81 8.78 21.57
N ASN A 82 38.59 8.52 22.03
CA ASN A 82 37.39 9.11 21.45
C ASN A 82 36.77 10.10 22.43
N LEU A 83 36.56 11.33 21.97
CA LEU A 83 36.02 12.40 22.82
C LEU A 83 34.97 13.19 22.04
N GLN A 84 34.08 12.49 21.35
CA GLN A 84 33.06 13.15 20.55
C GLN A 84 32.06 13.89 21.43
N HIS A 85 31.69 15.10 21.00
CA HIS A 85 30.63 15.89 21.60
C HIS A 85 30.91 16.17 23.08
N ASN A 86 32.01 16.86 23.32
CA ASN A 86 32.40 17.26 24.67
C ASN A 86 32.62 18.76 24.73
N GLU A 87 33.17 19.25 25.85
CA GLU A 87 33.45 20.66 26.02
C GLU A 87 34.94 20.95 26.14
N LEU A 88 35.78 20.06 25.62
CA LEU A 88 37.24 20.24 25.68
C LEU A 88 37.63 21.28 24.64
N SER A 89 37.49 22.55 25.02
CA SER A 89 37.81 23.67 24.16
C SER A 89 39.21 24.23 24.38
N GLN A 90 40.00 23.63 25.28
CA GLN A 90 41.35 24.07 25.57
C GLN A 90 42.33 22.94 25.38
N LEU A 91 43.42 23.21 24.68
CA LEU A 91 44.45 22.20 24.43
C LEU A 91 45.81 22.78 24.77
N SER A 92 46.69 21.93 25.28
CA SER A 92 48.03 22.30 25.69
C SER A 92 49.04 21.28 25.19
N ASP A 93 50.32 21.65 25.27
CA ASP A 93 51.39 20.76 24.82
C ASP A 93 51.47 19.51 25.69
N LYS A 94 51.09 19.61 26.97
CA LYS A 94 51.14 18.47 27.88
C LYS A 94 49.86 17.65 27.85
N THR A 95 48.83 18.11 27.15
CA THR A 95 47.58 17.38 27.13
C THR A 95 47.76 16.00 26.50
N PHE A 96 48.48 15.93 25.37
CA PHE A 96 48.74 14.68 24.69
C PHE A 96 50.24 14.40 24.64
N ALA A 97 50.95 14.68 25.74
CA ALA A 97 52.39 14.51 25.73
C ALA A 97 52.79 13.06 25.94
N PHE A 98 52.34 12.47 27.04
CA PHE A 98 52.73 11.10 27.37
C PHE A 98 52.11 10.09 26.42
N CYS A 99 50.91 10.37 25.92
CA CYS A 99 50.28 9.51 24.93
C CYS A 99 51.05 9.62 23.61
N THR A 100 51.65 8.52 23.18
CA THR A 100 52.42 8.51 21.94
C THR A 100 52.10 7.33 21.03
N ASN A 101 51.37 6.33 21.50
CA ASN A 101 50.99 5.19 20.69
C ASN A 101 49.61 5.35 20.06
N LEU A 102 48.97 6.51 20.24
CA LEU A 102 47.63 6.71 19.72
C LEU A 102 47.62 6.65 18.20
N THR A 103 46.77 5.79 17.65
CA THR A 103 46.55 5.70 16.21
C THR A 103 45.20 6.26 15.81
N GLU A 104 44.46 6.85 16.75
CA GLU A 104 43.16 7.41 16.47
C GLU A 104 42.87 8.49 17.50
N LEU A 105 42.29 9.60 17.05
CA LEU A 105 41.97 10.71 17.94
C LEU A 105 40.77 11.45 17.39
N HIS A 106 39.63 11.31 18.05
CA HIS A 106 38.40 11.96 17.65
C HIS A 106 38.12 13.14 18.57
N LEU A 107 37.93 14.32 17.99
CA LEU A 107 37.63 15.54 18.73
C LEU A 107 36.44 16.25 18.12
N MET A 108 35.46 15.50 17.63
CA MET A 108 34.33 16.10 16.94
C MET A 108 33.42 16.80 17.94
N SER A 109 32.96 18.00 17.55
CA SER A 109 31.97 18.76 18.32
C SER A 109 32.45 19.04 19.74
N ASN A 110 33.72 19.40 19.89
CA ASN A 110 34.28 19.79 21.18
C ASN A 110 34.30 21.29 21.38
N SER A 111 33.75 22.07 20.45
CA SER A 111 33.72 23.53 20.53
C SER A 111 35.12 24.11 20.68
N ILE A 112 36.08 23.50 19.99
CA ILE A 112 37.45 24.01 20.01
C ILE A 112 37.50 25.27 19.15
N GLN A 113 38.01 26.35 19.73
CA GLN A 113 38.03 27.65 19.07
C GLN A 113 39.33 27.85 18.28
N LYS A 114 40.46 27.80 18.96
CA LYS A 114 41.74 28.05 18.32
C LYS A 114 42.76 27.06 18.85
N ILE A 115 43.57 26.53 17.93
CA ILE A 115 44.71 25.70 18.31
C ILE A 115 45.84 26.65 18.66
N LYS A 116 46.32 26.57 19.89
CA LYS A 116 47.15 27.67 20.37
C LYS A 116 48.60 27.53 19.90
N ASN A 117 49.33 26.54 20.41
CA ASN A 117 50.73 26.45 19.99
C ASN A 117 51.08 25.14 19.32
N ASN A 118 50.96 24.00 20.00
CA ASN A 118 51.52 22.75 19.50
C ASN A 118 50.92 21.58 20.28
N PRO A 119 49.63 21.29 20.09
CA PRO A 119 49.00 20.21 20.86
C PRO A 119 49.34 18.82 20.38
N PHE A 120 49.79 18.65 19.14
CA PHE A 120 49.95 17.32 18.55
C PHE A 120 51.40 17.02 18.19
N VAL A 121 52.35 17.79 18.72
CA VAL A 121 53.75 17.57 18.40
C VAL A 121 54.26 16.28 19.05
N LYS A 122 53.86 16.03 20.29
CA LYS A 122 54.42 14.95 21.08
C LYS A 122 54.04 13.55 20.61
N GLN A 123 53.31 13.40 19.50
CA GLN A 123 52.99 12.06 19.00
C GLN A 123 53.41 11.96 17.54
N LYS A 124 53.86 10.77 17.17
CA LYS A 124 54.32 10.49 15.82
C LYS A 124 53.66 9.28 15.17
N ASN A 125 52.93 8.46 15.93
CA ASN A 125 52.28 7.29 15.39
C ASN A 125 50.80 7.53 15.07
N LEU A 126 50.34 8.77 15.15
CA LEU A 126 48.95 9.07 14.86
C LEU A 126 48.62 8.78 13.40
N ILE A 127 47.47 8.16 13.18
CA ILE A 127 47.01 7.78 11.85
C ILE A 127 45.84 8.63 11.40
N THR A 128 44.80 8.74 12.22
CA THR A 128 43.59 9.47 11.90
C THR A 128 43.34 10.53 12.95
N LEU A 129 43.07 11.76 12.50
CA LEU A 129 42.73 12.86 13.38
C LEU A 129 41.43 13.49 12.91
N ASP A 130 40.51 13.70 13.84
CA ASP A 130 39.20 14.26 13.54
C ASP A 130 39.02 15.56 14.32
N LEU A 131 38.56 16.61 13.63
CA LEU A 131 38.28 17.90 14.25
C LEU A 131 36.98 18.50 13.74
N SER A 132 36.00 17.65 13.42
CA SER A 132 34.77 18.12 12.82
C SER A 132 33.91 18.86 13.83
N HIS A 133 33.02 19.72 13.30
CA HIS A 133 32.04 20.45 14.11
C HIS A 133 32.70 21.28 15.20
N ASN A 134 33.82 21.91 14.87
CA ASN A 134 34.54 22.77 15.81
C ASN A 134 34.44 24.22 15.36
N GLY A 135 34.97 25.10 16.20
CA GLY A 135 34.94 26.52 15.91
C GLY A 135 36.24 27.03 15.33
N LEU A 136 37.05 26.12 14.80
CA LEU A 136 38.34 26.51 14.23
C LEU A 136 38.14 27.41 13.02
N SER A 137 38.98 28.43 12.90
CA SER A 137 38.94 29.35 11.77
C SER A 137 40.13 29.19 10.83
N SER A 138 41.22 28.57 11.27
CA SER A 138 42.40 28.36 10.44
C SER A 138 42.83 26.90 10.56
N THR A 139 43.45 26.41 9.49
CA THR A 139 43.92 25.02 9.45
C THR A 139 45.28 24.83 10.09
N LYS A 140 45.74 25.79 10.90
CA LYS A 140 47.03 25.67 11.56
C LYS A 140 46.89 24.81 12.81
N LEU A 141 47.63 23.71 12.86
CA LEU A 141 47.60 22.80 14.00
C LEU A 141 48.92 22.77 14.74
N GLY A 142 49.79 23.74 14.49
CA GLY A 142 51.08 23.76 15.14
C GLY A 142 52.02 24.66 14.37
N THR A 143 53.22 24.80 14.93
CA THR A 143 54.25 25.64 14.32
C THR A 143 55.23 24.79 13.52
N GLN A 144 55.84 23.80 14.16
CA GLN A 144 56.79 22.94 13.47
C GLN A 144 56.06 21.81 12.74
N VAL A 145 56.82 20.86 12.23
CA VAL A 145 56.29 19.72 11.48
C VAL A 145 56.19 18.49 12.40
N GLN A 146 55.03 17.86 12.39
CA GLN A 146 54.80 16.67 13.19
C GLN A 146 53.77 15.82 12.45
N LEU A 147 53.20 14.85 13.15
CA LEU A 147 52.18 13.98 12.57
C LEU A 147 52.73 13.26 11.33
N GLU A 148 53.79 12.50 11.56
CA GLU A 148 54.50 11.85 10.46
C GLU A 148 53.62 10.85 9.74
N ASN A 149 52.93 10.00 10.49
CA ASN A 149 52.15 8.90 9.94
C ASN A 149 50.69 9.24 9.74
N LEU A 150 50.29 10.49 9.97
CA LEU A 150 48.89 10.86 9.84
C LEU A 150 48.45 10.71 8.39
N GLN A 151 47.39 9.95 8.16
CA GLN A 151 46.87 9.68 6.83
C GLN A 151 45.52 10.34 6.55
N GLU A 152 44.67 10.51 7.57
CA GLU A 152 43.36 11.10 7.39
C GLU A 152 43.21 12.27 8.35
N LEU A 153 42.84 13.43 7.80
CA LEU A 153 42.57 14.62 8.59
C LEU A 153 41.18 15.15 8.24
N LEU A 154 40.36 15.36 9.26
CA LEU A 154 38.98 15.80 9.09
C LEU A 154 38.82 17.19 9.68
N LEU A 155 38.24 18.11 8.89
CA LEU A 155 37.99 19.46 9.34
C LEU A 155 36.61 19.93 8.89
N SER A 156 35.66 19.01 8.77
CA SER A 156 34.35 19.36 8.26
C SER A 156 33.55 20.15 9.30
N ASN A 157 32.59 20.92 8.79
CA ASN A 157 31.66 21.70 9.61
C ASN A 157 32.41 22.66 10.54
N ASN A 158 33.48 23.26 10.04
CA ASN A 158 34.23 24.26 10.77
C ASN A 158 33.87 25.66 10.26
N LYS A 159 34.58 26.66 10.75
CA LYS A 159 34.39 28.04 10.34
C LYS A 159 35.63 28.57 9.63
N ILE A 160 36.22 27.74 8.76
CA ILE A 160 37.40 28.11 8.00
C ILE A 160 36.97 28.79 6.71
N GLN A 161 37.52 29.97 6.43
CA GLN A 161 37.16 30.73 5.25
C GLN A 161 38.30 30.88 4.26
N ALA A 162 39.47 30.33 4.55
CA ALA A 162 40.60 30.42 3.62
C ALA A 162 41.53 29.25 3.87
N LEU A 163 42.30 28.92 2.83
CA LEU A 163 43.31 27.87 2.89
C LEU A 163 44.64 28.49 2.49
N LYS A 164 45.35 29.04 3.46
CA LYS A 164 46.63 29.68 3.20
C LYS A 164 47.73 28.62 3.11
N SER A 165 48.77 28.95 2.35
CA SER A 165 49.88 28.03 2.17
C SER A 165 50.64 27.79 3.47
N GLU A 166 50.80 28.83 4.28
CA GLU A 166 51.56 28.71 5.52
C GLU A 166 50.88 27.75 6.49
N GLU A 167 49.56 27.80 6.60
CA GLU A 167 48.84 27.00 7.59
C GLU A 167 49.02 25.49 7.39
N LEU A 168 49.38 25.04 6.20
CA LEU A 168 49.60 23.63 5.92
C LEU A 168 51.08 23.30 5.80
N ASP A 169 51.93 24.18 6.32
CA ASP A 169 53.37 23.94 6.27
C ASP A 169 53.77 22.82 7.19
N ILE A 170 52.89 22.42 8.11
CA ILE A 170 53.25 21.38 9.05
C ILE A 170 53.13 20.01 8.40
N PHE A 171 52.51 19.93 7.22
CA PHE A 171 52.38 18.65 6.53
C PHE A 171 53.34 18.51 5.35
N ALA A 172 54.55 19.06 5.48
CA ALA A 172 55.52 19.02 4.38
C ALA A 172 56.03 17.61 4.09
N ASN A 173 55.89 16.69 5.03
CA ASN A 173 56.41 15.33 4.84
C ASN A 173 55.38 14.28 5.27
N SER A 174 54.10 14.60 5.13
CA SER A 174 53.02 13.72 5.57
C SER A 174 52.18 13.31 4.36
N SER A 175 51.78 12.05 4.33
CA SER A 175 50.98 11.48 3.24
C SER A 175 49.52 11.51 3.70
N LEU A 176 48.78 12.53 3.23
CA LEU A 176 47.38 12.70 3.57
C LEU A 176 46.53 11.94 2.56
N LYS A 177 45.89 10.86 3.00
CA LYS A 177 44.97 10.12 2.13
C LYS A 177 43.57 10.69 2.12
N LYS A 178 43.25 11.62 3.01
CA LYS A 178 41.92 12.20 3.08
C LYS A 178 42.00 13.51 3.83
N LEU A 179 41.70 14.61 3.16
CA LEU A 179 41.68 15.94 3.77
C LEU A 179 40.24 16.44 3.72
N GLU A 180 39.46 16.11 4.75
CA GLU A 180 38.06 16.51 4.80
C GLU A 180 37.96 17.99 5.14
N LEU A 181 37.35 18.77 4.26
CA LEU A 181 37.11 20.19 4.46
C LEU A 181 35.69 20.56 4.12
N SER A 182 34.75 19.66 4.40
CA SER A 182 33.35 19.87 4.01
C SER A 182 32.70 20.93 4.89
N SER A 183 31.63 21.53 4.35
CA SER A 183 30.78 22.48 5.07
C SER A 183 31.55 23.70 5.57
N ASN A 184 32.69 24.02 4.97
CA ASN A 184 33.46 25.19 5.32
C ASN A 184 33.34 26.22 4.20
N GLN A 185 32.99 27.46 4.57
CA GLN A 185 32.79 28.53 3.59
C GLN A 185 34.14 29.07 3.13
N ILE A 186 34.86 28.21 2.42
CA ILE A 186 36.17 28.57 1.87
C ILE A 186 35.96 29.34 0.58
N LYS A 187 36.50 30.56 0.52
CA LYS A 187 36.33 31.41 -0.64
C LYS A 187 37.63 31.93 -1.23
N GLU A 188 38.77 31.50 -0.70
CA GLU A 188 40.06 31.96 -1.21
C GLU A 188 41.08 30.84 -1.10
N PHE A 189 41.82 30.61 -2.17
CA PHE A 189 42.87 29.60 -2.21
C PHE A 189 44.20 30.26 -2.50
N SER A 190 45.20 29.98 -1.67
CA SER A 190 46.51 30.58 -1.85
C SER A 190 47.42 29.67 -2.66
N PRO A 191 48.30 30.24 -3.47
CA PRO A 191 49.24 29.42 -4.23
C PRO A 191 50.12 28.58 -3.32
N GLY A 192 50.37 27.34 -3.73
CA GLY A 192 51.20 26.45 -2.96
C GLY A 192 50.54 25.87 -1.72
N CYS A 193 49.23 26.07 -1.56
CA CYS A 193 48.56 25.55 -0.38
C CYS A 193 48.58 24.03 -0.35
N PHE A 194 48.34 23.40 -1.49
CA PHE A 194 48.40 21.95 -1.58
C PHE A 194 49.78 21.41 -1.93
N HIS A 195 50.61 22.22 -2.60
CA HIS A 195 51.98 21.79 -2.88
C HIS A 195 52.80 21.65 -1.61
N ALA A 196 52.46 22.44 -0.58
CA ALA A 196 53.16 22.31 0.69
C ALA A 196 52.90 20.96 1.35
N ILE A 197 51.69 20.41 1.15
CA ILE A 197 51.40 19.09 1.69
C ILE A 197 52.30 18.06 1.02
N GLY A 198 52.85 17.15 1.81
CA GLY A 198 53.76 16.14 1.32
C GLY A 198 53.18 15.25 0.24
N ARG A 199 52.15 14.47 0.58
CA ARG A 199 51.52 13.56 -0.36
C ARG A 199 50.02 13.59 -0.09
N LEU A 200 49.30 14.38 -0.88
CA LEU A 200 47.85 14.48 -0.80
C LEU A 200 47.23 13.52 -1.81
N PHE A 201 46.43 12.58 -1.33
CA PHE A 201 45.80 11.59 -2.20
C PHE A 201 44.31 11.83 -2.43
N GLY A 202 43.61 12.45 -1.47
CA GLY A 202 42.20 12.70 -1.63
C GLY A 202 41.72 13.96 -0.95
N LEU A 203 40.86 14.72 -1.63
CA LEU A 203 40.30 15.94 -1.09
C LEU A 203 38.78 15.88 -1.14
N PHE A 204 38.14 16.31 -0.06
CA PHE A 204 36.68 16.29 0.06
C PHE A 204 36.20 17.69 0.38
N LEU A 205 35.41 18.28 -0.51
CA LEU A 205 34.84 19.61 -0.32
C LEU A 205 33.32 19.57 -0.46
N ASN A 206 32.69 18.60 0.18
CA ASN A 206 31.23 18.50 0.11
C ASN A 206 30.57 19.68 0.80
N ASN A 207 29.43 20.10 0.26
CA ASN A 207 28.62 21.17 0.83
C ASN A 207 29.39 22.49 0.96
N VAL A 208 30.38 22.70 0.11
CA VAL A 208 31.20 23.91 0.15
C VAL A 208 30.82 24.76 -1.06
N GLN A 209 30.39 25.99 -0.79
CA GLN A 209 29.96 26.90 -1.85
C GLN A 209 31.17 27.45 -2.58
N LEU A 210 31.60 26.74 -3.61
CA LEU A 210 32.78 27.16 -4.38
C LEU A 210 32.37 28.00 -5.59
N GLY A 211 31.61 27.41 -6.50
CA GLY A 211 31.27 28.05 -7.75
C GLY A 211 32.21 27.65 -8.87
N PRO A 212 31.84 27.97 -10.11
CA PRO A 212 32.67 27.55 -11.25
C PRO A 212 34.06 28.16 -11.26
N SER A 213 34.16 29.48 -11.07
CA SER A 213 35.45 30.14 -11.08
C SER A 213 36.34 29.65 -9.95
N LEU A 214 35.77 29.50 -8.75
CA LEU A 214 36.55 28.99 -7.64
C LEU A 214 36.93 27.54 -7.84
N THR A 215 36.07 26.75 -8.50
CA THR A 215 36.43 25.38 -8.84
C THR A 215 37.61 25.34 -9.81
N GLU A 216 37.62 26.22 -10.80
CA GLU A 216 38.75 26.30 -11.72
C GLU A 216 40.01 26.71 -10.97
N LYS A 217 39.89 27.67 -10.05
CA LYS A 217 41.05 28.07 -9.25
C LYS A 217 41.56 26.90 -8.41
N LEU A 218 40.64 26.13 -7.83
CA LEU A 218 41.02 24.93 -7.09
C LEU A 218 41.77 23.95 -7.98
N CYS A 219 41.24 23.67 -9.18
CA CYS A 219 41.90 22.72 -10.07
C CYS A 219 43.29 23.21 -10.46
N LEU A 220 43.43 24.51 -10.70
CA LEU A 220 44.75 25.07 -10.99
C LEU A 220 45.69 24.90 -9.80
N GLU A 221 45.18 25.13 -8.59
CA GLU A 221 45.98 24.90 -7.39
C GLU A 221 46.27 23.43 -7.15
N LEU A 222 45.54 22.53 -7.79
CA LEU A 222 45.73 21.09 -7.65
C LEU A 222 46.61 20.51 -8.73
N ALA A 223 47.24 21.36 -9.55
CA ALA A 223 48.08 20.87 -10.63
C ALA A 223 49.39 20.31 -10.10
N ASN A 224 49.88 19.27 -10.77
CA ASN A 224 51.18 18.66 -10.47
C ASN A 224 51.25 18.18 -9.02
N THR A 225 50.21 17.48 -8.59
CA THR A 225 50.17 16.85 -7.27
C THR A 225 49.75 15.40 -7.43
N SER A 226 49.79 14.66 -6.32
CA SER A 226 49.49 13.23 -6.31
C SER A 226 48.06 12.94 -5.89
N ILE A 227 47.12 13.83 -6.22
CA ILE A 227 45.74 13.60 -5.85
C ILE A 227 45.15 12.46 -6.69
N ARG A 228 44.23 11.71 -6.09
CA ARG A 228 43.58 10.59 -6.78
C ARG A 228 42.07 10.70 -6.68
N ASN A 229 41.57 11.30 -5.60
CA ASN A 229 40.15 11.47 -5.37
C ASN A 229 39.85 12.95 -5.13
N LEU A 230 38.68 13.38 -5.59
CA LEU A 230 38.26 14.77 -5.40
C LEU A 230 36.74 14.81 -5.38
N SER A 231 36.16 14.96 -4.20
CA SER A 231 34.71 15.01 -4.03
C SER A 231 34.27 16.48 -3.94
N LEU A 232 33.41 16.88 -4.85
CA LEU A 232 32.87 18.24 -4.90
C LEU A 232 31.36 18.21 -4.85
N SER A 233 30.81 17.36 -4.00
CA SER A 233 29.36 17.21 -3.90
C SER A 233 28.72 18.45 -3.29
N ASN A 234 27.58 18.84 -3.87
CA ASN A 234 26.81 19.97 -3.37
C ASN A 234 27.67 21.23 -3.29
N SER A 235 28.48 21.45 -4.33
CA SER A 235 29.36 22.60 -4.39
C SER A 235 28.77 23.75 -5.20
N GLN A 236 27.49 23.67 -5.55
CA GLN A 236 26.83 24.69 -6.37
C GLN A 236 27.56 24.91 -7.68
N LEU A 237 28.01 23.82 -8.30
CA LEU A 237 28.68 23.88 -9.60
C LEU A 237 27.60 23.86 -10.68
N SER A 238 27.00 25.03 -10.93
CA SER A 238 25.89 25.09 -11.88
C SER A 238 26.35 24.80 -13.30
N THR A 239 27.50 25.32 -13.71
CA THR A 239 27.94 25.18 -15.10
C THR A 239 29.41 24.81 -15.15
N THR A 240 29.76 23.95 -16.10
CA THR A 240 31.14 23.56 -16.37
C THR A 240 31.50 23.94 -17.80
N SER A 241 32.81 24.03 -18.06
CA SER A 241 33.32 24.40 -19.37
C SER A 241 34.57 23.57 -19.64
N ASN A 242 35.15 23.76 -20.83
CA ASN A 242 36.36 23.02 -21.15
C ASN A 242 37.59 23.48 -20.37
N THR A 243 37.48 24.56 -19.59
CA THR A 243 38.59 25.04 -18.78
C THR A 243 38.33 24.94 -17.28
N THR A 244 37.18 24.42 -16.86
CA THR A 244 36.92 24.30 -15.43
C THR A 244 37.89 23.32 -14.77
N PHE A 245 38.14 22.19 -15.42
CA PHE A 245 39.05 21.18 -14.92
C PHE A 245 40.40 21.19 -15.64
N LEU A 246 40.83 22.35 -16.11
CA LEU A 246 42.12 22.42 -16.79
C LEU A 246 43.26 22.08 -15.83
N GLY A 247 43.17 22.53 -14.59
CA GLY A 247 44.22 22.28 -13.63
C GLY A 247 44.43 20.81 -13.32
N LEU A 248 43.45 19.96 -13.63
CA LEU A 248 43.60 18.53 -13.43
C LEU A 248 44.31 17.83 -14.58
N LYS A 249 44.71 18.58 -15.61
CA LYS A 249 45.44 17.98 -16.73
C LYS A 249 46.80 17.43 -16.28
N TRP A 250 47.42 18.07 -15.30
CA TRP A 250 48.76 17.71 -14.86
C TRP A 250 48.77 16.67 -13.74
N THR A 251 47.62 16.16 -13.34
CA THR A 251 47.55 15.17 -12.27
C THR A 251 46.97 13.86 -12.80
N ASN A 252 46.78 12.91 -11.89
CA ASN A 252 46.27 11.60 -12.25
C ASN A 252 45.00 11.27 -11.49
N LEU A 253 44.07 12.22 -11.48
CA LEU A 253 42.81 12.04 -10.76
C LEU A 253 42.04 10.85 -11.31
N THR A 254 41.51 10.03 -10.41
CA THR A 254 40.77 8.83 -10.79
C THR A 254 39.31 8.84 -10.36
N MET A 255 38.99 9.46 -9.23
CA MET A 255 37.63 9.54 -8.72
C MET A 255 37.23 11.00 -8.61
N LEU A 256 36.11 11.35 -9.24
CA LEU A 256 35.56 12.70 -9.19
C LEU A 256 34.08 12.63 -8.86
N ASP A 257 33.65 13.43 -7.89
CA ASP A 257 32.27 13.46 -7.44
C ASP A 257 31.69 14.85 -7.71
N LEU A 258 30.55 14.88 -8.41
CA LEU A 258 29.86 16.12 -8.74
C LEU A 258 28.38 16.04 -8.40
N SER A 259 28.03 15.18 -7.44
CA SER A 259 26.63 14.97 -7.10
C SER A 259 26.04 16.17 -6.38
N TYR A 260 24.73 16.35 -6.55
CA TYR A 260 23.95 17.39 -5.89
C TYR A 260 24.47 18.80 -6.20
N ASN A 261 25.16 18.96 -7.32
CA ASN A 261 25.73 20.24 -7.69
C ASN A 261 24.77 21.10 -8.50
N ASN A 262 23.57 20.61 -8.81
CA ASN A 262 22.60 21.33 -9.63
C ASN A 262 23.22 21.74 -10.96
N LEU A 263 23.94 20.81 -11.58
CA LEU A 263 24.63 21.07 -12.82
C LEU A 263 23.61 21.21 -13.95
N ASN A 264 23.30 22.45 -14.30
CA ASN A 264 22.24 22.69 -15.30
C ASN A 264 22.67 22.22 -16.68
N VAL A 265 23.88 22.60 -17.10
CA VAL A 265 24.41 22.20 -18.40
C VAL A 265 25.85 21.75 -18.23
N VAL A 266 26.30 20.93 -19.17
CA VAL A 266 27.68 20.46 -19.20
C VAL A 266 28.30 20.97 -20.49
N GLY A 267 29.45 21.65 -20.36
CA GLY A 267 30.06 22.28 -21.51
C GLY A 267 30.69 21.28 -22.45
N ASN A 268 30.89 21.73 -23.69
CA ASN A 268 31.55 20.92 -24.71
C ASN A 268 33.01 20.71 -24.33
N ASP A 269 33.45 19.44 -24.41
CA ASP A 269 34.83 19.06 -24.08
C ASP A 269 35.22 19.49 -22.67
N SER A 270 34.29 19.35 -21.72
CA SER A 270 34.55 19.76 -20.35
C SER A 270 35.51 18.78 -19.66
N PHE A 271 35.33 17.49 -19.87
CA PHE A 271 36.09 16.46 -19.17
C PHE A 271 37.20 15.86 -20.03
N ALA A 272 37.68 16.60 -21.03
CA ALA A 272 38.78 16.14 -21.86
C ALA A 272 40.11 16.14 -21.11
N TRP A 273 40.17 16.73 -19.91
CA TRP A 273 41.39 16.84 -19.13
C TRP A 273 41.51 15.75 -18.07
N LEU A 274 40.71 14.68 -18.17
CA LEU A 274 40.73 13.58 -17.21
C LEU A 274 40.91 12.26 -17.96
N PRO A 275 42.12 11.98 -18.45
CA PRO A 275 42.34 10.70 -19.13
C PRO A 275 42.50 9.53 -18.19
N GLN A 276 42.79 9.77 -16.91
CA GLN A 276 42.98 8.70 -15.94
C GLN A 276 41.77 8.48 -15.05
N LEU A 277 40.66 9.15 -15.34
CA LEU A 277 39.44 9.01 -14.54
C LEU A 277 38.89 7.60 -14.67
N GLU A 278 38.47 7.02 -13.54
CA GLU A 278 37.96 5.65 -13.54
C GLU A 278 36.59 5.57 -12.89
N TYR A 279 36.30 6.48 -11.97
CA TYR A 279 35.03 6.51 -11.25
C TYR A 279 34.47 7.93 -11.31
N PHE A 280 33.38 8.10 -12.04
CA PHE A 280 32.75 9.40 -12.23
C PHE A 280 31.34 9.36 -11.67
N PHE A 281 30.98 10.38 -10.89
CA PHE A 281 29.68 10.47 -10.25
C PHE A 281 28.96 11.73 -10.72
N LEU A 282 27.70 11.58 -11.10
CA LEU A 282 26.89 12.73 -11.51
C LEU A 282 25.46 12.64 -10.97
N GLU A 283 25.23 11.86 -9.93
CA GLU A 283 23.87 11.61 -9.47
C GLU A 283 23.24 12.87 -8.89
N TYR A 284 21.92 12.96 -9.03
CA TYR A 284 21.11 14.05 -8.48
C TYR A 284 21.59 15.41 -8.99
N ASN A 285 21.48 15.58 -10.30
CA ASN A 285 21.81 16.83 -10.95
C ASN A 285 20.59 17.33 -11.73
N ASN A 286 20.78 18.41 -12.49
CA ASN A 286 19.72 19.05 -13.25
C ASN A 286 20.16 19.28 -14.69
N ILE A 287 20.77 18.26 -15.28
CA ILE A 287 21.25 18.40 -16.66
C ILE A 287 20.07 18.38 -17.62
N GLN A 288 20.01 19.38 -18.51
CA GLN A 288 18.93 19.49 -19.47
C GLN A 288 19.31 19.00 -20.86
N HIS A 289 20.60 18.91 -21.17
CA HIS A 289 21.03 18.50 -22.50
C HIS A 289 22.46 17.96 -22.41
N LEU A 290 22.68 16.78 -22.97
CA LEU A 290 24.00 16.15 -23.00
C LEU A 290 24.49 16.14 -24.45
N PHE A 291 25.63 16.78 -24.69
CA PHE A 291 26.15 16.91 -26.04
C PHE A 291 26.92 15.65 -26.45
N SER A 292 27.16 15.55 -27.76
CA SER A 292 27.90 14.40 -28.29
C SER A 292 29.34 14.40 -27.77
N HIS A 293 29.98 15.57 -27.72
CA HIS A 293 31.33 15.71 -27.23
C HIS A 293 31.38 16.09 -25.75
N SER A 294 30.25 16.03 -25.06
CA SER A 294 30.22 16.42 -23.65
C SER A 294 31.10 15.51 -22.81
N LEU A 295 31.07 14.21 -23.06
CA LEU A 295 31.86 13.23 -22.32
C LEU A 295 33.17 12.87 -23.02
N HIS A 296 33.71 13.80 -23.80
CA HIS A 296 34.94 13.54 -24.53
C HIS A 296 36.13 13.43 -23.57
N GLY A 297 37.07 12.55 -23.92
CA GLY A 297 38.27 12.38 -23.14
C GLY A 297 38.15 11.48 -21.93
N LEU A 298 37.02 10.80 -21.76
CA LEU A 298 36.81 9.90 -20.62
C LEU A 298 36.93 8.44 -21.03
N PHE A 299 37.86 8.11 -21.90
CA PHE A 299 37.99 6.74 -22.42
C PHE A 299 38.52 5.75 -21.42
N ASN A 300 38.71 6.12 -20.16
CA ASN A 300 39.21 5.21 -19.14
C ASN A 300 38.25 5.04 -17.97
N VAL A 301 37.05 5.62 -18.05
CA VAL A 301 36.10 5.51 -16.95
C VAL A 301 35.56 4.09 -16.88
N ARG A 302 35.58 3.51 -15.68
CA ARG A 302 35.07 2.16 -15.47
C ARG A 302 33.75 2.11 -14.74
N TYR A 303 33.26 3.24 -14.22
CA TYR A 303 31.99 3.25 -13.50
C TYR A 303 31.41 4.66 -13.57
N LEU A 304 30.26 4.79 -14.23
CA LEU A 304 29.55 6.05 -14.37
C LEU A 304 28.18 5.94 -13.72
N ASN A 305 27.85 6.91 -12.90
CA ASN A 305 26.57 6.96 -12.19
C ASN A 305 25.79 8.18 -12.69
N LEU A 306 24.56 7.94 -13.12
CA LEU A 306 23.69 8.99 -13.65
C LEU A 306 22.31 8.92 -13.06
N LYS A 307 22.21 8.58 -11.77
CA LYS A 307 20.92 8.47 -11.10
C LYS A 307 20.36 9.86 -10.82
N ARG A 308 19.22 10.18 -11.43
CA ARG A 308 18.59 11.49 -11.33
C ARG A 308 19.52 12.60 -11.82
N SER A 309 20.41 12.26 -12.74
CA SER A 309 21.36 13.24 -13.25
C SER A 309 20.74 14.20 -14.25
N PHE A 310 19.57 13.88 -14.78
CA PHE A 310 18.92 14.71 -15.78
C PHE A 310 17.68 15.39 -15.19
N THR A 311 17.25 16.44 -15.86
CA THR A 311 16.13 17.24 -15.37
C THR A 311 14.83 16.44 -15.39
N LYS A 312 13.96 16.74 -14.43
CA LYS A 312 12.64 16.12 -14.38
C LYS A 312 11.69 16.83 -15.33
N GLN A 313 10.61 16.13 -15.69
CA GLN A 313 9.62 16.71 -16.59
C GLN A 313 8.84 17.81 -15.89
N SER A 314 8.53 18.87 -16.64
CA SER A 314 7.72 19.96 -16.15
C SER A 314 6.59 20.22 -17.14
N ILE A 315 5.36 20.30 -16.63
CA ILE A 315 4.21 20.53 -17.49
C ILE A 315 4.25 21.91 -18.14
N SER A 316 4.98 22.85 -17.53
CA SER A 316 5.03 24.21 -18.07
C SER A 316 5.69 24.24 -19.44
N LEU A 317 6.78 23.51 -19.61
CA LEU A 317 7.55 23.56 -20.85
C LEU A 317 7.84 22.20 -21.47
N ALA A 318 7.59 21.09 -20.77
CA ALA A 318 7.90 19.75 -21.26
C ALA A 318 9.38 19.65 -21.65
N SER A 319 10.24 20.18 -20.79
CA SER A 319 11.69 20.20 -21.05
C SER A 319 12.27 18.82 -20.73
N LEU A 320 11.95 17.87 -21.58
CA LEU A 320 12.48 16.53 -21.42
C LEU A 320 13.97 16.53 -21.73
N PRO A 321 14.81 15.94 -20.87
CA PRO A 321 16.25 15.93 -21.13
C PRO A 321 16.59 15.10 -22.37
N LYS A 322 17.15 15.78 -23.37
CA LYS A 322 17.50 15.14 -24.63
C LYS A 322 18.97 14.74 -24.62
N ILE A 323 19.24 13.50 -25.02
CA ILE A 323 20.59 12.97 -25.11
C ILE A 323 20.93 12.82 -26.60
N ASP A 324 21.98 13.51 -27.04
CA ASP A 324 22.36 13.47 -28.45
C ASP A 324 22.92 12.11 -28.81
N ASP A 325 22.89 11.81 -30.11
CA ASP A 325 23.40 10.53 -30.60
C ASP A 325 24.92 10.46 -30.43
N PHE A 326 25.41 9.24 -30.22
CA PHE A 326 26.85 8.99 -30.02
C PHE A 326 27.39 9.76 -28.82
N SER A 327 26.56 9.99 -27.81
CA SER A 327 27.02 10.73 -26.63
C SER A 327 27.92 9.87 -25.75
N PHE A 328 27.73 8.56 -25.75
CA PHE A 328 28.53 7.64 -24.95
C PHE A 328 29.60 6.94 -25.77
N GLN A 329 29.89 7.44 -26.97
CA GLN A 329 30.87 6.79 -27.84
C GLN A 329 32.28 6.88 -27.28
N TRP A 330 32.55 7.82 -26.37
CA TRP A 330 33.90 7.99 -25.84
C TRP A 330 34.23 7.02 -24.72
N LEU A 331 33.24 6.52 -24.00
CA LEU A 331 33.48 5.62 -22.87
C LEU A 331 33.83 4.23 -23.40
N LYS A 332 35.08 4.10 -23.86
CA LYS A 332 35.51 2.82 -24.40
C LYS A 332 35.62 1.75 -23.33
N CYS A 333 36.10 2.12 -22.14
CA CYS A 333 36.36 1.16 -21.07
C CYS A 333 35.25 1.15 -20.02
N LEU A 334 34.09 1.70 -20.35
CA LEU A 334 32.98 1.71 -19.40
C LEU A 334 32.53 0.29 -19.11
N GLU A 335 32.29 0.00 -17.83
CA GLU A 335 31.86 -1.32 -17.42
C GLU A 335 30.65 -1.31 -16.49
N HIS A 336 30.16 -0.13 -16.10
CA HIS A 336 29.03 -0.06 -15.18
C HIS A 336 28.36 1.29 -15.37
N LEU A 337 27.09 1.29 -15.75
CA LEU A 337 26.35 2.53 -16.00
C LEU A 337 25.05 2.47 -15.20
N ASN A 338 25.03 3.12 -14.04
CA ASN A 338 23.83 3.24 -13.24
C ASN A 338 23.11 4.51 -13.72
N MET A 339 21.92 4.33 -14.30
CA MET A 339 21.24 5.40 -15.02
C MET A 339 19.76 5.38 -14.66
N GLU A 340 19.47 5.25 -13.36
CA GLU A 340 18.12 5.11 -12.84
C GLU A 340 17.46 6.46 -12.55
N ASP A 341 16.12 6.43 -12.49
CA ASP A 341 15.32 7.59 -12.09
C ASP A 341 15.61 8.81 -12.98
N ASN A 342 15.35 8.64 -14.26
CA ASN A 342 15.53 9.71 -15.23
C ASN A 342 14.26 9.87 -16.05
N ASP A 343 14.23 10.92 -16.87
CA ASP A 343 13.04 11.26 -17.63
C ASP A 343 13.36 11.36 -19.11
N ILE A 344 14.11 10.40 -19.62
CA ILE A 344 14.49 10.40 -21.03
C ILE A 344 13.28 10.08 -21.89
N PRO A 345 13.06 10.78 -23.00
CA PRO A 345 11.92 10.44 -23.86
C PRO A 345 11.95 9.02 -24.40
N GLY A 346 13.12 8.50 -24.73
CA GLY A 346 13.20 7.15 -25.25
C GLY A 346 14.61 6.83 -25.70
N ILE A 347 14.76 5.60 -26.17
CA ILE A 347 16.03 5.06 -26.66
C ILE A 347 16.10 5.28 -28.17
N LYS A 348 17.26 5.72 -28.64
CA LYS A 348 17.52 5.94 -30.04
C LYS A 348 18.44 4.84 -30.59
N SER A 349 18.68 4.90 -31.90
CA SER A 349 19.51 3.90 -32.56
C SER A 349 20.99 4.07 -32.29
N ASN A 350 21.41 5.23 -31.77
CA ASN A 350 22.82 5.49 -31.52
C ASN A 350 23.08 5.98 -30.10
N MET A 351 22.12 5.77 -29.19
CA MET A 351 22.28 6.28 -27.83
C MET A 351 23.44 5.60 -27.11
N PHE A 352 23.59 4.28 -27.30
CA PHE A 352 24.60 3.50 -26.57
C PHE A 352 25.72 3.03 -27.47
N THR A 353 25.87 3.62 -28.66
CA THR A 353 26.91 3.20 -29.57
C THR A 353 28.28 3.57 -29.01
N GLY A 354 29.24 2.66 -29.18
CA GLY A 354 30.60 2.88 -28.75
C GLY A 354 31.00 2.18 -27.48
N LEU A 355 30.04 1.70 -26.69
CA LEU A 355 30.33 1.01 -25.45
C LEU A 355 30.70 -0.43 -25.79
N ILE A 356 31.98 -0.67 -26.04
CA ILE A 356 32.42 -2.01 -26.44
C ILE A 356 32.88 -2.86 -25.27
N ASN A 357 32.95 -2.30 -24.06
CA ASN A 357 33.34 -3.05 -22.87
C ASN A 357 32.27 -3.01 -21.79
N LEU A 358 31.07 -2.54 -22.12
CA LEU A 358 30.01 -2.42 -21.13
C LEU A 358 29.56 -3.79 -20.66
N LYS A 359 29.33 -3.91 -19.35
CA LYS A 359 28.89 -5.17 -18.77
C LYS A 359 27.71 -5.04 -17.84
N TYR A 360 27.24 -3.83 -17.54
CA TYR A 360 26.11 -3.65 -16.63
C TYR A 360 25.42 -2.35 -16.99
N LEU A 361 24.16 -2.46 -17.42
CA LEU A 361 23.34 -1.29 -17.75
C LEU A 361 22.06 -1.36 -16.93
N SER A 362 21.80 -0.31 -16.17
CA SER A 362 20.60 -0.21 -15.33
C SER A 362 19.74 0.92 -15.87
N LEU A 363 18.48 0.62 -16.17
CA LEU A 363 17.55 1.61 -16.70
C LEU A 363 16.25 1.59 -15.92
N SER A 364 16.35 1.47 -14.60
CA SER A 364 15.18 1.43 -13.74
C SER A 364 14.54 2.81 -13.69
N ASN A 365 13.32 2.93 -14.21
CA ASN A 365 12.59 4.20 -14.27
C ASN A 365 13.37 5.29 -15.00
N SER A 366 14.14 4.89 -16.02
CA SER A 366 14.98 5.83 -16.75
C SER A 366 14.23 6.60 -17.82
N PHE A 367 13.05 6.13 -18.23
CA PHE A 367 12.30 6.76 -19.30
C PHE A 367 10.88 7.04 -18.84
N THR A 368 10.33 8.15 -19.34
CA THR A 368 8.96 8.52 -18.97
C THR A 368 7.95 7.52 -19.52
N SER A 369 8.09 7.15 -20.79
CA SER A 369 7.11 6.25 -21.40
C SER A 369 7.81 5.42 -22.47
N LEU A 370 8.37 4.28 -22.07
CA LEU A 370 8.85 3.27 -23.02
C LEU A 370 7.80 2.16 -23.14
N ARG A 371 6.73 2.50 -23.88
CA ARG A 371 5.59 1.59 -23.98
C ARG A 371 5.92 0.33 -24.76
N THR A 372 6.54 0.48 -25.92
CA THR A 372 6.77 -0.63 -26.85
C THR A 372 8.27 -0.89 -26.98
N LEU A 373 8.66 -2.17 -26.89
CA LEU A 373 10.05 -2.56 -27.08
C LEU A 373 10.22 -3.08 -28.50
N THR A 374 10.38 -2.15 -29.43
CA THR A 374 10.62 -2.50 -30.82
C THR A 374 11.95 -3.22 -30.97
N ASN A 375 12.02 -4.13 -31.95
CA ASN A 375 13.22 -4.93 -32.15
C ASN A 375 14.43 -4.08 -32.54
N GLU A 376 14.21 -2.82 -32.94
CA GLU A 376 15.30 -1.90 -33.22
C GLU A 376 15.68 -1.01 -32.04
N THR A 377 15.08 -1.24 -30.87
CA THR A 377 15.37 -0.39 -29.72
C THR A 377 16.79 -0.60 -29.21
N PHE A 378 17.22 -1.86 -29.08
CA PHE A 378 18.53 -2.18 -28.54
C PHE A 378 19.57 -2.41 -29.64
N VAL A 379 19.39 -1.77 -30.79
CA VAL A 379 20.34 -1.93 -31.88
C VAL A 379 21.67 -1.30 -31.51
N SER A 380 21.64 -0.25 -30.70
CA SER A 380 22.87 0.40 -30.28
C SER A 380 23.68 -0.50 -29.36
N LEU A 381 23.05 -1.52 -28.77
CA LEU A 381 23.74 -2.43 -27.87
C LEU A 381 24.15 -3.73 -28.56
N ALA A 382 24.30 -3.70 -29.88
CA ALA A 382 24.65 -4.92 -30.62
C ALA A 382 26.05 -5.40 -30.27
N HIS A 383 27.03 -4.50 -30.24
CA HIS A 383 28.41 -4.87 -29.95
C HIS A 383 28.78 -4.76 -28.48
N SER A 384 27.86 -4.34 -27.64
CA SER A 384 28.15 -4.24 -26.21
C SER A 384 28.01 -5.59 -25.54
N PRO A 385 29.04 -6.10 -24.87
CA PRO A 385 28.95 -7.39 -24.19
C PRO A 385 28.20 -7.29 -22.86
N LEU A 386 26.92 -6.93 -22.94
CA LEU A 386 26.11 -6.77 -21.75
C LEU A 386 25.89 -8.10 -21.04
N HIS A 387 25.82 -8.04 -19.73
CA HIS A 387 25.50 -9.20 -18.91
C HIS A 387 24.24 -9.03 -18.10
N ILE A 388 24.02 -7.85 -17.54
CA ILE A 388 22.84 -7.58 -16.72
C ILE A 388 22.14 -6.34 -17.27
N LEU A 389 20.85 -6.46 -17.54
CA LEU A 389 20.05 -5.34 -18.00
C LEU A 389 18.84 -5.21 -17.08
N ASN A 390 18.58 -3.99 -16.61
CA ASN A 390 17.51 -3.71 -15.67
C ASN A 390 16.53 -2.76 -16.34
N LEU A 391 15.25 -3.13 -16.34
CA LEU A 391 14.21 -2.36 -17.02
C LEU A 391 12.95 -2.28 -16.17
N THR A 392 13.11 -2.03 -14.88
CA THR A 392 11.98 -1.93 -13.97
C THR A 392 11.41 -0.51 -13.95
N LYS A 393 10.10 -0.42 -13.70
CA LYS A 393 9.38 0.83 -13.56
C LYS A 393 9.52 1.72 -14.79
N ASN A 394 9.64 1.12 -15.96
CA ASN A 394 9.68 1.86 -17.21
C ASN A 394 8.32 1.93 -17.89
N LYS A 395 7.27 1.39 -17.25
CA LYS A 395 5.91 1.41 -17.80
C LYS A 395 5.88 0.75 -19.18
N ILE A 396 6.63 -0.32 -19.34
CA ILE A 396 6.64 -1.05 -20.61
C ILE A 396 5.31 -1.76 -20.78
N SER A 397 4.68 -1.57 -21.94
CA SER A 397 3.37 -2.14 -22.19
C SER A 397 3.36 -3.24 -23.24
N LYS A 398 4.38 -3.33 -24.08
CA LYS A 398 4.40 -4.33 -25.14
C LYS A 398 5.83 -4.65 -25.51
N ILE A 399 6.10 -5.93 -25.77
CA ILE A 399 7.40 -6.40 -26.22
C ILE A 399 7.19 -7.15 -27.53
N GLU A 400 7.76 -6.62 -28.61
CA GLU A 400 7.63 -7.24 -29.91
C GLU A 400 8.70 -8.30 -30.12
N SER A 401 8.55 -9.05 -31.21
CA SER A 401 9.49 -10.12 -31.51
C SER A 401 10.87 -9.57 -31.84
N ASP A 402 11.89 -10.38 -31.53
CA ASP A 402 13.29 -10.03 -31.77
C ASP A 402 13.72 -8.77 -31.02
N ALA A 403 13.03 -8.47 -29.92
CA ALA A 403 13.37 -7.27 -29.16
C ALA A 403 14.77 -7.38 -28.56
N PHE A 404 15.14 -8.55 -28.06
CA PHE A 404 16.44 -8.77 -27.44
C PHE A 404 17.37 -9.59 -28.34
N SER A 405 17.18 -9.49 -29.65
CA SER A 405 18.02 -10.24 -30.58
C SER A 405 19.44 -9.70 -30.67
N TRP A 406 19.71 -8.53 -30.10
CA TRP A 406 21.06 -7.96 -30.17
C TRP A 406 21.91 -8.30 -28.96
N LEU A 407 21.30 -8.74 -27.85
CA LEU A 407 22.03 -9.02 -26.62
C LEU A 407 22.37 -10.52 -26.59
N GLY A 408 23.41 -10.88 -27.33
CA GLY A 408 23.83 -12.27 -27.38
C GLY A 408 24.53 -12.74 -26.12
N HIS A 409 25.14 -11.82 -25.37
CA HIS A 409 25.84 -12.15 -24.14
C HIS A 409 25.01 -11.90 -22.89
N LEU A 410 23.74 -11.51 -23.05
CA LEU A 410 22.90 -11.18 -21.91
C LEU A 410 22.69 -12.40 -21.03
N GLU A 411 22.77 -12.19 -19.72
CA GLU A 411 22.57 -13.26 -18.76
C GLU A 411 21.44 -13.00 -17.78
N VAL A 412 21.27 -11.76 -17.32
CA VAL A 412 20.22 -11.40 -16.38
C VAL A 412 19.37 -10.32 -17.02
N LEU A 413 18.07 -10.56 -17.11
CA LEU A 413 17.10 -9.60 -17.63
C LEU A 413 16.07 -9.31 -16.55
N ASP A 414 15.87 -8.03 -16.25
CA ASP A 414 14.93 -7.60 -15.21
C ASP A 414 13.85 -6.76 -15.88
N LEU A 415 12.70 -7.39 -16.15
CA LEU A 415 11.56 -6.72 -16.75
C LEU A 415 10.39 -6.56 -15.78
N GLY A 416 10.65 -6.67 -14.48
CA GLY A 416 9.60 -6.61 -13.49
C GLY A 416 9.10 -5.20 -13.21
N LEU A 417 8.04 -5.13 -12.42
CA LEU A 417 7.44 -3.86 -12.01
C LEU A 417 7.07 -2.99 -13.21
N ASN A 418 6.53 -3.62 -14.24
CA ASN A 418 6.09 -2.95 -15.45
C ASN A 418 4.59 -3.18 -15.64
N GLU A 419 4.08 -2.73 -16.78
CA GLU A 419 2.69 -2.90 -17.15
C GLU A 419 2.59 -3.73 -18.44
N ILE A 420 3.39 -4.79 -18.53
CA ILE A 420 3.47 -5.59 -19.73
C ILE A 420 2.23 -6.48 -19.82
N GLY A 421 1.35 -6.16 -20.75
CA GLY A 421 0.20 -7.01 -21.02
C GLY A 421 0.17 -7.48 -22.45
N GLN A 422 0.39 -8.76 -22.68
CA GLN A 422 0.51 -9.31 -24.03
C GLN A 422 0.43 -10.83 -23.92
N GLU A 423 0.64 -11.51 -25.04
CA GLU A 423 0.75 -12.96 -25.08
C GLU A 423 2.16 -13.33 -25.50
N LEU A 424 2.84 -14.13 -24.67
CA LEU A 424 4.21 -14.52 -24.96
C LEU A 424 4.24 -15.54 -26.07
N THR A 425 4.43 -15.08 -27.31
CA THR A 425 4.51 -16.00 -28.44
C THR A 425 5.80 -16.81 -28.43
N GLY A 426 6.81 -16.37 -27.69
CA GLY A 426 8.06 -17.08 -27.62
C GLY A 426 9.17 -16.49 -28.48
N GLN A 427 8.82 -15.63 -29.44
CA GLN A 427 9.83 -15.03 -30.28
C GLN A 427 10.49 -13.81 -29.65
N GLU A 428 9.98 -13.35 -28.50
CA GLU A 428 10.58 -12.19 -27.87
C GLU A 428 11.94 -12.49 -27.26
N TRP A 429 12.23 -13.77 -26.97
CA TRP A 429 13.46 -14.16 -26.32
C TRP A 429 14.51 -14.69 -27.30
N ARG A 430 14.29 -14.52 -28.61
CA ARG A 430 15.27 -14.98 -29.58
C ARG A 430 16.57 -14.18 -29.45
N GLY A 431 17.69 -14.89 -29.57
CA GLY A 431 19.00 -14.28 -29.47
C GLY A 431 19.62 -14.33 -28.09
N LEU A 432 18.87 -14.70 -27.06
CA LEU A 432 19.41 -14.81 -25.70
C LEU A 432 20.00 -16.21 -25.52
N GLU A 433 21.13 -16.42 -26.17
CA GLU A 433 21.79 -17.73 -26.14
C GLU A 433 22.49 -18.01 -24.81
N ASN A 434 22.77 -16.99 -24.02
CA ASN A 434 23.47 -17.15 -22.75
C ASN A 434 22.65 -16.58 -21.60
N ILE A 435 21.33 -16.55 -21.75
CA ILE A 435 20.48 -15.99 -20.70
C ILE A 435 20.42 -16.96 -19.53
N PHE A 436 20.40 -16.40 -18.32
CA PHE A 436 20.32 -17.20 -17.10
C PHE A 436 19.08 -16.89 -16.28
N GLU A 437 18.80 -15.61 -16.03
CA GLU A 437 17.70 -15.19 -15.17
C GLU A 437 16.83 -14.19 -15.91
N ILE A 438 15.52 -14.37 -15.84
CA ILE A 438 14.54 -13.45 -16.42
C ILE A 438 13.52 -13.11 -15.35
N TYR A 439 13.37 -11.82 -15.05
CA TYR A 439 12.43 -11.35 -14.03
C TYR A 439 11.26 -10.68 -14.73
N LEU A 440 10.03 -11.11 -14.37
CA LEU A 440 8.83 -10.56 -14.98
C LEU A 440 7.73 -10.28 -13.95
N SER A 441 8.07 -10.22 -12.68
CA SER A 441 7.06 -10.09 -11.64
C SER A 441 6.41 -8.71 -11.68
N TYR A 442 5.19 -8.65 -11.14
CA TYR A 442 4.42 -7.40 -11.01
C TYR A 442 4.17 -6.77 -12.38
N ASN A 443 3.52 -7.52 -13.25
CA ASN A 443 3.09 -7.03 -14.55
C ASN A 443 1.58 -6.98 -14.61
N LYS A 444 1.05 -6.57 -15.76
CA LYS A 444 -0.39 -6.44 -15.91
C LYS A 444 -1.04 -7.81 -16.09
N TYR A 445 -0.69 -8.50 -17.18
CA TYR A 445 -1.17 -9.86 -17.42
C TYR A 445 -0.33 -10.50 -18.50
N LEU A 446 0.01 -11.77 -18.30
CA LEU A 446 0.81 -12.53 -19.25
C LEU A 446 0.06 -13.79 -19.66
N GLN A 447 0.10 -14.09 -20.95
CA GLN A 447 -0.56 -15.26 -21.51
C GLN A 447 0.49 -16.17 -22.12
N LEU A 448 0.76 -17.29 -21.45
CA LEU A 448 1.80 -18.20 -21.89
C LEU A 448 1.31 -19.06 -23.06
N THR A 449 2.27 -19.58 -23.82
CA THR A 449 2.01 -20.41 -24.99
C THR A 449 2.90 -21.64 -24.88
N ARG A 450 2.65 -22.62 -25.75
CA ARG A 450 3.41 -23.87 -25.70
C ARG A 450 4.90 -23.62 -25.86
N ASN A 451 5.28 -22.71 -26.75
CA ASN A 451 6.67 -22.40 -27.03
C ASN A 451 7.06 -21.02 -26.52
N SER A 452 6.56 -20.64 -25.34
CA SER A 452 6.88 -19.33 -24.80
C SER A 452 8.36 -19.20 -24.46
N PHE A 453 8.95 -20.26 -23.91
CA PHE A 453 10.35 -20.26 -23.51
C PHE A 453 11.16 -21.32 -24.24
N ALA A 454 10.78 -21.64 -25.48
CA ALA A 454 11.46 -22.66 -26.24
C ALA A 454 12.77 -22.16 -26.84
N LEU A 455 12.97 -20.85 -26.91
CA LEU A 455 14.17 -20.28 -27.50
C LEU A 455 15.25 -19.95 -26.48
N VAL A 456 15.02 -20.22 -25.20
CA VAL A 456 16.01 -19.94 -24.16
C VAL A 456 16.18 -21.16 -23.27
N PRO A 457 16.76 -22.25 -23.78
CA PRO A 457 16.95 -23.45 -22.94
C PRO A 457 17.93 -23.25 -21.80
N SER A 458 18.75 -22.21 -21.83
CA SER A 458 19.75 -21.97 -20.79
C SER A 458 19.18 -21.25 -19.58
N LEU A 459 17.90 -20.91 -19.60
CA LEU A 459 17.30 -20.16 -18.50
C LEU A 459 17.34 -20.96 -17.20
N GLN A 460 17.63 -20.26 -16.10
CA GLN A 460 17.68 -20.88 -14.78
C GLN A 460 16.76 -20.25 -13.75
N ARG A 461 16.42 -18.97 -13.89
CA ARG A 461 15.48 -18.30 -13.00
C ARG A 461 14.33 -17.72 -13.80
N LEU A 462 13.12 -17.85 -13.26
CA LEU A 462 11.93 -17.33 -13.92
C LEU A 462 10.94 -16.92 -12.84
N MET A 463 10.88 -15.62 -12.57
CA MET A 463 10.00 -15.06 -11.54
C MET A 463 8.76 -14.49 -12.21
N LEU A 464 7.59 -14.97 -11.80
CA LEU A 464 6.31 -14.54 -12.34
C LEU A 464 5.34 -14.22 -11.21
N ARG A 465 5.81 -13.48 -10.23
CA ARG A 465 5.00 -13.16 -9.07
C ARG A 465 4.01 -12.04 -9.39
N ARG A 466 2.73 -12.29 -9.13
CA ARG A 466 1.65 -11.32 -9.32
C ARG A 466 1.66 -10.79 -10.75
N VAL A 467 1.49 -11.71 -11.70
CA VAL A 467 1.46 -11.38 -13.12
C VAL A 467 0.18 -11.83 -13.78
N ALA A 468 -0.73 -12.48 -13.07
CA ALA A 468 -1.99 -12.98 -13.61
C ALA A 468 -1.76 -13.88 -14.82
N LEU A 469 -1.08 -14.99 -14.58
CA LEU A 469 -0.78 -15.93 -15.64
C LEU A 469 -2.06 -16.51 -16.23
N LYS A 470 -2.07 -16.68 -17.55
CA LYS A 470 -3.19 -17.26 -18.26
C LYS A 470 -2.69 -18.35 -19.20
N ASN A 471 -3.55 -19.34 -19.42
CA ASN A 471 -3.25 -20.48 -20.28
C ASN A 471 -2.00 -21.22 -19.83
N VAL A 472 -1.76 -21.26 -18.51
CA VAL A 472 -0.63 -22.01 -17.98
C VAL A 472 -0.89 -23.51 -17.98
N ASP A 473 -2.13 -23.93 -18.21
CA ASP A 473 -2.52 -25.33 -18.20
C ASP A 473 -2.60 -25.90 -19.62
N SER A 474 -1.72 -25.46 -20.50
CA SER A 474 -1.67 -26.02 -21.85
C SER A 474 -1.20 -27.47 -21.80
N SER A 475 -1.62 -28.26 -22.79
CA SER A 475 -1.26 -29.67 -22.82
C SER A 475 0.26 -29.88 -22.88
N PRO A 476 1.02 -29.19 -23.72
CA PRO A 476 2.48 -29.24 -23.57
C PRO A 476 2.92 -28.22 -22.52
N SER A 477 3.78 -28.65 -21.62
CA SER A 477 4.22 -27.78 -20.54
C SER A 477 5.08 -26.66 -21.09
N PRO A 478 4.74 -25.39 -20.84
CA PRO A 478 5.58 -24.29 -21.35
C PRO A 478 6.98 -24.28 -20.75
N PHE A 479 7.19 -24.92 -19.60
CA PHE A 479 8.49 -24.96 -18.96
C PHE A 479 9.32 -26.17 -19.38
N GLN A 480 8.81 -26.98 -20.30
CA GLN A 480 9.56 -28.15 -20.75
C GLN A 480 10.93 -27.82 -21.34
N PRO A 481 11.07 -26.84 -22.24
CA PRO A 481 12.41 -26.55 -22.78
C PRO A 481 13.41 -26.06 -21.74
N LEU A 482 12.95 -25.53 -20.61
CA LEU A 482 13.83 -25.02 -19.57
C LEU A 482 14.40 -26.19 -18.78
N ARG A 483 15.35 -26.89 -19.40
CA ARG A 483 15.94 -28.07 -18.76
C ARG A 483 16.82 -27.69 -17.57
N ASN A 484 17.39 -26.48 -17.58
CA ASN A 484 18.30 -26.03 -16.53
C ASN A 484 17.63 -25.11 -15.53
N LEU A 485 16.31 -25.04 -15.52
CA LEU A 485 15.60 -24.17 -14.60
C LEU A 485 15.82 -24.63 -13.17
N THR A 486 16.06 -23.67 -12.28
CA THR A 486 16.29 -23.96 -10.87
C THR A 486 15.31 -23.27 -9.93
N ILE A 487 14.96 -22.01 -10.20
CA ILE A 487 14.05 -21.24 -9.36
C ILE A 487 12.88 -20.80 -10.22
N LEU A 488 11.66 -21.10 -9.76
CA LEU A 488 10.45 -20.70 -10.44
C LEU A 488 9.49 -20.12 -9.42
N ASP A 489 8.99 -18.92 -9.68
CA ASP A 489 8.08 -18.22 -8.79
C ASP A 489 6.77 -17.96 -9.54
N LEU A 490 5.67 -18.48 -9.00
CA LEU A 490 4.35 -18.32 -9.58
C LEU A 490 3.35 -17.90 -8.52
N SER A 491 3.73 -16.96 -7.66
CA SER A 491 2.91 -16.57 -6.54
C SER A 491 1.98 -15.41 -6.91
N ASN A 492 0.84 -15.35 -6.24
CA ASN A 492 -0.13 -14.26 -6.39
C ASN A 492 -0.64 -14.13 -7.82
N ASN A 493 -0.70 -15.24 -8.55
CA ASN A 493 -1.20 -15.22 -9.92
C ASN A 493 -2.63 -15.71 -10.03
N ASN A 494 -3.25 -16.10 -8.92
CA ASN A 494 -4.62 -16.62 -8.92
C ASN A 494 -4.77 -17.79 -9.89
N ILE A 495 -3.75 -18.66 -9.90
CA ILE A 495 -3.77 -19.81 -10.80
C ILE A 495 -4.81 -20.81 -10.31
N ALA A 496 -5.61 -21.33 -11.25
CA ALA A 496 -6.68 -22.26 -10.92
C ALA A 496 -6.38 -23.69 -11.35
N ASN A 497 -5.93 -23.90 -12.57
CA ASN A 497 -5.74 -25.24 -13.11
C ASN A 497 -4.27 -25.46 -13.43
N ILE A 498 -3.74 -26.58 -12.94
CA ILE A 498 -2.36 -27.00 -13.22
C ILE A 498 -2.40 -28.44 -13.69
N ASN A 499 -1.70 -28.72 -14.79
CA ASN A 499 -1.55 -30.08 -15.27
C ASN A 499 -0.47 -30.81 -14.49
N ASP A 500 -0.58 -32.13 -14.45
CA ASP A 500 0.39 -32.95 -13.71
C ASP A 500 1.75 -32.98 -14.38
N ASP A 501 1.82 -32.65 -15.68
CA ASP A 501 3.07 -32.69 -16.42
C ASP A 501 3.66 -31.30 -16.64
N MET A 502 3.20 -30.29 -15.90
CA MET A 502 3.75 -28.95 -16.09
C MET A 502 5.21 -28.88 -15.71
N LEU A 503 5.61 -29.58 -14.65
CA LEU A 503 6.99 -29.58 -14.19
C LEU A 503 7.73 -30.85 -14.58
N GLU A 504 7.26 -31.55 -15.61
CA GLU A 504 7.92 -32.78 -16.03
C GLU A 504 9.26 -32.48 -16.67
N GLY A 505 10.29 -33.22 -16.27
CA GLY A 505 11.62 -33.07 -16.83
C GLY A 505 12.50 -32.04 -16.16
N LEU A 506 11.97 -31.27 -15.21
CA LEU A 506 12.75 -30.23 -14.53
C LEU A 506 13.42 -30.86 -13.30
N GLU A 507 14.42 -31.69 -13.57
CA GLU A 507 15.13 -32.38 -12.51
C GLU A 507 15.95 -31.42 -11.65
N LYS A 508 16.48 -30.35 -12.25
CA LYS A 508 17.36 -29.45 -11.54
C LYS A 508 16.62 -28.35 -10.79
N LEU A 509 15.29 -28.34 -10.84
CA LEU A 509 14.51 -27.35 -10.11
C LEU A 509 14.75 -27.47 -8.61
N GLU A 510 14.99 -26.33 -7.96
CA GLU A 510 15.28 -26.31 -6.53
C GLU A 510 14.28 -25.51 -5.72
N ILE A 511 13.94 -24.30 -6.16
CA ILE A 511 13.03 -23.42 -5.43
C ILE A 511 11.78 -23.22 -6.27
N LEU A 512 10.63 -23.55 -5.70
CA LEU A 512 9.34 -23.40 -6.36
C LEU A 512 8.39 -22.65 -5.44
N ASP A 513 7.77 -21.59 -5.95
CA ASP A 513 6.84 -20.79 -5.18
C ASP A 513 5.47 -20.82 -5.84
N LEU A 514 4.45 -21.19 -5.06
CA LEU A 514 3.08 -21.25 -5.56
C LEU A 514 2.11 -20.67 -4.55
N GLN A 515 2.57 -19.80 -3.67
CA GLN A 515 1.72 -19.26 -2.63
C GLN A 515 0.72 -18.27 -3.22
N HIS A 516 -0.36 -18.04 -2.46
CA HIS A 516 -1.42 -17.11 -2.83
C HIS A 516 -2.03 -17.45 -4.19
N ASN A 517 -2.38 -18.72 -4.36
CA ASN A 517 -3.07 -19.15 -5.56
C ASN A 517 -4.35 -19.89 -5.19
N ASN A 518 -5.03 -20.47 -6.18
CA ASN A 518 -6.28 -21.20 -5.96
C ASN A 518 -6.11 -22.60 -6.53
N LEU A 519 -5.55 -23.50 -5.72
CA LEU A 519 -5.33 -24.88 -6.13
C LEU A 519 -6.03 -25.86 -5.20
N ALA A 520 -7.05 -25.40 -4.47
CA ALA A 520 -7.73 -26.28 -3.52
C ALA A 520 -8.40 -27.43 -4.24
N ARG A 521 -9.04 -27.14 -5.37
CA ARG A 521 -9.78 -28.18 -6.09
C ARG A 521 -8.85 -29.26 -6.63
N LEU A 522 -7.64 -28.88 -7.03
CA LEU A 522 -6.75 -29.84 -7.67
C LEU A 522 -6.29 -30.94 -6.73
N TRP A 523 -6.51 -30.80 -5.43
CA TRP A 523 -6.01 -31.78 -4.47
C TRP A 523 -7.12 -32.48 -3.71
N LYS A 524 -8.36 -32.03 -3.80
CA LYS A 524 -9.46 -32.75 -3.16
C LYS A 524 -9.75 -34.05 -3.91
N HIS A 525 -10.17 -35.07 -3.16
CA HIS A 525 -10.47 -36.37 -3.74
C HIS A 525 -11.71 -36.34 -4.62
N ALA A 526 -12.56 -35.35 -4.47
CA ALA A 526 -13.78 -35.25 -5.26
C ALA A 526 -13.53 -34.58 -6.61
N ASN A 527 -12.31 -34.15 -6.88
CA ASN A 527 -12.00 -33.52 -8.16
C ASN A 527 -12.13 -34.56 -9.28
N PRO A 528 -12.92 -34.28 -10.33
CA PRO A 528 -12.99 -35.20 -11.46
C PRO A 528 -11.64 -35.39 -12.10
N GLY A 529 -11.36 -36.63 -12.50
CA GLY A 529 -10.07 -36.97 -13.07
C GLY A 529 -8.99 -37.29 -12.07
N GLY A 530 -9.27 -37.20 -10.78
CA GLY A 530 -8.29 -37.50 -9.76
C GLY A 530 -7.46 -36.31 -9.36
N PRO A 531 -6.84 -36.39 -8.19
CA PRO A 531 -5.96 -35.30 -7.75
C PRO A 531 -4.78 -35.12 -8.69
N ILE A 532 -4.32 -33.88 -8.81
CA ILE A 532 -3.22 -33.53 -9.70
C ILE A 532 -1.92 -33.63 -8.92
N TYR A 533 -1.04 -34.55 -9.34
CA TYR A 533 0.27 -34.71 -8.71
C TYR A 533 1.31 -33.98 -9.56
N PHE A 534 1.36 -32.66 -9.38
CA PHE A 534 2.25 -31.82 -10.16
C PHE A 534 3.62 -31.65 -9.51
N LEU A 535 3.96 -32.46 -8.52
CA LEU A 535 5.23 -32.37 -7.82
C LEU A 535 6.01 -33.67 -7.91
N LYS A 536 5.92 -34.35 -9.04
CA LYS A 536 6.62 -35.61 -9.28
C LYS A 536 7.84 -35.37 -10.15
N GLY A 537 8.94 -36.04 -9.80
CA GLY A 537 10.17 -35.91 -10.55
C GLY A 537 11.10 -34.81 -10.09
N LEU A 538 10.68 -33.97 -9.14
CA LEU A 538 11.51 -32.88 -8.63
C LEU A 538 12.42 -33.42 -7.53
N SER A 539 13.39 -34.23 -7.95
CA SER A 539 14.29 -34.85 -6.99
C SER A 539 15.22 -33.85 -6.32
N HIS A 540 15.45 -32.69 -6.92
CA HIS A 540 16.35 -31.69 -6.37
C HIS A 540 15.63 -30.51 -5.74
N LEU A 541 14.32 -30.62 -5.54
CA LEU A 541 13.56 -29.52 -4.95
C LEU A 541 13.99 -29.31 -3.50
N HIS A 542 14.18 -28.05 -3.12
CA HIS A 542 14.61 -27.70 -1.77
C HIS A 542 13.60 -26.83 -1.03
N ILE A 543 13.10 -25.77 -1.68
CA ILE A 543 12.18 -24.83 -1.05
C ILE A 543 10.85 -24.89 -1.79
N LEU A 544 9.78 -25.14 -1.04
CA LEU A 544 8.43 -25.17 -1.59
C LEU A 544 7.55 -24.23 -0.78
N ASN A 545 6.80 -23.38 -1.48
CA ASN A 545 5.92 -22.41 -0.85
C ASN A 545 4.50 -22.61 -1.36
N LEU A 546 3.56 -22.86 -0.45
CA LEU A 546 2.17 -23.10 -0.79
C LEU A 546 1.24 -22.36 0.17
N GLU A 547 1.57 -21.11 0.47
CA GLU A 547 0.78 -20.33 1.40
C GLU A 547 -0.50 -19.81 0.75
N SER A 548 -1.57 -19.75 1.55
CA SER A 548 -2.83 -19.13 1.12
C SER A 548 -3.38 -19.76 -0.16
N ASN A 549 -3.25 -21.09 -0.27
CA ASN A 549 -3.79 -21.79 -1.42
C ASN A 549 -5.20 -22.31 -1.21
N GLY A 550 -5.75 -22.21 -0.01
CA GLY A 550 -7.08 -22.71 0.24
C GLY A 550 -7.18 -24.21 0.33
N PHE A 551 -6.05 -24.89 0.47
CA PHE A 551 -6.03 -26.35 0.50
C PHE A 551 -6.88 -26.87 1.64
N ASP A 552 -7.72 -27.87 1.33
CA ASP A 552 -8.52 -28.53 2.35
C ASP A 552 -8.17 -29.99 2.54
N GLU A 553 -7.44 -30.61 1.62
CA GLU A 553 -7.07 -32.01 1.74
C GLU A 553 -5.77 -32.24 0.99
N ILE A 554 -4.92 -33.09 1.55
CA ILE A 554 -3.58 -33.35 1.02
C ILE A 554 -3.58 -34.78 0.47
N PRO A 555 -3.29 -34.97 -0.82
CA PRO A 555 -3.14 -36.33 -1.34
C PRO A 555 -1.94 -37.02 -0.71
N VAL A 556 -2.06 -38.35 -0.58
CA VAL A 556 -1.08 -39.10 0.19
C VAL A 556 0.28 -39.08 -0.49
N GLU A 557 0.32 -39.10 -1.82
CA GLU A 557 1.56 -39.29 -2.57
C GLU A 557 1.96 -38.06 -3.37
N VAL A 558 1.84 -36.88 -2.77
CA VAL A 558 2.33 -35.66 -3.42
C VAL A 558 3.82 -35.48 -3.17
N PHE A 559 4.27 -35.67 -1.94
CA PHE A 559 5.66 -35.51 -1.56
C PHE A 559 6.42 -36.83 -1.54
N LYS A 560 6.04 -37.76 -2.41
CA LYS A 560 6.63 -39.09 -2.41
C LYS A 560 8.02 -39.14 -3.04
N ASP A 561 8.44 -38.08 -3.74
CA ASP A 561 9.72 -38.08 -4.42
C ASP A 561 10.63 -36.90 -4.08
N LEU A 562 10.22 -36.04 -3.14
CA LEU A 562 11.04 -34.90 -2.73
C LEU A 562 12.03 -35.39 -1.68
N PHE A 563 13.08 -36.07 -2.16
CA PHE A 563 14.05 -36.66 -1.26
C PHE A 563 14.99 -35.63 -0.65
N GLU A 564 15.07 -34.43 -1.22
CA GLU A 564 15.97 -33.40 -0.73
C GLU A 564 15.22 -32.15 -0.28
N LEU A 565 13.95 -32.27 0.05
CA LEU A 565 13.18 -31.12 0.52
C LEU A 565 13.68 -30.67 1.89
N LYS A 566 13.84 -29.37 2.05
CA LYS A 566 14.32 -28.79 3.30
C LYS A 566 13.37 -27.78 3.91
N ILE A 567 12.76 -26.91 3.09
CA ILE A 567 11.84 -25.88 3.55
C ILE A 567 10.54 -26.04 2.80
N ILE A 568 9.45 -26.25 3.54
CA ILE A 568 8.11 -26.37 2.98
C ILE A 568 7.21 -25.37 3.69
N ASP A 569 6.42 -24.63 2.92
CA ASP A 569 5.54 -23.60 3.46
C ASP A 569 4.11 -23.98 3.15
N LEU A 570 3.27 -24.06 4.20
CA LEU A 570 1.87 -24.41 4.04
C LEU A 570 0.96 -23.56 4.94
N GLY A 571 1.38 -22.34 5.26
CA GLY A 571 0.61 -21.50 6.13
C GLY A 571 -0.59 -20.86 5.44
N LEU A 572 -1.49 -20.31 6.27
CA LEU A 572 -2.68 -19.61 5.79
C LEU A 572 -3.55 -20.49 4.91
N ASN A 573 -3.62 -21.78 5.22
CA ASN A 573 -4.43 -22.72 4.48
C ASN A 573 -5.63 -23.15 5.33
N ASN A 574 -6.39 -24.10 4.79
CA ASN A 574 -7.56 -24.65 5.47
C ASN A 574 -7.37 -26.12 5.82
N LEU A 575 -6.14 -26.51 6.12
CA LEU A 575 -5.85 -27.89 6.46
C LEU A 575 -6.46 -28.24 7.82
N ASN A 576 -7.19 -29.34 7.87
CA ASN A 576 -7.73 -29.84 9.12
C ASN A 576 -7.26 -31.24 9.46
N THR A 577 -7.19 -32.12 8.48
CA THR A 577 -6.67 -33.47 8.68
C THR A 577 -5.66 -33.77 7.58
N LEU A 578 -4.70 -34.62 7.89
CA LEU A 578 -3.66 -34.96 6.93
C LEU A 578 -3.54 -36.47 6.81
N PRO A 579 -3.21 -36.97 5.62
CA PRO A 579 -3.05 -38.41 5.45
C PRO A 579 -1.85 -38.93 6.24
N ALA A 580 -1.99 -40.17 6.72
CA ALA A 580 -0.92 -40.80 7.45
C ALA A 580 0.21 -41.18 6.50
N SER A 581 1.44 -41.07 7.01
CA SER A 581 2.65 -41.45 6.28
C SER A 581 2.79 -40.65 4.99
N VAL A 582 2.88 -39.33 5.13
CA VAL A 582 3.01 -38.42 4.01
C VAL A 582 4.42 -37.83 3.94
N PHE A 583 5.04 -37.55 5.08
CA PHE A 583 6.37 -36.95 5.14
C PHE A 583 7.46 -38.01 5.32
N ASN A 584 7.24 -39.23 4.83
CA ASN A 584 8.24 -40.28 4.98
C ASN A 584 9.51 -39.94 4.22
N ASN A 585 9.37 -39.43 3.00
CA ASN A 585 10.52 -39.18 2.15
C ASN A 585 11.24 -37.86 2.48
N GLN A 586 10.67 -37.03 3.35
CA GLN A 586 11.31 -35.78 3.76
C GLN A 586 12.28 -36.07 4.91
N VAL A 587 13.38 -36.74 4.55
CA VAL A 587 14.39 -37.12 5.52
C VAL A 587 15.33 -35.98 5.89
N SER A 588 15.33 -34.90 5.12
CA SER A 588 16.21 -33.76 5.36
C SER A 588 15.42 -32.47 5.56
N LEU A 589 14.18 -32.57 6.01
CA LEU A 589 13.37 -31.39 6.24
C LEU A 589 13.96 -30.53 7.35
N LYS A 590 13.95 -29.21 7.15
CA LYS A 590 14.54 -28.29 8.11
C LYS A 590 13.50 -27.34 8.71
N SER A 591 12.63 -26.77 7.88
CA SER A 591 11.62 -25.83 8.35
C SER A 591 10.25 -26.24 7.84
N LEU A 592 9.29 -26.34 8.75
CA LEU A 592 7.90 -26.65 8.43
C LEU A 592 7.02 -25.52 8.92
N ASN A 593 6.20 -24.97 8.02
CA ASN A 593 5.34 -23.83 8.34
C ASN A 593 3.89 -24.25 8.14
N LEU A 594 3.11 -24.19 9.22
CA LEU A 594 1.69 -24.51 9.18
C LEU A 594 0.88 -23.53 10.01
N GLN A 595 1.28 -22.26 9.99
CA GLN A 595 0.60 -21.24 10.78
C GLN A 595 -0.74 -20.86 10.15
N LYS A 596 -1.63 -20.34 11.01
CA LYS A 596 -2.94 -19.82 10.57
C LYS A 596 -3.73 -20.87 9.79
N ASN A 597 -3.70 -22.10 10.27
CA ASN A 597 -4.43 -23.20 9.67
C ASN A 597 -5.57 -23.62 10.59
N LEU A 598 -6.25 -24.70 10.20
CA LEU A 598 -7.33 -25.27 10.98
C LEU A 598 -6.94 -26.60 11.61
N ILE A 599 -5.63 -26.87 11.72
CA ILE A 599 -5.17 -28.15 12.25
C ILE A 599 -5.52 -28.24 13.73
N THR A 600 -6.18 -29.33 14.11
CA THR A 600 -6.56 -29.55 15.49
C THR A 600 -5.85 -30.73 16.15
N SER A 601 -5.25 -31.62 15.35
CA SER A 601 -4.60 -32.81 15.86
C SER A 601 -3.21 -32.94 15.24
N VAL A 602 -2.21 -33.17 16.09
CA VAL A 602 -0.84 -33.41 15.66
C VAL A 602 -0.44 -34.78 16.17
N GLU A 603 -0.32 -35.76 15.27
CA GLU A 603 -0.06 -37.13 15.65
C GLU A 603 1.23 -37.63 15.04
N LYS A 604 1.81 -38.64 15.69
CA LYS A 604 3.05 -39.23 15.20
C LYS A 604 2.86 -39.94 13.86
N LYS A 605 1.64 -40.41 13.59
CA LYS A 605 1.39 -41.14 12.35
C LYS A 605 1.59 -40.26 11.13
N VAL A 606 1.47 -38.94 11.27
CA VAL A 606 1.62 -38.01 10.16
C VAL A 606 2.81 -37.08 10.35
N PHE A 607 3.05 -36.60 11.57
CA PHE A 607 4.11 -35.66 11.83
C PHE A 607 5.35 -36.31 12.44
N GLY A 608 5.40 -37.64 12.49
CA GLY A 608 6.52 -38.33 13.04
C GLY A 608 7.79 -38.13 12.24
N PRO A 609 7.82 -38.64 11.01
CA PRO A 609 9.00 -38.42 10.16
C PRO A 609 9.29 -36.95 9.91
N ALA A 610 8.26 -36.10 9.88
CA ALA A 610 8.49 -34.68 9.64
C ALA A 610 9.24 -34.03 10.79
N PHE A 611 8.99 -34.48 12.02
CA PHE A 611 9.65 -33.93 13.20
C PHE A 611 10.94 -34.67 13.54
N ARG A 612 11.59 -35.28 12.54
CA ARG A 612 12.80 -36.04 12.81
C ARG A 612 13.94 -35.12 13.23
N ASN A 613 14.33 -34.19 12.36
CA ASN A 613 15.43 -33.28 12.66
C ASN A 613 15.14 -31.97 11.93
N LEU A 614 14.54 -31.03 12.65
CA LEU A 614 14.14 -29.75 12.10
C LEU A 614 14.98 -28.64 12.73
N THR A 615 14.76 -27.42 12.24
CA THR A 615 15.37 -26.24 12.81
C THR A 615 14.39 -25.10 13.02
N GLU A 616 13.16 -25.20 12.51
CA GLU A 616 12.16 -24.17 12.69
C GLU A 616 10.78 -24.83 12.63
N LEU A 617 9.80 -24.16 13.21
CA LEU A 617 8.43 -24.66 13.21
C LEU A 617 7.49 -23.49 13.47
N ASP A 618 6.48 -23.35 12.62
CA ASP A 618 5.51 -22.25 12.73
C ASP A 618 4.10 -22.83 12.65
N MET A 619 3.49 -23.04 13.81
CA MET A 619 2.11 -23.50 13.93
C MET A 619 1.37 -22.67 14.97
N ARG A 620 1.53 -21.35 14.87
CA ARG A 620 1.08 -20.45 15.94
C ARG A 620 -0.43 -20.39 16.02
N PHE A 621 -1.10 -19.93 14.97
CA PHE A 621 -2.54 -19.68 15.01
C PHE A 621 -3.29 -20.90 14.51
N ASN A 622 -3.20 -21.97 15.31
CA ASN A 622 -3.90 -23.20 15.02
C ASN A 622 -4.84 -23.56 16.17
N PRO A 623 -6.09 -23.84 15.90
CA PRO A 623 -7.00 -24.24 16.99
C PRO A 623 -6.73 -25.67 17.46
N PHE A 624 -5.68 -25.82 18.26
CA PHE A 624 -5.30 -27.13 18.77
C PHE A 624 -6.36 -27.68 19.72
N ASP A 625 -6.48 -29.00 19.75
CA ASP A 625 -7.41 -29.70 20.63
C ASP A 625 -6.62 -30.37 21.75
N CYS A 626 -6.73 -29.81 22.95
CA CYS A 626 -6.00 -30.38 24.08
C CYS A 626 -6.65 -31.70 24.49
N THR A 627 -6.14 -32.81 23.94
CA THR A 627 -6.63 -34.13 24.29
C THR A 627 -5.46 -35.10 24.19
N CYS A 628 -5.38 -36.03 25.16
CA CYS A 628 -4.26 -36.97 25.17
C CYS A 628 -4.23 -37.84 23.93
N GLU A 629 -5.34 -37.96 23.20
CA GLU A 629 -5.34 -38.73 21.97
C GLU A 629 -4.76 -37.97 20.79
N SER A 630 -4.71 -36.64 20.86
CA SER A 630 -4.35 -35.83 19.69
C SER A 630 -3.24 -34.82 19.94
N ILE A 631 -2.91 -34.49 21.19
CA ILE A 631 -1.95 -33.42 21.43
C ILE A 631 -0.86 -33.88 22.40
N ALA A 632 -1.07 -35.02 23.05
CA ALA A 632 -0.13 -35.48 24.05
C ALA A 632 1.25 -35.75 23.44
N TRP A 633 1.27 -36.42 22.29
CA TRP A 633 2.55 -36.65 21.63
C TRP A 633 3.19 -35.33 21.19
N PHE A 634 2.38 -34.40 20.69
CA PHE A 634 2.91 -33.12 20.25
C PHE A 634 3.50 -32.32 21.40
N VAL A 635 2.80 -32.26 22.53
CA VAL A 635 3.33 -31.49 23.66
C VAL A 635 4.56 -32.20 24.24
N ASN A 636 4.56 -33.53 24.24
CA ASN A 636 5.74 -34.25 24.71
C ASN A 636 6.94 -33.97 23.81
N TRP A 637 6.73 -33.91 22.50
CA TRP A 637 7.81 -33.53 21.60
C TRP A 637 8.24 -32.09 21.81
N ILE A 638 7.29 -31.22 22.14
CA ILE A 638 7.62 -29.82 22.40
C ILE A 638 8.52 -29.71 23.64
N ASN A 639 8.23 -30.49 24.68
CA ASN A 639 8.99 -30.44 25.93
C ASN A 639 10.47 -30.66 25.67
N GLU A 640 10.81 -31.75 24.99
CA GLU A 640 12.20 -32.09 24.69
C GLU A 640 12.42 -32.01 23.19
N THR A 641 13.23 -31.04 22.76
CA THR A 641 13.53 -30.79 21.35
C THR A 641 14.59 -29.70 21.27
N HIS A 642 15.19 -29.56 20.09
CA HIS A 642 16.13 -28.48 19.83
C HIS A 642 15.66 -27.58 18.70
N THR A 643 14.51 -27.89 18.10
CA THR A 643 13.99 -27.06 17.03
C THR A 643 13.52 -25.71 17.58
N ASN A 644 13.77 -24.66 16.82
CA ASN A 644 13.37 -23.31 17.23
C ASN A 644 11.88 -23.10 16.94
N ILE A 645 11.10 -22.89 18.00
CA ILE A 645 9.66 -22.66 17.86
C ILE A 645 9.34 -21.29 18.45
N PRO A 646 9.31 -20.23 17.64
CA PRO A 646 9.02 -18.90 18.17
C PRO A 646 7.60 -18.80 18.69
N GLU A 647 7.44 -17.98 19.74
CA GLU A 647 6.13 -17.72 20.35
C GLU A 647 5.44 -19.02 20.76
N LEU A 648 6.22 -19.92 21.37
CA LEU A 648 5.68 -21.21 21.78
C LEU A 648 4.62 -21.04 22.86
N SER A 649 4.85 -20.16 23.82
CA SER A 649 3.95 -19.97 24.94
C SER A 649 2.99 -18.80 24.74
N SER A 650 3.00 -18.16 23.58
CA SER A 650 2.17 -16.99 23.33
C SER A 650 0.96 -17.28 22.45
N HIS A 651 1.11 -18.11 21.42
CA HIS A 651 0.04 -18.36 20.46
C HIS A 651 -0.36 -19.82 20.35
N TYR A 652 0.42 -20.75 20.88
CA TYR A 652 0.08 -22.16 20.84
C TYR A 652 -0.91 -22.47 21.97
N LEU A 653 -2.13 -22.00 21.77
CA LEU A 653 -3.19 -22.12 22.76
C LEU A 653 -4.31 -22.99 22.22
N CYS A 654 -4.74 -23.96 23.02
CA CYS A 654 -5.85 -24.79 22.62
C CYS A 654 -7.12 -23.94 22.59
N ASN A 655 -8.00 -24.27 21.66
CA ASN A 655 -9.29 -23.64 21.48
C ASN A 655 -10.42 -24.44 22.10
N THR A 656 -10.29 -25.76 22.07
CA THR A 656 -11.26 -26.70 22.59
C THR A 656 -10.56 -27.88 23.27
N PRO A 657 -11.19 -28.46 24.31
CA PRO A 657 -12.45 -28.14 24.96
C PRO A 657 -12.40 -26.85 25.77
N PRO A 658 -13.54 -26.29 26.16
CA PRO A 658 -13.51 -25.04 26.93
C PRO A 658 -12.77 -25.17 28.26
N HIS A 659 -12.58 -26.39 28.77
CA HIS A 659 -11.78 -26.55 29.97
C HIS A 659 -10.35 -26.10 29.74
N TYR A 660 -9.80 -26.42 28.57
CA TYR A 660 -8.44 -26.01 28.19
C TYR A 660 -8.45 -24.82 27.24
N HIS A 661 -9.53 -24.04 27.24
CA HIS A 661 -9.63 -22.90 26.33
C HIS A 661 -8.60 -21.84 26.70
N GLY A 662 -7.60 -21.65 25.83
CA GLY A 662 -6.57 -20.66 26.04
C GLY A 662 -5.36 -21.15 26.81
N PHE A 663 -5.40 -22.36 27.34
CA PHE A 663 -4.25 -22.87 28.09
C PHE A 663 -3.17 -23.32 27.12
N PRO A 664 -1.94 -22.80 27.26
CA PRO A 664 -0.80 -23.17 26.41
C PRO A 664 -0.47 -24.66 26.47
N THR B 6 -51.02 -42.86 -6.60
CA THR B 6 -52.35 -42.26 -6.63
C THR B 6 -52.76 -41.75 -5.25
N VAL B 7 -52.06 -40.72 -4.78
CA VAL B 7 -52.36 -40.13 -3.48
C VAL B 7 -53.70 -39.39 -3.55
N SER B 8 -54.52 -39.57 -2.53
CA SER B 8 -55.85 -38.96 -2.49
C SER B 8 -56.39 -39.00 -1.07
N HIS B 9 -56.84 -37.85 -0.58
CA HIS B 9 -57.56 -37.75 0.68
C HIS B 9 -58.98 -37.23 0.51
N GLU B 10 -59.16 -36.20 -0.30
CA GLU B 10 -60.46 -35.70 -0.72
C GLU B 10 -60.56 -35.59 -2.24
N VAL B 11 -59.48 -35.21 -2.90
CA VAL B 11 -59.41 -35.18 -4.35
C VAL B 11 -58.38 -36.20 -4.81
N ALA B 12 -58.53 -36.66 -6.04
CA ALA B 12 -57.67 -37.69 -6.61
C ALA B 12 -56.70 -37.06 -7.60
N ASP B 13 -55.41 -37.36 -7.43
CA ASP B 13 -54.37 -36.84 -8.30
C ASP B 13 -53.63 -38.00 -8.95
N CYS B 14 -53.52 -37.98 -10.27
CA CYS B 14 -52.79 -38.99 -11.03
C CYS B 14 -51.96 -38.33 -12.12
N SER B 15 -51.28 -37.24 -11.78
CA SER B 15 -50.52 -36.47 -12.75
C SER B 15 -49.12 -37.05 -12.91
N HIS B 16 -48.76 -37.37 -14.15
CA HIS B 16 -47.44 -37.91 -14.49
C HIS B 16 -47.18 -39.26 -13.83
N LEU B 17 -48.23 -40.07 -13.66
CA LEU B 17 -48.10 -41.42 -13.14
C LEU B 17 -48.08 -42.48 -14.23
N LYS B 18 -48.14 -42.07 -15.50
CA LYS B 18 -48.02 -43.00 -16.63
C LYS B 18 -49.09 -44.07 -16.61
N LEU B 19 -50.32 -43.69 -16.26
CA LEU B 19 -51.43 -44.62 -16.25
C LEU B 19 -51.95 -44.87 -17.66
N THR B 20 -52.35 -46.11 -17.92
CA THR B 20 -53.02 -46.49 -19.16
C THR B 20 -54.50 -46.73 -18.99
N GLN B 21 -54.92 -47.23 -17.82
CA GLN B 21 -56.33 -47.44 -17.50
C GLN B 21 -56.62 -46.80 -16.14
N VAL B 22 -57.87 -46.38 -15.97
CA VAL B 22 -58.25 -45.70 -14.73
C VAL B 22 -58.19 -46.69 -13.57
N PRO B 23 -57.76 -46.26 -12.38
CA PRO B 23 -57.74 -47.17 -11.24
C PRO B 23 -59.15 -47.52 -10.78
N ASP B 24 -59.27 -48.70 -10.18
CA ASP B 24 -60.56 -49.19 -9.69
C ASP B 24 -60.63 -49.28 -8.18
N ASP B 25 -59.65 -48.70 -7.46
CA ASP B 25 -59.62 -48.74 -6.00
C ASP B 25 -59.48 -47.31 -5.47
N LEU B 26 -60.60 -46.61 -5.38
CA LEU B 26 -60.67 -45.27 -4.82
C LEU B 26 -61.97 -45.16 -4.02
N PRO B 27 -62.04 -44.23 -3.07
CA PRO B 27 -63.29 -44.01 -2.35
C PRO B 27 -64.42 -43.63 -3.29
N THR B 28 -65.62 -44.07 -2.96
CA THR B 28 -66.79 -43.82 -3.81
C THR B 28 -67.17 -42.35 -3.84
N ASN B 29 -66.96 -41.63 -2.72
CA ASN B 29 -67.42 -40.26 -2.59
C ASN B 29 -66.37 -39.24 -3.05
N ILE B 30 -65.47 -39.63 -3.96
CA ILE B 30 -64.48 -38.69 -4.48
C ILE B 30 -65.18 -37.67 -5.37
N THR B 31 -64.79 -36.40 -5.22
CA THR B 31 -65.38 -35.32 -5.99
C THR B 31 -64.54 -34.89 -7.18
N VAL B 32 -63.21 -34.95 -7.07
CA VAL B 32 -62.30 -34.55 -8.12
C VAL B 32 -61.44 -35.74 -8.51
N LEU B 33 -61.38 -36.03 -9.80
CA LEU B 33 -60.58 -37.14 -10.33
C LEU B 33 -59.69 -36.59 -11.44
N ASN B 34 -58.40 -36.45 -11.14
CA ASN B 34 -57.45 -35.80 -12.05
C ASN B 34 -56.54 -36.84 -12.68
N LEU B 35 -56.44 -36.80 -14.02
CA LEU B 35 -55.60 -37.73 -14.77
C LEU B 35 -54.81 -37.00 -15.86
N THR B 36 -54.24 -35.84 -15.53
CA THR B 36 -53.43 -35.14 -16.51
C THR B 36 -52.09 -35.84 -16.73
N HIS B 37 -51.57 -35.69 -17.95
CA HIS B 37 -50.26 -36.22 -18.34
C HIS B 37 -50.21 -37.74 -18.18
N ASN B 38 -51.16 -38.40 -18.84
CA ASN B 38 -51.19 -39.86 -18.85
C ASN B 38 -51.27 -40.38 -20.28
N GLN B 39 -51.51 -41.68 -20.45
CA GLN B 39 -51.55 -42.32 -21.76
C GLN B 39 -52.82 -43.15 -21.91
N LEU B 40 -53.95 -42.56 -21.53
CA LEU B 40 -55.25 -43.23 -21.66
C LEU B 40 -55.66 -43.22 -23.13
N ARG B 41 -55.47 -44.35 -23.81
CA ARG B 41 -55.87 -44.43 -25.21
C ARG B 41 -57.39 -44.31 -25.35
N ARG B 42 -58.12 -45.07 -24.54
CA ARG B 42 -59.58 -45.02 -24.55
C ARG B 42 -60.08 -44.94 -23.11
N LEU B 43 -61.31 -44.48 -22.95
CA LEU B 43 -61.93 -44.29 -21.64
C LEU B 43 -63.27 -44.99 -21.61
N PRO B 44 -63.29 -46.30 -21.39
CA PRO B 44 -64.56 -47.00 -21.26
C PRO B 44 -65.36 -46.50 -20.06
N ALA B 45 -66.69 -46.47 -20.23
CA ALA B 45 -67.57 -46.02 -19.17
C ALA B 45 -67.90 -47.11 -18.16
N ALA B 46 -67.60 -48.37 -18.48
CA ALA B 46 -67.89 -49.45 -17.56
C ALA B 46 -67.06 -49.37 -16.29
N ASN B 47 -65.93 -48.69 -16.35
CA ASN B 47 -65.07 -48.55 -15.18
C ASN B 47 -65.52 -47.41 -14.29
N PHE B 48 -66.54 -46.65 -14.69
CA PHE B 48 -67.01 -45.52 -13.91
C PHE B 48 -68.24 -45.84 -13.07
N THR B 49 -68.63 -47.11 -12.98
CA THR B 49 -69.75 -47.49 -12.14
C THR B 49 -69.47 -47.18 -10.67
N ARG B 50 -68.25 -47.48 -10.21
CA ARG B 50 -67.88 -47.20 -8.82
C ARG B 50 -67.83 -45.70 -8.56
N TYR B 51 -67.33 -44.92 -9.51
CA TYR B 51 -67.18 -43.47 -9.36
C TYR B 51 -68.46 -42.81 -9.85
N SER B 52 -69.41 -42.60 -8.94
CA SER B 52 -70.68 -41.97 -9.26
C SER B 52 -70.93 -40.71 -8.44
N GLN B 53 -69.88 -40.15 -7.84
CA GLN B 53 -70.01 -38.92 -7.05
C GLN B 53 -69.02 -37.86 -7.52
N LEU B 54 -68.55 -37.95 -8.75
CA LEU B 54 -67.53 -37.03 -9.25
C LEU B 54 -68.15 -35.69 -9.63
N THR B 55 -67.41 -34.62 -9.34
CA THR B 55 -67.77 -33.26 -9.74
C THR B 55 -66.82 -32.67 -10.76
N SER B 56 -65.53 -32.95 -10.64
CA SER B 56 -64.51 -32.49 -11.59
C SER B 56 -63.81 -33.70 -12.17
N LEU B 57 -63.62 -33.70 -13.49
CA LEU B 57 -62.99 -34.83 -14.19
C LEU B 57 -61.98 -34.24 -15.17
N ASP B 58 -60.73 -34.12 -14.73
CA ASP B 58 -59.65 -33.61 -15.55
C ASP B 58 -58.89 -34.78 -16.16
N VAL B 59 -59.08 -34.99 -17.46
CA VAL B 59 -58.45 -36.10 -18.16
C VAL B 59 -57.63 -35.49 -19.29
N GLY B 60 -57.11 -34.30 -19.06
CA GLY B 60 -56.38 -33.61 -20.09
C GLY B 60 -54.98 -34.17 -20.29
N PHE B 61 -54.33 -33.67 -21.35
CA PHE B 61 -52.97 -34.06 -21.72
C PHE B 61 -52.83 -35.58 -21.89
N ASN B 62 -53.85 -36.18 -22.51
CA ASN B 62 -53.84 -37.63 -22.74
C ASN B 62 -54.07 -37.93 -24.21
N THR B 63 -54.27 -39.21 -24.55
CA THR B 63 -54.43 -39.61 -25.94
C THR B 63 -55.75 -40.33 -26.14
N ILE B 64 -56.82 -39.72 -25.67
CA ILE B 64 -58.16 -40.27 -25.87
C ILE B 64 -58.62 -39.94 -27.28
N SER B 65 -59.03 -40.97 -28.02
CA SER B 65 -59.50 -40.75 -29.38
C SER B 65 -60.95 -40.27 -29.39
N LYS B 66 -61.86 -41.06 -28.82
CA LYS B 66 -63.27 -40.70 -28.78
C LYS B 66 -63.86 -41.14 -27.46
N LEU B 67 -64.97 -40.49 -27.09
CA LEU B 67 -65.70 -40.82 -25.87
C LEU B 67 -67.04 -41.46 -26.21
N GLU B 68 -67.76 -41.85 -25.17
CA GLU B 68 -69.06 -42.46 -25.35
C GLU B 68 -70.07 -41.79 -24.43
N PRO B 69 -71.34 -41.73 -24.85
CA PRO B 69 -72.37 -41.11 -24.01
C PRO B 69 -72.59 -41.82 -22.68
N GLU B 70 -72.23 -43.10 -22.58
CA GLU B 70 -72.43 -43.83 -21.33
C GLU B 70 -71.58 -43.24 -20.22
N LEU B 71 -70.54 -42.50 -20.58
CA LEU B 71 -69.69 -41.89 -19.55
C LEU B 71 -70.50 -40.90 -18.74
N CYS B 72 -71.37 -40.12 -19.40
CA CYS B 72 -72.16 -39.16 -18.65
C CYS B 72 -73.19 -39.86 -17.77
N GLN B 73 -73.64 -41.07 -18.15
CA GLN B 73 -74.66 -41.73 -17.35
C GLN B 73 -74.17 -42.06 -15.95
N LYS B 74 -72.91 -42.51 -15.82
CA LYS B 74 -72.37 -42.85 -14.50
C LYS B 74 -72.13 -41.63 -13.63
N LEU B 75 -72.08 -40.43 -14.20
CA LEU B 75 -71.82 -39.22 -13.44
C LEU B 75 -73.07 -38.35 -13.42
N PRO B 76 -73.84 -38.33 -12.32
CA PRO B 76 -75.09 -37.59 -12.31
C PRO B 76 -74.90 -36.13 -11.92
N MET B 77 -73.79 -35.79 -11.26
CA MET B 77 -73.58 -34.47 -10.70
C MET B 77 -72.29 -33.83 -11.21
N LEU B 78 -71.75 -34.32 -12.32
CA LEU B 78 -70.50 -33.80 -12.85
C LEU B 78 -70.64 -32.34 -13.26
N LYS B 79 -69.61 -31.54 -12.98
CA LYS B 79 -69.68 -30.10 -13.23
C LYS B 79 -68.52 -29.61 -14.07
N VAL B 80 -67.38 -30.32 -14.00
CA VAL B 80 -66.18 -29.95 -14.73
C VAL B 80 -65.75 -31.12 -15.60
N LEU B 81 -65.52 -30.85 -16.88
CA LEU B 81 -65.04 -31.85 -17.84
C LEU B 81 -63.87 -31.25 -18.60
N ASN B 82 -62.66 -31.73 -18.31
CA ASN B 82 -61.44 -31.20 -18.93
C ASN B 82 -60.85 -32.25 -19.86
N LEU B 83 -60.62 -31.85 -21.12
CA LEU B 83 -60.10 -32.76 -22.14
C LEU B 83 -59.03 -32.05 -22.96
N GLN B 84 -58.12 -31.36 -22.29
CA GLN B 84 -57.08 -30.61 -22.99
C GLN B 84 -56.10 -31.56 -23.68
N HIS B 85 -55.72 -31.19 -24.90
CA HIS B 85 -54.66 -31.85 -25.66
C HIS B 85 -54.98 -33.34 -25.86
N ASN B 86 -56.08 -33.59 -26.55
CA ASN B 86 -56.51 -34.95 -26.89
C ASN B 86 -56.72 -35.07 -28.39
N GLU B 87 -57.30 -36.19 -28.82
CA GLU B 87 -57.59 -36.43 -30.23
C GLU B 87 -59.07 -36.52 -30.51
N LEU B 88 -59.91 -35.94 -29.66
CA LEU B 88 -61.36 -35.97 -29.84
C LEU B 88 -61.72 -34.96 -30.93
N SER B 89 -61.60 -35.42 -32.18
CA SER B 89 -61.88 -34.59 -33.35
C SER B 89 -63.28 -34.82 -33.90
N GLN B 90 -64.10 -35.64 -33.26
CA GLN B 90 -65.45 -35.94 -33.70
C GLN B 90 -66.43 -35.67 -32.58
N LEU B 91 -67.51 -34.95 -32.89
CA LEU B 91 -68.53 -34.62 -31.90
C LEU B 91 -69.90 -34.94 -32.47
N SER B 92 -70.79 -35.39 -31.59
CA SER B 92 -72.14 -35.80 -31.95
C SER B 92 -73.15 -35.21 -30.96
N ASP B 93 -74.43 -35.28 -31.34
CA ASP B 93 -75.48 -34.77 -30.48
C ASP B 93 -75.59 -35.57 -29.19
N LYS B 94 -75.25 -36.86 -29.22
CA LYS B 94 -75.33 -37.72 -28.04
C LYS B 94 -74.05 -37.67 -27.21
N THR B 95 -72.99 -37.02 -27.70
CA THR B 95 -71.75 -37.00 -26.97
C THR B 95 -71.92 -36.30 -25.62
N PHE B 96 -72.61 -35.16 -25.61
CA PHE B 96 -72.86 -34.40 -24.39
C PHE B 96 -74.36 -34.30 -24.13
N ALA B 97 -75.09 -35.39 -24.35
CA ALA B 97 -76.53 -35.34 -24.20
C ALA B 97 -76.94 -35.48 -22.73
N PHE B 98 -76.52 -36.57 -22.09
CA PHE B 98 -76.93 -36.81 -20.71
C PHE B 98 -76.28 -35.83 -19.75
N CYS B 99 -75.07 -35.38 -20.05
CA CYS B 99 -74.42 -34.36 -19.23
C CYS B 99 -75.15 -33.03 -19.40
N THR B 100 -75.76 -32.53 -18.33
CA THR B 100 -76.49 -31.27 -18.38
C THR B 100 -76.15 -30.32 -17.25
N ASN B 101 -75.43 -30.76 -16.22
CA ASN B 101 -75.03 -29.90 -15.12
C ASN B 101 -73.64 -29.31 -15.31
N LEU B 102 -73.00 -29.57 -16.45
CA LEU B 102 -71.64 -29.09 -16.66
C LEU B 102 -71.60 -27.56 -16.68
N THR B 103 -70.74 -27.00 -15.84
CA THR B 103 -70.47 -25.57 -15.82
C THR B 103 -69.11 -25.23 -16.40
N GLU B 104 -68.40 -26.22 -16.94
CA GLU B 104 -67.08 -25.99 -17.50
C GLU B 104 -66.81 -27.08 -18.53
N LEU B 105 -66.22 -26.70 -19.65
CA LEU B 105 -65.93 -27.66 -20.72
C LEU B 105 -64.71 -27.17 -21.48
N HIS B 106 -63.58 -27.86 -21.29
CA HIS B 106 -62.33 -27.52 -21.97
C HIS B 106 -62.09 -28.51 -23.10
N LEU B 107 -61.88 -27.98 -24.30
CA LEU B 107 -61.59 -28.79 -25.48
C LEU B 107 -60.39 -28.25 -26.22
N MET B 108 -59.40 -27.75 -25.48
CA MET B 108 -58.24 -27.12 -26.11
C MET B 108 -57.35 -28.17 -26.76
N SER B 109 -56.88 -27.85 -27.97
CA SER B 109 -55.91 -28.69 -28.68
C SER B 109 -56.42 -30.11 -28.90
N ASN B 110 -57.70 -30.23 -29.26
CA ASN B 110 -58.28 -31.52 -29.59
C ASN B 110 -58.31 -31.81 -31.08
N SER B 111 -57.73 -30.92 -31.90
CA SER B 111 -57.69 -31.07 -33.35
C SER B 111 -59.09 -31.21 -33.94
N ILE B 112 -60.04 -30.48 -33.37
CA ILE B 112 -61.41 -30.48 -33.88
C ILE B 112 -61.44 -29.69 -35.17
N GLN B 113 -61.96 -30.30 -36.23
CA GLN B 113 -61.96 -29.69 -37.56
C GLN B 113 -63.22 -28.89 -37.80
N LYS B 114 -64.37 -29.54 -37.73
CA LYS B 114 -65.63 -28.88 -38.02
C LYS B 114 -66.68 -29.33 -37.00
N ILE B 115 -67.46 -28.37 -36.53
CA ILE B 115 -68.61 -28.68 -35.69
C ILE B 115 -69.75 -29.04 -36.63
N LYS B 116 -70.26 -30.26 -36.50
CA LYS B 116 -71.11 -30.77 -37.57
C LYS B 116 -72.53 -30.24 -37.46
N ASN B 117 -73.28 -30.68 -36.45
CA ASN B 117 -74.67 -30.23 -36.38
C ASN B 117 -75.01 -29.48 -35.11
N ASN B 118 -74.92 -30.12 -33.94
CA ASN B 118 -75.47 -29.54 -32.72
C ASN B 118 -74.89 -30.27 -31.51
N PRO B 119 -73.59 -30.11 -31.23
CA PRO B 119 -72.98 -30.84 -30.11
C PRO B 119 -73.32 -30.29 -28.74
N PHE B 120 -73.73 -29.03 -28.63
CA PHE B 120 -73.89 -28.37 -27.34
C PHE B 120 -75.33 -27.97 -27.06
N VAL B 121 -76.29 -28.50 -27.81
CA VAL B 121 -77.69 -28.14 -27.61
C VAL B 121 -78.21 -28.70 -26.30
N LYS B 122 -77.85 -29.94 -25.97
CA LYS B 122 -78.44 -30.67 -24.86
C LYS B 122 -78.04 -30.14 -23.49
N GLN B 123 -77.29 -29.04 -23.39
CA GLN B 123 -76.96 -28.50 -22.08
C GLN B 123 -77.34 -27.02 -22.04
N LYS B 124 -77.80 -26.58 -20.87
CA LYS B 124 -78.22 -25.20 -20.66
C LYS B 124 -77.55 -24.53 -19.48
N ASN B 125 -76.83 -25.25 -18.63
CA ASN B 125 -76.17 -24.68 -17.47
C ASN B 125 -74.70 -24.41 -17.72
N LEU B 126 -74.23 -24.55 -18.96
CA LEU B 126 -72.83 -24.32 -19.27
C LEU B 126 -72.46 -22.86 -19.05
N ILE B 127 -71.31 -22.64 -18.43
CA ILE B 127 -70.82 -21.31 -18.11
C ILE B 127 -69.63 -20.92 -18.98
N THR B 128 -68.61 -21.78 -19.03
CA THR B 128 -67.39 -21.51 -19.77
C THR B 128 -67.16 -22.63 -20.79
N LEU B 129 -66.87 -22.24 -22.03
CA LEU B 129 -66.56 -23.18 -23.09
C LEU B 129 -65.25 -22.78 -23.73
N ASP B 130 -64.35 -23.75 -23.89
CA ASP B 130 -63.03 -23.52 -24.46
C ASP B 130 -62.86 -24.36 -25.71
N LEU B 131 -62.38 -23.73 -26.80
CA LEU B 131 -62.11 -24.42 -28.05
C LEU B 131 -60.80 -23.96 -28.66
N SER B 132 -59.82 -23.63 -27.84
CA SER B 132 -58.57 -23.08 -28.33
C SER B 132 -57.72 -24.16 -29.01
N HIS B 133 -56.83 -23.70 -29.90
CA HIS B 133 -55.86 -24.55 -30.58
C HIS B 133 -56.55 -25.67 -31.36
N ASN B 134 -57.65 -25.34 -32.01
CA ASN B 134 -58.39 -26.30 -32.82
C ASN B 134 -58.28 -25.93 -34.30
N GLY B 135 -58.82 -26.80 -35.14
CA GLY B 135 -58.78 -26.57 -36.57
C GLY B 135 -60.06 -25.98 -37.11
N LEU B 136 -60.87 -25.39 -36.24
CA LEU B 136 -62.13 -24.81 -36.66
C LEU B 136 -61.90 -23.64 -37.61
N SER B 137 -62.74 -23.55 -38.64
CA SER B 137 -62.66 -22.47 -39.60
C SER B 137 -63.82 -21.49 -39.51
N SER B 138 -64.93 -21.87 -38.87
CA SER B 138 -66.08 -21.00 -38.71
C SER B 138 -66.53 -21.04 -37.25
N THR B 139 -67.12 -19.93 -36.81
CA THR B 139 -67.59 -19.81 -35.43
C THR B 139 -68.97 -20.41 -35.22
N LYS B 140 -69.44 -21.25 -36.13
CA LYS B 140 -70.75 -21.87 -35.99
C LYS B 140 -70.65 -23.08 -35.08
N LEU B 141 -71.39 -23.06 -33.97
CA LEU B 141 -71.40 -24.16 -33.01
C LEU B 141 -72.75 -24.86 -32.95
N GLY B 142 -73.60 -24.63 -33.93
CA GLY B 142 -74.90 -25.25 -33.94
C GLY B 142 -75.82 -24.49 -34.88
N THR B 143 -77.03 -25.02 -34.99
CA THR B 143 -78.05 -24.43 -35.87
C THR B 143 -79.01 -23.57 -35.05
N GLN B 144 -79.64 -24.15 -34.05
CA GLN B 144 -80.57 -23.38 -33.23
C GLN B 144 -79.83 -22.63 -32.13
N VAL B 145 -80.59 -22.05 -31.20
CA VAL B 145 -80.03 -21.28 -30.10
C VAL B 145 -79.96 -22.12 -28.84
N GLN B 146 -78.81 -22.12 -28.19
CA GLN B 146 -78.60 -22.86 -26.96
C GLN B 146 -77.55 -22.11 -26.16
N LEU B 147 -77.01 -22.77 -25.14
CA LEU B 147 -75.98 -22.18 -24.29
C LEU B 147 -76.49 -20.90 -23.64
N GLU B 148 -77.57 -21.06 -22.86
CA GLU B 148 -78.25 -19.91 -22.28
C GLU B 148 -77.35 -19.17 -21.30
N ASN B 149 -76.68 -19.90 -20.43
CA ASN B 149 -75.89 -19.31 -19.35
C ASN B 149 -74.43 -19.17 -19.70
N LEU B 150 -74.03 -19.47 -20.91
CA LEU B 150 -72.63 -19.39 -21.29
C LEU B 150 -72.15 -17.95 -21.22
N GLN B 151 -71.09 -17.72 -20.45
CA GLN B 151 -70.53 -16.39 -20.25
C GLN B 151 -69.18 -16.18 -20.92
N GLU B 152 -68.36 -17.22 -21.03
CA GLU B 152 -67.03 -17.11 -21.62
C GLU B 152 -66.91 -18.12 -22.74
N LEU B 153 -66.51 -17.64 -23.92
CA LEU B 153 -66.26 -18.49 -25.08
C LEU B 153 -64.87 -18.21 -25.61
N LEU B 154 -64.07 -19.26 -25.77
CA LEU B 154 -62.69 -19.14 -26.21
C LEU B 154 -62.53 -19.80 -27.57
N LEU B 155 -61.93 -19.07 -28.51
CA LEU B 155 -61.68 -19.60 -29.85
C LEU B 155 -60.29 -19.20 -30.34
N SER B 156 -59.35 -19.07 -29.42
CA SER B 156 -58.01 -18.61 -29.77
C SER B 156 -57.24 -19.69 -30.52
N ASN B 157 -56.26 -19.26 -31.30
CA ASN B 157 -55.35 -20.14 -32.04
C ASN B 157 -56.12 -21.09 -32.96
N ASN B 158 -57.18 -20.59 -33.59
CA ASN B 158 -57.94 -21.35 -34.55
C ASN B 158 -57.57 -20.92 -35.97
N LYS B 159 -58.29 -21.44 -36.96
CA LYS B 159 -58.08 -21.09 -38.36
C LYS B 159 -59.30 -20.38 -38.92
N ILE B 160 -59.86 -19.45 -38.14
CA ILE B 160 -61.03 -18.69 -38.56
C ILE B 160 -60.56 -17.44 -39.28
N GLN B 161 -61.10 -17.21 -40.48
CA GLN B 161 -60.71 -16.07 -41.30
C GLN B 161 -61.81 -15.06 -41.50
N ALA B 162 -62.99 -15.29 -40.93
CA ALA B 162 -64.09 -14.34 -41.08
C ALA B 162 -65.04 -14.51 -39.91
N LEU B 163 -65.78 -13.44 -39.63
CA LEU B 163 -66.80 -13.41 -38.58
C LEU B 163 -68.12 -13.00 -39.23
N LYS B 164 -68.85 -13.99 -39.74
CA LYS B 164 -70.12 -13.73 -40.39
C LYS B 164 -71.22 -13.56 -39.35
N SER B 165 -72.24 -12.79 -39.72
CA SER B 165 -73.35 -12.53 -38.81
C SER B 165 -74.13 -13.80 -38.52
N GLU B 166 -74.31 -14.65 -39.53
CA GLU B 166 -75.10 -15.86 -39.35
C GLU B 166 -74.47 -16.81 -38.33
N GLU B 167 -73.14 -16.95 -38.37
CA GLU B 167 -72.46 -17.93 -37.51
C GLU B 167 -72.63 -17.65 -36.02
N LEU B 168 -72.96 -16.42 -35.64
CA LEU B 168 -73.18 -16.07 -34.24
C LEU B 168 -74.66 -15.91 -33.92
N ASP B 169 -75.53 -16.44 -34.78
CA ASP B 169 -76.96 -16.34 -34.55
C ASP B 169 -77.39 -17.20 -33.38
N ILE B 170 -76.53 -18.12 -32.95
CA ILE B 170 -76.92 -19.00 -31.85
C ILE B 170 -76.79 -18.27 -30.52
N PHE B 171 -76.13 -17.12 -30.49
CA PHE B 171 -75.99 -16.37 -29.24
C PHE B 171 -76.93 -15.17 -29.17
N ALA B 172 -78.14 -15.29 -29.71
CA ALA B 172 -79.07 -14.16 -29.74
C ALA B 172 -79.58 -13.79 -28.35
N ASN B 173 -79.48 -14.68 -27.37
CA ASN B 173 -79.98 -14.42 -26.03
C ASN B 173 -78.98 -14.82 -24.96
N SER B 174 -77.70 -14.74 -25.27
CA SER B 174 -76.63 -15.16 -24.37
C SER B 174 -75.76 -13.95 -24.02
N SER B 175 -75.37 -13.87 -22.76
CA SER B 175 -74.54 -12.79 -22.24
C SER B 175 -73.09 -13.28 -22.25
N LEU B 176 -72.34 -12.88 -23.27
CA LEU B 176 -70.94 -13.26 -23.41
C LEU B 176 -70.07 -12.24 -22.71
N LYS B 177 -69.45 -12.64 -21.61
CA LYS B 177 -68.52 -11.76 -20.90
C LYS B 177 -67.10 -11.82 -21.46
N LYS B 178 -66.81 -12.77 -22.35
CA LYS B 178 -65.46 -12.89 -22.92
C LYS B 178 -65.57 -13.71 -24.20
N LEU B 179 -65.24 -13.09 -25.32
CA LEU B 179 -65.24 -13.77 -26.62
C LEU B 179 -63.79 -13.78 -27.12
N GLU B 180 -63.04 -14.81 -26.73
CA GLU B 180 -61.65 -14.92 -27.12
C GLU B 180 -61.55 -15.34 -28.58
N LEU B 181 -60.91 -14.50 -29.39
CA LEU B 181 -60.68 -14.79 -30.81
C LEU B 181 -59.23 -14.49 -31.18
N SER B 182 -58.31 -14.75 -30.26
CA SER B 182 -56.91 -14.42 -30.48
C SER B 182 -56.27 -15.36 -31.50
N SER B 183 -55.19 -14.87 -32.12
CA SER B 183 -54.35 -15.66 -33.03
C SER B 183 -55.12 -16.19 -34.23
N ASN B 184 -56.25 -15.59 -34.58
CA ASN B 184 -57.03 -15.97 -35.75
C ASN B 184 -56.88 -14.91 -36.82
N GLN B 185 -56.52 -15.34 -38.03
CA GLN B 185 -56.29 -14.43 -39.15
C GLN B 185 -57.64 -13.96 -39.72
N ILE B 186 -58.34 -13.18 -38.91
CA ILE B 186 -59.63 -12.63 -39.29
C ILE B 186 -59.39 -11.38 -40.12
N LYS B 187 -59.92 -11.36 -41.35
CA LYS B 187 -59.71 -10.24 -42.25
C LYS B 187 -61.00 -9.65 -42.80
N GLU B 188 -62.16 -10.12 -42.36
CA GLU B 188 -63.43 -9.60 -42.85
C GLU B 188 -64.45 -9.64 -41.73
N PHE B 189 -65.17 -8.53 -41.55
CA PHE B 189 -66.22 -8.42 -40.55
C PHE B 189 -67.54 -8.13 -41.23
N SER B 190 -68.56 -8.92 -40.92
CA SER B 190 -69.85 -8.73 -41.54
C SER B 190 -70.75 -7.85 -40.66
N PRO B 191 -71.62 -7.05 -41.28
CA PRO B 191 -72.53 -6.22 -40.50
C PRO B 191 -73.45 -7.07 -39.63
N GLY B 192 -73.69 -6.59 -38.41
CA GLY B 192 -74.54 -7.31 -37.48
C GLY B 192 -73.91 -8.52 -36.85
N CYS B 193 -72.61 -8.73 -37.04
CA CYS B 193 -71.97 -9.91 -36.46
C CYS B 193 -72.00 -9.85 -34.93
N PHE B 194 -71.73 -8.69 -34.35
CA PHE B 194 -71.79 -8.54 -32.90
C PHE B 194 -73.16 -8.12 -32.40
N HIS B 195 -73.97 -7.48 -33.24
CA HIS B 195 -75.33 -7.14 -32.83
C HIS B 195 -76.18 -8.38 -32.63
N ALA B 196 -75.88 -9.45 -33.37
CA ALA B 196 -76.61 -10.70 -33.19
C ALA B 196 -76.36 -11.30 -31.81
N ILE B 197 -75.17 -11.09 -31.25
CA ILE B 197 -74.89 -11.58 -29.91
C ILE B 197 -75.78 -10.83 -28.92
N GLY B 198 -76.35 -11.58 -27.98
CA GLY B 198 -77.25 -11.01 -27.00
C GLY B 198 -76.64 -9.91 -26.15
N ARG B 199 -75.64 -10.24 -25.36
CA ARG B 199 -74.97 -9.27 -24.49
C ARG B 199 -73.48 -9.58 -24.51
N LEU B 200 -72.74 -8.85 -25.33
CA LEU B 200 -71.29 -8.98 -25.40
C LEU B 200 -70.65 -7.93 -24.50
N PHE B 201 -69.86 -8.38 -23.53
CA PHE B 201 -69.21 -7.49 -22.58
C PHE B 201 -67.73 -7.31 -22.83
N GLY B 202 -67.05 -8.31 -23.39
CA GLY B 202 -65.63 -8.20 -23.63
C GLY B 202 -65.16 -8.96 -24.87
N LEU B 203 -64.28 -8.34 -25.65
CA LEU B 203 -63.72 -8.96 -26.85
C LEU B 203 -62.20 -8.93 -26.77
N PHE B 204 -61.59 -10.06 -27.15
CA PHE B 204 -60.14 -10.21 -27.12
C PHE B 204 -59.66 -10.62 -28.51
N LEU B 205 -58.84 -9.77 -29.12
CA LEU B 205 -58.28 -10.04 -30.44
C LEU B 205 -56.76 -9.94 -30.41
N ASN B 206 -56.14 -10.54 -29.40
CA ASN B 206 -54.69 -10.51 -29.30
C ASN B 206 -54.04 -11.28 -30.44
N ASN B 207 -52.89 -10.78 -30.88
CA ASN B 207 -52.08 -11.44 -31.92
C ASN B 207 -52.86 -11.60 -33.22
N VAL B 208 -53.82 -10.73 -33.49
CA VAL B 208 -54.63 -10.80 -34.69
C VAL B 208 -54.23 -9.66 -35.60
N GLN B 209 -53.79 -9.99 -36.82
CA GLN B 209 -53.33 -8.99 -37.78
C GLN B 209 -54.52 -8.26 -38.37
N LEU B 210 -54.94 -7.17 -37.70
CA LEU B 210 -56.07 -6.40 -38.17
C LEU B 210 -55.65 -5.24 -39.06
N GLY B 211 -54.86 -4.32 -38.51
CA GLY B 211 -54.48 -3.12 -39.21
C GLY B 211 -55.39 -1.96 -38.87
N PRO B 212 -54.99 -0.74 -39.25
CA PRO B 212 -55.79 0.44 -38.89
C PRO B 212 -57.18 0.45 -39.50
N SER B 213 -57.27 0.20 -40.82
CA SER B 213 -58.57 0.22 -41.48
C SER B 213 -59.49 -0.88 -40.94
N LEU B 214 -58.95 -2.07 -40.74
CA LEU B 214 -59.76 -3.14 -40.18
C LEU B 214 -60.13 -2.86 -38.73
N THR B 215 -59.25 -2.17 -37.98
CA THR B 215 -59.62 -1.77 -36.62
C THR B 215 -60.77 -0.77 -36.64
N GLU B 216 -60.75 0.17 -37.57
CA GLU B 216 -61.86 1.12 -37.69
C GLU B 216 -63.14 0.40 -38.07
N LYS B 217 -63.05 -0.57 -38.98
CA LYS B 217 -64.21 -1.37 -39.35
C LYS B 217 -64.75 -2.14 -38.15
N LEU B 218 -63.85 -2.70 -37.35
CA LEU B 218 -64.26 -3.36 -36.11
C LEU B 218 -64.99 -2.41 -35.17
N CYS B 219 -64.43 -1.22 -34.96
CA CYS B 219 -65.07 -0.27 -34.06
C CYS B 219 -66.45 0.13 -34.57
N LEU B 220 -66.58 0.32 -35.89
CA LEU B 220 -67.88 0.61 -36.46
C LEU B 220 -68.85 -0.54 -36.24
N GLU B 221 -68.37 -1.78 -36.40
CA GLU B 221 -69.21 -2.94 -36.13
C GLU B 221 -69.52 -3.10 -34.65
N LEU B 222 -68.76 -2.44 -33.78
CA LEU B 222 -68.96 -2.51 -32.34
C LEU B 222 -69.83 -1.37 -31.81
N ALA B 223 -70.42 -0.58 -32.70
CA ALA B 223 -71.23 0.54 -32.27
C ALA B 223 -72.57 0.08 -31.69
N ASN B 224 -73.04 0.82 -30.68
CA ASN B 224 -74.34 0.57 -30.07
C ASN B 224 -74.46 -0.86 -29.52
N THR B 225 -73.43 -1.28 -28.79
CA THR B 225 -73.42 -2.56 -28.11
C THR B 225 -73.01 -2.35 -26.66
N SER B 226 -73.09 -3.42 -25.87
CA SER B 226 -72.80 -3.36 -24.44
C SER B 226 -71.38 -3.80 -24.12
N ILE B 227 -70.42 -3.55 -25.01
CA ILE B 227 -69.04 -3.94 -24.76
C ILE B 227 -68.45 -3.06 -23.66
N ARG B 228 -67.55 -3.65 -22.88
CA ARG B 228 -66.89 -2.93 -21.80
C ARG B 228 -65.37 -3.07 -21.89
N ASN B 229 -64.90 -4.19 -22.43
CA ASN B 229 -63.48 -4.47 -22.58
C ASN B 229 -63.18 -4.78 -24.04
N LEU B 230 -61.99 -4.38 -24.49
CA LEU B 230 -61.58 -4.64 -25.87
C LEU B 230 -60.05 -4.69 -25.91
N SER B 231 -59.52 -5.91 -25.99
CA SER B 231 -58.07 -6.12 -26.03
C SER B 231 -57.63 -6.28 -27.48
N LEU B 232 -56.74 -5.42 -27.93
CA LEU B 232 -56.20 -5.45 -29.28
C LEU B 232 -54.68 -5.54 -29.25
N SER B 233 -54.16 -6.37 -28.34
CA SER B 233 -52.71 -6.49 -28.18
C SER B 233 -52.09 -7.18 -29.39
N ASN B 234 -50.93 -6.65 -29.81
CA ASN B 234 -50.16 -7.23 -30.92
C ASN B 234 -51.02 -7.34 -32.17
N SER B 235 -51.80 -6.30 -32.44
CA SER B 235 -52.68 -6.27 -33.60
C SER B 235 -52.07 -5.52 -34.78
N GLN B 236 -50.77 -5.20 -34.71
CA GLN B 236 -50.09 -4.45 -35.77
C GLN B 236 -50.78 -3.12 -36.06
N LEU B 237 -51.23 -2.45 -35.00
CA LEU B 237 -51.85 -1.15 -35.12
C LEU B 237 -50.75 -0.09 -35.14
N SER B 238 -50.14 0.09 -36.32
CA SER B 238 -49.01 1.00 -36.42
C SER B 238 -49.43 2.45 -36.20
N THR B 239 -50.56 2.86 -36.74
CA THR B 239 -50.97 4.27 -36.68
C THR B 239 -52.43 4.37 -36.32
N THR B 240 -52.76 5.38 -35.51
CA THR B 240 -54.14 5.70 -35.14
C THR B 240 -54.47 7.12 -35.58
N SER B 241 -55.76 7.40 -35.69
CA SER B 241 -56.24 8.71 -36.13
C SER B 241 -57.48 9.06 -35.32
N ASN B 242 -58.03 10.25 -35.56
CA ASN B 242 -59.23 10.63 -34.85
C ASN B 242 -60.48 9.87 -35.29
N THR B 243 -60.39 9.04 -36.33
CA THR B 243 -61.51 8.23 -36.77
C THR B 243 -61.29 6.73 -36.60
N THR B 244 -60.15 6.30 -36.05
CA THR B 244 -59.93 4.87 -35.86
C THR B 244 -60.93 4.30 -34.86
N PHE B 245 -61.17 5.00 -33.76
CA PHE B 245 -62.09 4.57 -32.72
C PHE B 245 -63.42 5.33 -32.78
N LEU B 246 -63.85 5.75 -33.96
CA LEU B 246 -65.11 6.46 -34.07
C LEU B 246 -66.27 5.56 -33.69
N GLY B 247 -66.21 4.28 -34.09
CA GLY B 247 -67.28 3.36 -33.79
C GLY B 247 -67.51 3.13 -32.32
N LEU B 248 -66.54 3.46 -31.48
CA LEU B 248 -66.70 3.33 -30.03
C LEU B 248 -67.38 4.54 -29.40
N LYS B 249 -67.74 5.54 -30.20
CA LYS B 249 -68.45 6.70 -29.65
C LYS B 249 -69.81 6.31 -29.09
N TRP B 250 -70.46 5.32 -29.69
CA TRP B 250 -71.81 4.93 -29.31
C TRP B 250 -71.86 3.87 -28.22
N THR B 251 -70.72 3.46 -27.69
CA THR B 251 -70.68 2.44 -26.65
C THR B 251 -70.10 3.01 -25.37
N ASN B 252 -69.93 2.15 -24.37
CA ASN B 252 -69.43 2.56 -23.07
C ASN B 252 -68.17 1.78 -22.70
N LEU B 253 -67.23 1.70 -23.64
CA LEU B 253 -66.00 0.96 -23.42
C LEU B 253 -65.22 1.54 -22.25
N THR B 254 -64.72 0.68 -21.38
CA THR B 254 -63.98 1.09 -20.21
C THR B 254 -62.53 0.62 -20.20
N MET B 255 -62.23 -0.55 -20.75
CA MET B 255 -60.89 -1.10 -20.80
C MET B 255 -60.48 -1.29 -22.26
N LEU B 256 -59.34 -0.71 -22.63
CA LEU B 256 -58.79 -0.83 -23.96
C LEU B 256 -57.32 -1.21 -23.87
N ASP B 257 -56.91 -2.22 -24.62
CA ASP B 257 -55.54 -2.70 -24.64
C ASP B 257 -54.95 -2.52 -26.03
N LEU B 258 -53.80 -1.85 -26.09
CA LEU B 258 -53.10 -1.60 -27.34
C LEU B 258 -51.63 -1.97 -27.23
N SER B 259 -51.30 -2.88 -26.32
CA SER B 259 -49.91 -3.26 -26.09
C SER B 259 -49.33 -4.06 -27.25
N TYR B 260 -48.02 -3.92 -27.44
CA TYR B 260 -47.25 -4.66 -28.45
C TYR B 260 -47.76 -4.39 -29.86
N ASN B 261 -48.42 -3.27 -30.08
CA ASN B 261 -48.97 -2.95 -31.38
C ASN B 261 -47.99 -2.20 -32.27
N ASN B 262 -46.79 -1.92 -31.78
CA ASN B 262 -45.80 -1.15 -32.54
C ASN B 262 -46.37 0.17 -33.02
N LEU B 263 -47.08 0.85 -32.12
CA LEU B 263 -47.74 2.11 -32.44
C LEU B 263 -46.69 3.20 -32.63
N ASN B 264 -46.36 3.48 -33.89
CA ASN B 264 -45.28 4.44 -34.17
C ASN B 264 -45.67 5.85 -33.77
N VAL B 265 -46.86 6.29 -34.18
CA VAL B 265 -47.35 7.62 -33.84
C VAL B 265 -48.80 7.50 -33.39
N VAL B 266 -49.24 8.50 -32.62
CA VAL B 266 -50.62 8.59 -32.15
C VAL B 266 -51.21 9.87 -32.74
N GLY B 267 -52.34 9.73 -33.41
CA GLY B 267 -52.93 10.87 -34.09
C GLY B 267 -53.53 11.87 -33.14
N ASN B 268 -53.70 13.08 -33.66
CA ASN B 268 -54.34 14.16 -32.91
C ASN B 268 -55.81 13.84 -32.68
N ASP B 269 -56.26 13.98 -31.42
CA ASP B 269 -57.64 13.72 -31.04
C ASP B 269 -58.07 12.29 -31.40
N SER B 270 -57.16 11.33 -31.22
CA SER B 270 -57.47 9.94 -31.55
C SER B 270 -58.43 9.33 -30.56
N PHE B 271 -58.25 9.60 -29.26
CA PHE B 271 -59.05 8.97 -28.21
C PHE B 271 -60.13 9.88 -27.66
N ALA B 272 -60.59 10.86 -28.45
CA ALA B 272 -61.67 11.73 -28.02
C ALA B 272 -63.01 11.02 -28.00
N TRP B 273 -63.10 9.80 -28.53
CA TRP B 273 -64.33 9.05 -28.61
C TRP B 273 -64.48 8.04 -27.47
N LEU B 274 -63.70 8.17 -26.41
CA LEU B 274 -63.75 7.27 -25.26
C LEU B 274 -63.90 8.09 -23.98
N PRO B 275 -65.10 8.62 -23.73
CA PRO B 275 -65.32 9.36 -22.49
C PRO B 275 -65.50 8.48 -21.26
N GLN B 276 -65.83 7.20 -21.45
CA GLN B 276 -66.05 6.29 -20.34
C GLN B 276 -64.86 5.39 -20.07
N LEU B 277 -63.73 5.61 -20.75
CA LEU B 277 -62.55 4.80 -20.56
C LEU B 277 -61.99 4.98 -19.15
N GLU B 278 -61.61 3.87 -18.52
CA GLU B 278 -61.10 3.91 -17.15
C GLU B 278 -59.75 3.23 -17.03
N TYR B 279 -59.48 2.26 -17.90
CA TYR B 279 -58.23 1.51 -17.90
C TYR B 279 -57.67 1.49 -19.31
N PHE B 280 -56.55 2.17 -19.51
CA PHE B 280 -55.91 2.29 -20.80
C PHE B 280 -54.51 1.70 -20.73
N PHE B 281 -54.17 0.87 -21.71
CA PHE B 281 -52.89 0.18 -21.76
C PHE B 281 -52.16 0.57 -23.03
N LEU B 282 -50.88 0.92 -22.90
CA LEU B 282 -50.06 1.25 -24.05
C LEU B 282 -48.65 0.69 -23.95
N GLU B 283 -48.45 -0.31 -23.11
CA GLU B 283 -47.10 -0.81 -22.84
C GLU B 283 -46.49 -1.47 -24.05
N TYR B 284 -45.15 -1.36 -24.15
CA TYR B 284 -44.36 -1.98 -25.20
C TYR B 284 -44.82 -1.53 -26.59
N ASN B 285 -44.67 -0.23 -26.83
CA ASN B 285 -44.98 0.37 -28.12
C ASN B 285 -43.74 1.08 -28.64
N ASN B 286 -43.90 1.79 -29.75
CA ASN B 286 -42.82 2.50 -30.42
C ASN B 286 -43.23 3.94 -30.73
N ILE B 287 -43.83 4.60 -29.75
CA ILE B 287 -44.26 5.97 -29.95
C ILE B 287 -43.05 6.90 -29.97
N GLN B 288 -42.97 7.74 -31.00
CA GLN B 288 -41.87 8.67 -31.16
C GLN B 288 -42.21 10.09 -30.73
N HIS B 289 -43.49 10.44 -30.67
CA HIS B 289 -43.90 11.80 -30.31
C HIS B 289 -45.32 11.77 -29.79
N LEU B 290 -45.53 12.39 -28.64
CA LEU B 290 -46.85 12.50 -28.02
C LEU B 290 -47.31 13.94 -28.08
N PHE B 291 -48.44 14.19 -28.74
CA PHE B 291 -48.92 15.55 -28.94
C PHE B 291 -49.67 16.04 -27.70
N SER B 292 -49.89 17.36 -27.66
CA SER B 292 -50.63 17.95 -26.55
C SER B 292 -52.08 17.48 -26.52
N HIS B 293 -52.70 17.39 -27.70
CA HIS B 293 -54.07 16.93 -27.82
C HIS B 293 -54.16 15.44 -28.13
N SER B 294 -53.04 14.71 -28.02
CA SER B 294 -53.05 13.29 -28.34
C SER B 294 -53.96 12.51 -27.40
N LEU B 295 -53.93 12.83 -26.11
CA LEU B 295 -54.75 12.15 -25.11
C LEU B 295 -56.04 12.91 -24.79
N HIS B 296 -56.56 13.65 -25.75
CA HIS B 296 -57.77 14.43 -25.54
C HIS B 296 -58.97 13.50 -25.38
N GLY B 297 -59.91 13.92 -24.53
CA GLY B 297 -61.13 13.18 -24.34
C GLY B 297 -61.05 12.02 -23.37
N LEU B 298 -59.93 11.85 -22.68
CA LEU B 298 -59.74 10.76 -21.72
C LEU B 298 -59.86 11.23 -20.29
N PHE B 299 -60.78 12.14 -19.99
CA PHE B 299 -60.89 12.74 -18.67
C PHE B 299 -61.45 11.79 -17.62
N ASN B 300 -61.67 10.51 -17.94
CA ASN B 300 -62.21 9.56 -16.98
C ASN B 300 -61.28 8.37 -16.76
N VAL B 301 -60.07 8.39 -17.32
CA VAL B 301 -59.15 7.28 -17.17
C VAL B 301 -58.63 7.26 -15.73
N ARG B 302 -58.67 6.08 -15.10
CA ARG B 302 -58.18 5.93 -13.74
C ARG B 302 -56.87 5.17 -13.65
N TYR B 303 -56.40 4.59 -14.75
CA TYR B 303 -55.15 3.83 -14.72
C TYR B 303 -54.55 3.82 -16.12
N LEU B 304 -53.38 4.45 -16.28
CA LEU B 304 -52.68 4.50 -17.55
C LEU B 304 -51.32 3.83 -17.39
N ASN B 305 -51.00 2.93 -18.33
CA ASN B 305 -49.75 2.21 -18.33
C ASN B 305 -48.95 2.62 -19.57
N LEU B 306 -47.70 3.03 -19.35
CA LEU B 306 -46.83 3.49 -20.42
C LEU B 306 -45.45 2.86 -20.32
N LYS B 307 -45.39 1.59 -19.91
CA LYS B 307 -44.13 0.90 -19.77
C LYS B 307 -43.57 0.54 -21.14
N ARG B 308 -42.41 1.10 -21.47
CA ARG B 308 -41.78 0.91 -22.78
C ARG B 308 -42.69 1.38 -23.91
N SER B 309 -43.56 2.34 -23.63
CA SER B 309 -44.49 2.82 -24.64
C SER B 309 -43.83 3.75 -25.64
N PHE B 310 -42.65 4.28 -25.33
CA PHE B 310 -41.98 5.22 -26.21
C PHE B 310 -40.76 4.56 -26.84
N THR B 311 -40.29 5.17 -27.93
CA THR B 311 -39.19 4.61 -28.70
C THR B 311 -37.89 4.64 -27.90
N LYS B 312 -37.04 3.65 -28.14
CA LYS B 312 -35.73 3.59 -27.52
C LYS B 312 -34.75 4.47 -28.27
N GLN B 313 -33.66 4.84 -27.58
CA GLN B 313 -32.65 5.69 -28.19
C GLN B 313 -31.89 4.91 -29.26
N SER B 314 -31.55 5.60 -30.34
CA SER B 314 -30.75 5.04 -31.42
C SER B 314 -29.59 5.98 -31.71
N ILE B 315 -28.37 5.44 -31.76
CA ILE B 315 -27.20 6.26 -32.01
C ILE B 315 -27.22 6.83 -33.43
N SER B 316 -27.96 6.21 -34.35
CA SER B 316 -27.98 6.68 -35.73
C SER B 316 -28.61 8.06 -35.84
N LEU B 317 -29.70 8.31 -35.11
CA LEU B 317 -30.44 9.56 -35.22
C LEU B 317 -30.72 10.25 -33.90
N ALA B 318 -30.48 9.59 -32.76
CA ALA B 318 -30.80 10.15 -31.45
C ALA B 318 -32.26 10.59 -31.36
N SER B 319 -33.14 9.73 -31.86
CA SER B 319 -34.58 10.03 -31.91
C SER B 319 -35.19 9.78 -30.52
N LEU B 320 -34.84 10.67 -29.60
CA LEU B 320 -35.39 10.60 -28.25
C LEU B 320 -36.87 10.94 -28.28
N PRO B 321 -37.72 10.14 -27.65
CA PRO B 321 -39.17 10.42 -27.66
C PRO B 321 -39.47 11.71 -26.90
N LYS B 322 -40.00 12.70 -27.62
CA LYS B 322 -40.32 14.00 -27.06
C LYS B 322 -41.79 14.04 -26.66
N ILE B 323 -42.04 14.50 -25.44
CA ILE B 323 -43.40 14.67 -24.92
C ILE B 323 -43.70 16.16 -24.85
N ASP B 324 -44.74 16.59 -25.56
CA ASP B 324 -45.08 18.01 -25.59
C ASP B 324 -45.64 18.46 -24.25
N ASP B 325 -45.58 19.77 -24.01
CA ASP B 325 -46.08 20.33 -22.76
C ASP B 325 -47.60 20.21 -22.69
N PHE B 326 -48.11 20.07 -21.47
CA PHE B 326 -49.54 19.91 -21.21
C PHE B 326 -50.12 18.70 -21.92
N SER B 327 -49.31 17.65 -22.11
CA SER B 327 -49.80 16.46 -22.79
C SER B 327 -50.72 15.63 -21.90
N PHE B 328 -50.54 15.70 -20.58
CA PHE B 328 -51.37 14.97 -19.63
C PHE B 328 -52.43 15.85 -18.98
N GLN B 329 -52.67 17.03 -19.53
CA GLN B 329 -53.64 17.95 -18.94
C GLN B 329 -55.06 17.42 -19.00
N TRP B 330 -55.34 16.48 -19.90
CA TRP B 330 -56.71 15.98 -20.06
C TRP B 330 -57.08 14.91 -19.04
N LEU B 331 -56.10 14.20 -18.48
CA LEU B 331 -56.37 13.12 -17.54
C LEU B 331 -56.72 13.71 -16.19
N LYS B 332 -57.95 14.21 -16.07
CA LYS B 332 -58.38 14.83 -14.83
C LYS B 332 -58.53 13.82 -13.71
N CYS B 333 -59.03 12.62 -14.02
CA CYS B 333 -59.32 11.61 -13.02
C CYS B 333 -58.24 10.53 -12.95
N LEU B 334 -57.07 10.79 -13.51
CA LEU B 334 -55.98 9.82 -13.47
C LEU B 334 -55.54 9.59 -12.04
N GLU B 335 -55.34 8.32 -11.68
CA GLU B 335 -54.93 7.95 -10.33
C GLU B 335 -53.74 7.00 -10.30
N HIS B 336 -53.25 6.55 -11.45
CA HIS B 336 -52.16 5.59 -11.48
C HIS B 336 -51.48 5.70 -12.83
N LEU B 337 -50.19 6.04 -12.85
CA LEU B 337 -49.44 6.21 -14.08
C LEU B 337 -48.16 5.38 -13.98
N ASN B 338 -48.18 4.20 -14.56
CA ASN B 338 -46.99 3.35 -14.66
C ASN B 338 -46.26 3.76 -15.94
N MET B 339 -45.05 4.31 -15.78
CA MET B 339 -44.35 4.96 -16.88
C MET B 339 -42.88 4.56 -16.84
N GLU B 340 -42.62 3.27 -16.65
CA GLU B 340 -41.28 2.71 -16.47
C GLU B 340 -40.63 2.35 -17.81
N ASP B 341 -39.30 2.24 -17.77
CA ASP B 341 -38.49 1.78 -18.91
C ASP B 341 -38.77 2.60 -20.16
N ASN B 342 -38.47 3.89 -20.05
CA ASN B 342 -38.62 4.81 -21.17
C ASN B 342 -37.33 5.59 -21.36
N ASP B 343 -37.27 6.35 -22.45
CA ASP B 343 -36.06 7.07 -22.83
C ASP B 343 -36.35 8.56 -22.99
N ILE B 344 -37.08 9.12 -22.06
CA ILE B 344 -37.43 10.55 -22.12
C ILE B 344 -36.19 11.38 -21.83
N PRO B 345 -35.94 12.46 -22.59
CA PRO B 345 -34.77 13.30 -22.30
C PRO B 345 -34.79 13.90 -20.90
N GLY B 346 -35.96 14.30 -20.40
CA GLY B 346 -36.03 14.89 -19.08
C GLY B 346 -37.44 15.38 -18.78
N ILE B 347 -37.57 15.92 -17.57
CA ILE B 347 -38.83 16.47 -17.08
C ILE B 347 -38.87 17.96 -17.36
N LYS B 348 -40.01 18.44 -17.82
CA LYS B 348 -40.22 19.85 -18.12
C LYS B 348 -41.13 20.47 -17.06
N SER B 349 -41.34 21.78 -17.17
CA SER B 349 -42.16 22.50 -16.21
C SER B 349 -43.65 22.26 -16.38
N ASN B 350 -44.08 21.70 -17.51
CA ASN B 350 -45.49 21.48 -17.76
C ASN B 350 -45.78 20.04 -18.19
N MET B 351 -44.85 19.12 -17.93
CA MET B 351 -45.05 17.74 -18.38
C MET B 351 -46.22 17.08 -17.67
N PHE B 352 -46.37 17.33 -16.36
CA PHE B 352 -47.40 16.68 -15.57
C PHE B 352 -48.51 17.63 -15.13
N THR B 353 -48.62 18.79 -15.78
CA THR B 353 -49.64 19.75 -15.41
C THR B 353 -51.02 19.20 -15.75
N GLY B 354 -51.98 19.44 -14.87
CA GLY B 354 -53.36 19.04 -15.08
C GLY B 354 -53.79 17.81 -14.31
N LEU B 355 -52.85 17.03 -13.79
CA LEU B 355 -53.19 15.82 -13.04
C LEU B 355 -53.54 16.24 -11.62
N ILE B 356 -54.83 16.54 -11.40
CA ILE B 356 -55.26 17.02 -10.09
C ILE B 356 -55.75 15.90 -9.18
N ASN B 357 -55.84 14.66 -9.68
CA ASN B 357 -56.27 13.52 -8.89
C ASN B 357 -55.22 12.42 -8.87
N LEU B 358 -54.01 12.69 -9.34
CA LEU B 358 -52.98 11.67 -9.41
C LEU B 358 -52.56 11.25 -8.01
N LYS B 359 -52.37 9.95 -7.82
CA LYS B 359 -51.95 9.41 -6.54
C LYS B 359 -50.78 8.45 -6.62
N TYR B 360 -50.32 8.08 -7.82
CA TYR B 360 -49.22 7.14 -7.95
C TYR B 360 -48.50 7.41 -9.26
N LEU B 361 -47.23 7.81 -9.17
CA LEU B 361 -46.40 8.07 -10.34
C LEU B 361 -45.15 7.22 -10.23
N SER B 362 -44.90 6.40 -11.24
CA SER B 362 -43.72 5.54 -11.29
C SER B 362 -42.84 5.98 -12.44
N LEU B 363 -41.59 6.28 -12.15
CA LEU B 363 -40.63 6.73 -13.16
C LEU B 363 -39.36 5.92 -13.10
N SER B 364 -39.49 4.60 -12.91
CA SER B 364 -38.34 3.72 -12.83
C SER B 364 -37.70 3.58 -14.20
N ASN B 365 -36.46 4.07 -14.34
CA ASN B 365 -35.73 4.05 -15.60
C ASN B 365 -36.48 4.75 -16.73
N SER B 366 -37.24 5.79 -16.38
CA SER B 366 -38.05 6.50 -17.36
C SER B 366 -37.26 7.51 -18.18
N PHE B 367 -36.08 7.91 -17.73
CA PHE B 367 -35.29 8.94 -18.41
C PHE B 367 -33.88 8.43 -18.65
N THR B 368 -33.32 8.86 -19.78
CA THR B 368 -31.97 8.44 -20.13
C THR B 368 -30.94 9.01 -19.15
N SER B 369 -31.05 10.29 -18.83
CA SER B 369 -30.05 10.92 -17.96
C SER B 369 -30.73 12.05 -17.19
N LEU B 370 -31.31 11.72 -16.03
CA LEU B 370 -31.76 12.72 -15.08
C LEU B 370 -30.72 12.88 -13.97
N ARG B 371 -29.63 13.57 -14.33
CA ARG B 371 -28.48 13.68 -13.42
C ARG B 371 -28.80 14.53 -12.21
N THR B 372 -29.39 15.70 -12.42
CA THR B 372 -29.60 16.68 -11.35
C THR B 372 -31.09 16.86 -11.11
N LEU B 373 -31.49 16.84 -9.83
CA LEU B 373 -32.88 17.09 -9.45
C LEU B 373 -33.01 18.54 -9.00
N THR B 374 -33.14 19.43 -9.97
CA THR B 374 -33.34 20.85 -9.69
C THR B 374 -34.68 21.06 -8.98
N ASN B 375 -34.72 22.08 -8.13
CA ASN B 375 -35.93 22.35 -7.34
C ASN B 375 -37.11 22.74 -8.22
N GLU B 376 -36.89 23.06 -9.49
CA GLU B 376 -37.96 23.34 -10.43
C GLU B 376 -38.37 22.12 -11.26
N THR B 377 -37.79 20.95 -10.98
CA THR B 377 -38.11 19.77 -11.77
C THR B 377 -39.55 19.31 -11.54
N PHE B 378 -39.98 19.24 -10.29
CA PHE B 378 -41.32 18.75 -9.95
C PHE B 378 -42.32 19.89 -9.77
N VAL B 379 -42.11 21.00 -10.48
CA VAL B 379 -43.03 22.13 -10.36
C VAL B 379 -44.37 21.76 -10.98
N SER B 380 -44.35 20.90 -12.00
CA SER B 380 -45.60 20.49 -12.62
C SER B 380 -46.43 19.63 -11.69
N LEU B 381 -45.83 19.07 -10.64
CA LEU B 381 -46.53 18.23 -9.69
C LEU B 381 -46.94 19.00 -8.43
N ALA B 382 -47.05 20.32 -8.51
CA ALA B 382 -47.39 21.12 -7.34
C ALA B 382 -48.80 20.84 -6.84
N HIS B 383 -49.77 20.78 -7.76
CA HIS B 383 -51.16 20.56 -7.38
C HIS B 383 -51.57 19.10 -7.41
N SER B 384 -50.67 18.20 -7.80
CA SER B 384 -51.00 16.78 -7.83
C SER B 384 -50.88 16.17 -6.44
N PRO B 385 -51.93 15.56 -5.92
CA PRO B 385 -51.86 14.92 -4.58
C PRO B 385 -51.15 13.59 -4.62
N LEU B 386 -49.87 13.62 -4.97
CA LEU B 386 -49.09 12.40 -5.08
C LEU B 386 -48.89 11.75 -3.72
N HIS B 387 -48.86 10.43 -3.71
CA HIS B 387 -48.57 9.67 -2.51
C HIS B 387 -47.32 8.81 -2.63
N ILE B 388 -47.11 8.18 -3.79
CA ILE B 388 -45.95 7.33 -4.01
C ILE B 388 -45.25 7.79 -5.27
N LEU B 389 -43.95 8.03 -5.16
CA LEU B 389 -43.12 8.42 -6.29
C LEU B 389 -41.94 7.46 -6.38
N ASN B 390 -41.69 6.93 -7.56
CA ASN B 390 -40.64 5.96 -7.79
C ASN B 390 -39.64 6.55 -8.77
N LEU B 391 -38.36 6.54 -8.39
CA LEU B 391 -37.30 7.14 -9.20
C LEU B 391 -36.06 6.26 -9.22
N THR B 392 -36.25 4.96 -9.42
CA THR B 392 -35.15 4.02 -9.47
C THR B 392 -34.57 3.92 -10.88
N LYS B 393 -33.27 3.63 -10.94
CA LYS B 393 -32.55 3.41 -12.20
C LYS B 393 -32.65 4.60 -13.14
N ASN B 394 -32.75 5.80 -12.59
CA ASN B 394 -32.75 7.02 -13.39
C ASN B 394 -31.37 7.65 -13.49
N LYS B 395 -30.35 7.02 -12.92
CA LYS B 395 -28.98 7.52 -12.95
C LYS B 395 -28.90 8.94 -12.36
N ILE B 396 -29.66 9.18 -11.30
CA ILE B 396 -29.64 10.48 -10.64
C ILE B 396 -28.30 10.64 -9.91
N SER B 397 -27.64 11.77 -10.16
CA SER B 397 -26.32 12.02 -9.60
C SER B 397 -26.29 13.12 -8.55
N LYS B 398 -27.29 13.99 -8.50
CA LYS B 398 -27.28 15.09 -7.56
C LYS B 398 -28.71 15.51 -7.26
N ILE B 399 -28.97 15.83 -5.99
CA ILE B 399 -30.26 16.35 -5.56
C ILE B 399 -30.02 17.69 -4.88
N GLU B 400 -30.57 18.75 -5.46
CA GLU B 400 -30.40 20.08 -4.91
C GLU B 400 -31.47 20.37 -3.85
N SER B 401 -31.30 21.49 -3.15
CA SER B 401 -32.22 21.87 -2.11
C SER B 401 -33.59 22.20 -2.67
N ASP B 402 -34.62 21.96 -1.86
CA ASP B 402 -36.02 22.22 -2.22
C ASP B 402 -36.45 21.43 -3.45
N ALA B 403 -35.80 20.29 -3.70
CA ALA B 403 -36.16 19.48 -4.86
C ALA B 403 -37.57 18.93 -4.74
N PHE B 404 -37.96 18.49 -3.54
CA PHE B 404 -39.27 17.92 -3.30
C PHE B 404 -40.18 18.88 -2.52
N SER B 405 -39.97 20.17 -2.69
CA SER B 405 -40.78 21.17 -1.99
C SER B 405 -42.19 21.27 -2.54
N TRP B 406 -42.48 20.65 -3.68
CA TRP B 406 -43.81 20.73 -4.25
C TRP B 406 -44.70 19.55 -3.88
N LEU B 407 -44.13 18.45 -3.38
CA LEU B 407 -44.89 17.26 -3.04
C LEU B 407 -45.23 17.30 -1.55
N GLY B 408 -46.26 18.10 -1.22
CA GLY B 408 -46.68 18.22 0.16
C GLY B 408 -47.42 17.01 0.68
N HIS B 409 -48.04 16.23 -0.19
CA HIS B 409 -48.78 15.03 0.19
C HIS B 409 -47.98 13.75 0.00
N LEU B 410 -46.71 13.86 -0.39
CA LEU B 410 -45.90 12.68 -0.66
C LEU B 410 -45.70 11.85 0.60
N GLU B 411 -45.83 10.54 0.45
CA GLU B 411 -45.66 9.62 1.57
C GLU B 411 -44.55 8.61 1.36
N VAL B 412 -44.40 8.08 0.16
CA VAL B 412 -43.36 7.10 -0.16
C VAL B 412 -42.48 7.67 -1.27
N LEU B 413 -41.18 7.73 -1.02
CA LEU B 413 -40.21 8.18 -2.00
C LEU B 413 -39.20 7.06 -2.23
N ASP B 414 -39.01 6.69 -3.50
CA ASP B 414 -38.09 5.61 -3.87
C ASP B 414 -36.99 6.22 -4.74
N LEU B 415 -35.83 6.48 -4.12
CA LEU B 415 -34.66 7.02 -4.81
C LEU B 415 -33.53 6.01 -4.91
N GLY B 416 -33.82 4.73 -4.74
CA GLY B 416 -32.79 3.71 -4.76
C GLY B 416 -32.32 3.36 -6.15
N LEU B 417 -31.26 2.52 -6.17
CA LEU B 417 -30.67 2.04 -7.42
C LEU B 417 -30.27 3.18 -8.34
N ASN B 418 -29.70 4.23 -7.75
CA ASN B 418 -29.22 5.39 -8.49
C ASN B 418 -27.72 5.55 -8.26
N GLU B 419 -27.19 6.66 -8.76
CA GLU B 419 -25.78 7.01 -8.59
C GLU B 419 -25.66 8.32 -7.84
N ILE B 420 -26.45 8.48 -6.78
CA ILE B 420 -26.51 9.73 -6.03
C ILE B 420 -25.27 9.82 -5.15
N GLY B 421 -24.36 10.72 -5.50
CA GLY B 421 -23.21 11.00 -4.66
C GLY B 421 -23.15 12.45 -4.27
N GLN B 422 -23.37 12.74 -2.99
CA GLN B 422 -23.45 14.12 -2.51
C GLN B 422 -23.37 14.08 -0.99
N GLU B 423 -23.56 15.23 -0.37
CA GLU B 423 -23.67 15.35 1.07
C GLU B 423 -25.08 15.82 1.43
N LEU B 424 -25.77 15.05 2.26
CA LEU B 424 -27.14 15.40 2.62
C LEU B 424 -27.14 16.56 3.60
N THR B 425 -27.29 17.78 3.07
CA THR B 425 -27.36 18.95 3.93
C THR B 425 -28.65 19.02 4.74
N GLY B 426 -29.68 18.29 4.34
CA GLY B 426 -30.94 18.28 5.04
C GLY B 426 -32.01 19.13 4.40
N GLN B 427 -31.64 20.04 3.50
CA GLN B 427 -32.63 20.88 2.85
C GLN B 427 -33.29 20.21 1.67
N GLU B 428 -32.82 19.04 1.26
CA GLU B 428 -33.43 18.35 0.13
C GLU B 428 -34.80 17.80 0.45
N TRP B 429 -35.10 17.58 1.73
CA TRP B 429 -36.35 16.98 2.16
C TRP B 429 -37.38 18.01 2.63
N ARG B 430 -37.12 19.30 2.40
CA ARG B 430 -38.08 20.32 2.81
C ARG B 430 -39.38 20.19 2.02
N GLY B 431 -40.50 20.37 2.71
CA GLY B 431 -41.81 20.27 2.10
C GLY B 431 -42.47 18.92 2.20
N LEU B 432 -41.74 17.89 2.63
CA LEU B 432 -42.31 16.55 2.80
C LEU B 432 -42.91 16.44 4.21
N GLU B 433 -44.03 17.15 4.38
CA GLU B 433 -44.70 17.19 5.68
C GLU B 433 -45.43 15.90 6.02
N ASN B 434 -45.73 15.06 5.03
CA ASN B 434 -46.46 13.82 5.25
C ASN B 434 -45.67 12.62 4.76
N ILE B 435 -44.34 12.73 4.71
CA ILE B 435 -43.52 11.65 4.21
C ILE B 435 -43.50 10.52 5.24
N PHE B 436 -43.51 9.28 4.74
CA PHE B 436 -43.47 8.10 5.60
C PHE B 436 -42.25 7.22 5.33
N GLU B 437 -41.96 6.91 4.07
CA GLU B 437 -40.89 6.00 3.70
C GLU B 437 -39.99 6.67 2.66
N ILE B 438 -38.69 6.58 2.85
CA ILE B 438 -37.70 7.08 1.91
C ILE B 438 -36.70 5.97 1.63
N TYR B 439 -36.55 5.61 0.35
CA TYR B 439 -35.63 4.56 -0.05
C TYR B 439 -34.43 5.18 -0.75
N LEU B 440 -33.23 4.81 -0.30
CA LEU B 440 -32.01 5.36 -0.87
C LEU B 440 -30.94 4.31 -1.10
N SER B 441 -31.31 3.03 -1.10
CA SER B 441 -30.33 1.96 -1.18
C SER B 441 -29.67 1.91 -2.55
N TYR B 442 -28.46 1.35 -2.58
CA TYR B 442 -27.70 1.14 -3.81
C TYR B 442 -27.41 2.46 -4.52
N ASN B 443 -26.73 3.34 -3.80
CA ASN B 443 -26.27 4.61 -4.36
C ASN B 443 -24.75 4.63 -4.40
N LYS B 444 -24.20 5.74 -4.86
CA LYS B 444 -22.75 5.86 -4.98
C LYS B 444 -22.10 6.09 -3.62
N TYR B 445 -22.43 7.21 -2.98
CA TYR B 445 -21.93 7.50 -1.64
C TYR B 445 -22.76 8.64 -1.06
N LEU B 446 -23.11 8.50 0.22
CA LEU B 446 -23.89 9.50 0.94
C LEU B 446 -23.13 9.96 2.17
N GLN B 447 -23.14 11.27 2.41
CA GLN B 447 -22.46 11.86 3.55
C GLN B 447 -23.51 12.54 4.43
N LEU B 448 -23.79 11.93 5.58
CA LEU B 448 -24.82 12.45 6.47
C LEU B 448 -24.30 13.64 7.27
N THR B 449 -25.25 14.45 7.74
CA THR B 449 -24.97 15.65 8.52
C THR B 449 -25.86 15.62 9.75
N ARG B 450 -25.59 16.53 10.69
CA ARG B 450 -26.35 16.57 11.93
C ARG B 450 -27.85 16.74 11.67
N ASN B 451 -28.20 17.60 10.71
CA ASN B 451 -29.58 17.91 10.39
C ASN B 451 -29.98 17.34 9.03
N SER B 452 -29.50 16.14 8.71
CA SER B 452 -29.83 15.53 7.43
C SER B 452 -31.32 15.24 7.32
N PHE B 453 -31.93 14.74 8.39
CA PHE B 453 -33.34 14.39 8.39
C PHE B 453 -34.13 15.19 9.43
N ALA B 454 -33.71 16.42 9.68
CA ALA B 454 -34.40 17.26 10.66
C ALA B 454 -35.68 17.87 10.12
N LEU B 455 -35.87 17.88 8.81
CA LEU B 455 -37.05 18.47 8.21
C LEU B 455 -38.16 17.47 7.92
N VAL B 456 -37.96 16.20 8.25
CA VAL B 456 -38.97 15.17 8.02
C VAL B 456 -39.18 14.35 9.28
N PRO B 457 -39.74 14.92 10.34
CA PRO B 457 -39.96 14.14 11.57
C PRO B 457 -40.97 13.02 11.43
N SER B 458 -41.80 13.01 10.38
CA SER B 458 -42.81 12.00 10.20
C SER B 458 -42.28 10.74 9.53
N LEU B 459 -40.99 10.70 9.20
CA LEU B 459 -40.41 9.56 8.50
C LEU B 459 -40.50 8.30 9.37
N GLN B 460 -40.81 7.17 8.72
CA GLN B 460 -40.91 5.89 9.40
C GLN B 460 -40.00 4.81 8.83
N ARG B 461 -39.65 4.88 7.54
CA ARG B 461 -38.74 3.93 6.92
C ARG B 461 -37.57 4.68 6.30
N LEU B 462 -36.37 4.11 6.48
CA LEU B 462 -35.16 4.72 5.91
C LEU B 462 -34.20 3.59 5.56
N MET B 463 -34.15 3.25 4.27
CA MET B 463 -33.29 2.18 3.78
C MET B 463 -32.03 2.79 3.19
N LEU B 464 -30.87 2.37 3.68
CA LEU B 464 -29.57 2.85 3.24
C LEU B 464 -28.63 1.68 2.99
N ARG B 465 -29.13 0.67 2.29
CA ARG B 465 -28.34 -0.52 2.03
C ARG B 465 -27.35 -0.28 0.90
N ARG B 466 -26.08 -0.56 1.16
CA ARG B 466 -24.99 -0.44 0.19
C ARG B 466 -24.95 0.96 -0.41
N VAL B 467 -24.77 1.95 0.46
CA VAL B 467 -24.70 3.35 0.06
C VAL B 467 -23.39 4.01 0.50
N ALA B 468 -22.52 3.29 1.19
CA ALA B 468 -21.24 3.82 1.66
C ALA B 468 -21.44 5.09 2.50
N LEU B 469 -22.12 4.91 3.62
CA LEU B 469 -22.40 6.02 4.51
C LEU B 469 -21.11 6.62 5.06
N LYS B 470 -21.08 7.94 5.17
CA LYS B 470 -19.93 8.65 5.72
C LYS B 470 -20.40 9.64 6.76
N ASN B 471 -19.54 9.89 7.75
CA ASN B 471 -19.83 10.82 8.85
C ASN B 471 -21.11 10.43 9.59
N VAL B 472 -21.38 9.13 9.70
CA VAL B 472 -22.51 8.65 10.47
C VAL B 472 -22.26 8.73 11.96
N ASP B 473 -21.02 8.94 12.37
CA ASP B 473 -20.64 8.99 13.79
C ASP B 473 -20.52 10.43 14.28
N SER B 474 -21.38 11.31 13.80
CA SER B 474 -21.39 12.69 14.30
C SER B 474 -21.87 12.71 15.74
N SER B 475 -21.41 13.73 16.48
CA SER B 475 -21.79 13.85 17.89
C SER B 475 -23.29 13.94 18.09
N PRO B 476 -24.04 14.78 17.36
CA PRO B 476 -25.51 14.67 17.40
C PRO B 476 -25.96 13.59 16.44
N SER B 477 -26.86 12.73 16.91
CA SER B 477 -27.32 11.62 16.08
C SER B 477 -28.16 12.14 14.93
N PRO B 478 -27.82 11.82 13.68
CA PRO B 478 -28.64 12.28 12.55
C PRO B 478 -30.06 11.73 12.56
N PHE B 479 -30.30 10.62 13.25
CA PHE B 479 -31.62 10.02 13.32
C PHE B 479 -32.44 10.52 14.50
N GLN B 480 -31.92 11.47 15.28
CA GLN B 480 -32.65 11.98 16.43
C GLN B 480 -34.00 12.59 16.05
N PRO B 481 -34.12 13.47 15.03
CA PRO B 481 -35.44 14.02 14.70
C PRO B 481 -36.45 12.99 14.26
N LEU B 482 -36.03 11.82 13.79
CA LEU B 482 -36.96 10.78 13.32
C LEU B 482 -37.54 10.05 14.53
N ARG B 483 -38.47 10.73 15.19
CA ARG B 483 -39.08 10.16 16.40
C ARG B 483 -39.99 8.99 16.06
N ASN B 484 -40.56 8.95 14.87
CA ASN B 484 -41.49 7.91 14.46
C ASN B 484 -40.85 6.84 13.59
N LEU B 485 -39.52 6.80 13.53
CA LEU B 485 -38.84 5.82 12.71
C LEU B 485 -39.10 4.41 13.22
N THR B 486 -39.36 3.48 12.32
CA THR B 486 -39.63 2.09 12.67
C THR B 486 -38.67 1.10 12.03
N ILE B 487 -38.30 1.30 10.76
CA ILE B 487 -37.42 0.41 10.04
C ILE B 487 -36.22 1.21 9.56
N LEU B 488 -35.02 0.73 9.90
CA LEU B 488 -33.78 1.36 9.46
C LEU B 488 -32.85 0.28 8.94
N ASP B 489 -32.33 0.48 7.73
CA ASP B 489 -31.45 -0.47 7.08
C ASP B 489 -30.13 0.23 6.78
N LEU B 490 -29.04 -0.31 7.33
CA LEU B 490 -27.70 0.22 7.16
C LEU B 490 -26.73 -0.88 6.80
N SER B 491 -27.13 -1.77 5.90
CA SER B 491 -26.33 -2.94 5.55
C SER B 491 -25.40 -2.64 4.39
N ASN B 492 -24.27 -3.35 4.36
CA ASN B 492 -23.29 -3.27 3.28
C ASN B 492 -22.75 -1.85 3.09
N ASN B 493 -22.67 -1.08 4.15
CA ASN B 493 -22.14 0.27 4.08
C ASN B 493 -20.70 0.37 4.57
N ASN B 494 -20.12 -0.74 5.02
CA ASN B 494 -18.75 -0.75 5.53
C ASN B 494 -18.58 0.27 6.66
N ILE B 495 -19.59 0.35 7.52
CA ILE B 495 -19.55 1.30 8.63
C ILE B 495 -18.54 0.84 9.66
N ALA B 496 -17.71 1.76 10.13
CA ALA B 496 -16.66 1.46 11.09
C ALA B 496 -16.94 1.96 12.49
N ASN B 497 -17.36 3.21 12.64
CA ASN B 497 -17.55 3.82 13.95
C ASN B 497 -19.01 4.19 14.16
N ILE B 498 -19.56 3.76 15.29
CA ILE B 498 -20.93 4.10 15.69
C ILE B 498 -20.88 4.63 17.11
N ASN B 499 -21.56 5.77 17.33
CA ASN B 499 -21.70 6.31 18.66
C ASN B 499 -22.80 5.59 19.43
N ASP B 500 -22.70 5.62 20.75
CA ASP B 500 -23.69 4.95 21.58
C ASP B 500 -25.03 5.66 21.58
N ASP B 501 -25.07 6.93 21.20
CA ASP B 501 -26.30 7.71 21.19
C ASP B 501 -26.88 7.88 19.80
N MET B 502 -26.44 7.08 18.82
CA MET B 502 -26.97 7.22 17.47
C MET B 502 -28.45 6.88 17.41
N LEU B 503 -28.87 5.86 18.16
CA LEU B 503 -30.27 5.43 18.17
C LEU B 503 -31.00 5.90 19.42
N GLU B 504 -30.51 6.96 20.07
CA GLU B 504 -31.16 7.45 21.28
C GLU B 504 -32.48 8.12 20.94
N GLY B 505 -33.53 7.78 21.68
CA GLY B 505 -34.84 8.36 21.51
C GLY B 505 -35.73 7.67 20.51
N LEU B 506 -35.23 6.68 19.78
CA LEU B 506 -36.01 5.95 18.78
C LEU B 506 -36.72 4.77 19.45
N GLU B 507 -37.71 5.12 20.28
CA GLU B 507 -38.46 4.11 21.01
C GLU B 507 -39.30 3.23 20.09
N LYS B 508 -39.80 3.79 18.99
CA LYS B 508 -40.70 3.05 18.11
C LYS B 508 -39.97 2.25 17.05
N LEU B 509 -38.64 2.25 17.06
CA LEU B 509 -37.89 1.45 16.09
C LEU B 509 -38.16 -0.03 16.29
N GLU B 510 -38.41 -0.73 15.18
CA GLU B 510 -38.75 -2.15 15.22
C GLU B 510 -37.76 -3.02 14.47
N ILE B 511 -37.40 -2.65 13.24
CA ILE B 511 -36.51 -3.45 12.41
C ILE B 511 -35.24 -2.65 12.17
N LEU B 512 -34.11 -3.23 12.55
CA LEU B 512 -32.80 -2.62 12.36
C LEU B 512 -31.88 -3.60 11.66
N ASP B 513 -31.24 -3.15 10.58
CA ASP B 513 -30.31 -3.99 9.82
C ASP B 513 -28.94 -3.35 9.83
N LEU B 514 -27.94 -4.14 10.24
CA LEU B 514 -26.56 -3.68 10.28
C LEU B 514 -25.60 -4.74 9.77
N GLN B 515 -26.09 -5.66 8.93
CA GLN B 515 -25.26 -6.74 8.44
C GLN B 515 -24.24 -6.23 7.43
N HIS B 516 -23.18 -7.02 7.25
CA HIS B 516 -22.12 -6.72 6.30
C HIS B 516 -21.47 -5.37 6.58
N ASN B 517 -21.11 -5.15 7.83
CA ASN B 517 -20.39 -3.94 8.22
C ASN B 517 -19.13 -4.31 8.98
N ASN B 518 -18.43 -3.31 9.52
CA ASN B 518 -17.19 -3.54 10.26
C ASN B 518 -17.34 -2.90 11.62
N LEU B 519 -17.93 -3.64 12.56
CA LEU B 519 -18.14 -3.16 13.92
C LEU B 519 -17.46 -4.06 14.95
N ALA B 520 -16.47 -4.84 14.54
CA ALA B 520 -15.83 -5.76 15.46
C ALA B 520 -15.13 -5.00 16.59
N ARG B 521 -14.46 -3.91 16.24
CA ARG B 521 -13.71 -3.16 17.24
C ARG B 521 -14.62 -2.55 18.29
N LEU B 522 -15.83 -2.13 17.90
CA LEU B 522 -16.71 -1.42 18.81
C LEU B 522 -17.19 -2.29 19.96
N TRP B 523 -17.01 -3.61 19.88
CA TRP B 523 -17.53 -4.51 20.89
C TRP B 523 -16.45 -5.26 21.65
N LYS B 524 -15.20 -5.23 21.20
CA LYS B 524 -14.12 -5.85 21.95
C LYS B 524 -13.82 -5.06 23.22
N HIS B 525 -13.43 -5.77 24.27
CA HIS B 525 -13.12 -5.13 25.55
C HIS B 525 -11.86 -4.28 25.48
N ALA B 526 -11.00 -4.52 24.50
CA ALA B 526 -9.77 -3.75 24.37
C ALA B 526 -9.97 -2.43 23.63
N ASN B 527 -11.18 -2.15 23.19
CA ASN B 527 -11.45 -0.89 22.50
C ASN B 527 -11.30 0.27 23.47
N PRO B 528 -10.49 1.28 23.15
CA PRO B 528 -10.38 2.45 24.02
C PRO B 528 -11.73 3.14 24.17
N GLY B 529 -12.00 3.61 25.38
CA GLY B 529 -13.27 4.23 25.69
C GLY B 529 -14.38 3.28 26.06
N GLY B 530 -14.13 1.96 26.02
CA GLY B 530 -15.13 1.00 26.38
C GLY B 530 -15.96 0.56 25.19
N PRO B 531 -16.63 -0.59 25.33
CA PRO B 531 -17.51 -1.06 24.25
C PRO B 531 -18.66 -0.10 24.03
N ILE B 532 -19.12 -0.02 22.78
CA ILE B 532 -20.19 0.87 22.39
C ILE B 532 -21.52 0.14 22.51
N TYR B 533 -22.39 0.63 23.40
CA TYR B 533 -23.71 0.04 23.59
C TYR B 533 -24.72 0.87 22.81
N PHE B 534 -24.78 0.64 21.51
CA PHE B 534 -25.64 1.39 20.62
C PHE B 534 -27.03 0.77 20.47
N LEU B 535 -27.39 -0.17 21.34
CA LEU B 535 -28.69 -0.84 21.27
C LEU B 535 -29.47 -0.66 22.57
N LYS B 536 -29.35 0.50 23.19
CA LYS B 536 -30.04 0.81 24.42
C LYS B 536 -31.24 1.70 24.15
N GLY B 537 -32.36 1.42 24.82
CA GLY B 537 -33.57 2.20 24.65
C GLY B 537 -34.50 1.70 23.57
N LEU B 538 -34.10 0.71 22.79
CA LEU B 538 -34.94 0.17 21.71
C LEU B 538 -35.88 -0.89 22.29
N SER B 539 -36.85 -0.41 23.08
CA SER B 539 -37.77 -1.32 23.74
C SER B 539 -38.71 -2.00 22.77
N HIS B 540 -38.92 -1.45 21.58
CA HIS B 540 -39.84 -2.02 20.60
C HIS B 540 -39.12 -2.73 19.46
N LEU B 541 -37.82 -2.95 19.59
CA LEU B 541 -37.09 -3.63 18.52
C LEU B 541 -37.55 -5.07 18.38
N HIS B 542 -37.74 -5.50 17.13
CA HIS B 542 -38.20 -6.86 16.84
C HIS B 542 -37.21 -7.65 16.03
N ILE B 543 -36.69 -7.08 14.94
CA ILE B 543 -35.78 -7.77 14.03
C ILE B 543 -34.44 -7.07 14.06
N LEU B 544 -33.38 -7.83 14.33
CA LEU B 544 -32.02 -7.32 14.36
C LEU B 544 -31.16 -8.19 13.47
N ASN B 545 -30.38 -7.56 12.58
CA ASN B 545 -29.52 -8.27 11.65
C ASN B 545 -28.09 -7.77 11.84
N LEU B 546 -27.18 -8.70 12.14
CA LEU B 546 -25.77 -8.38 12.36
C LEU B 546 -24.87 -9.39 11.67
N GLU B 547 -25.20 -9.76 10.45
CA GLU B 547 -24.43 -10.74 9.70
C GLU B 547 -23.13 -10.15 9.17
N SER B 548 -22.09 -10.97 9.15
CA SER B 548 -20.81 -10.61 8.52
C SER B 548 -20.23 -9.32 9.09
N ASN B 549 -20.36 -9.14 10.40
CA ASN B 549 -19.79 -7.96 11.05
C ASN B 549 -18.38 -8.19 11.59
N GLY B 550 -17.87 -9.41 11.55
CA GLY B 550 -16.55 -9.67 12.08
C GLY B 550 -16.47 -9.69 13.58
N PHE B 551 -17.61 -9.77 14.26
CA PHE B 551 -17.63 -9.72 15.71
C PHE B 551 -16.81 -10.86 16.30
N ASP B 552 -15.97 -10.54 17.28
CA ASP B 552 -15.19 -11.53 17.99
C ASP B 552 -15.55 -11.66 19.46
N GLU B 553 -16.26 -10.68 20.03
CA GLU B 553 -16.64 -10.73 21.43
C GLU B 553 -17.93 -9.94 21.61
N ILE B 554 -18.80 -10.42 22.49
CA ILE B 554 -20.11 -9.84 22.72
C ILE B 554 -20.11 -9.23 24.11
N PRO B 555 -20.36 -7.92 24.24
CA PRO B 555 -20.51 -7.33 25.58
C PRO B 555 -21.72 -7.90 26.30
N VAL B 556 -21.61 -7.97 27.62
CA VAL B 556 -22.62 -8.68 28.41
C VAL B 556 -23.96 -7.96 28.36
N GLU B 557 -23.96 -6.63 28.30
CA GLU B 557 -25.18 -5.85 28.46
C GLU B 557 -25.55 -5.10 27.18
N VAL B 558 -25.46 -5.76 26.03
CA VAL B 558 -25.91 -5.15 24.79
C VAL B 558 -27.41 -5.37 24.60
N PHE B 559 -27.89 -6.58 24.85
CA PHE B 559 -29.30 -6.92 24.70
C PHE B 559 -30.05 -6.86 26.02
N LYS B 560 -29.66 -5.96 26.91
CA LYS B 560 -30.25 -5.87 28.23
C LYS B 560 -31.62 -5.21 28.25
N ASP B 561 -32.02 -4.55 27.16
CA ASP B 561 -33.29 -3.84 27.12
C ASP B 561 -34.19 -4.22 25.95
N LEU B 562 -33.81 -5.19 25.13
CA LEU B 562 -34.64 -5.64 24.02
C LEU B 562 -35.66 -6.64 24.54
N PHE B 563 -36.69 -6.10 25.20
CA PHE B 563 -37.70 -6.95 25.83
C PHE B 563 -38.65 -7.58 24.81
N GLU B 564 -38.70 -7.07 23.60
CA GLU B 564 -39.61 -7.58 22.57
C GLU B 564 -38.87 -8.11 21.36
N LEU B 565 -37.60 -8.47 21.50
CA LEU B 565 -36.85 -9.01 20.38
C LEU B 565 -37.39 -10.38 19.99
N LYS B 566 -37.54 -10.61 18.69
CA LYS B 566 -38.05 -11.87 18.18
C LYS B 566 -37.12 -12.55 17.19
N ILE B 567 -36.49 -11.80 16.30
CA ILE B 567 -35.57 -12.33 15.30
C ILE B 567 -34.24 -11.61 15.43
N ILE B 568 -33.18 -12.36 15.67
CA ILE B 568 -31.83 -11.84 15.77
C ILE B 568 -30.94 -12.61 14.82
N ASP B 569 -30.13 -11.90 14.04
CA ASP B 569 -29.26 -12.50 13.05
C ASP B 569 -27.81 -12.22 13.42
N LEU B 570 -27.01 -13.29 13.55
CA LEU B 570 -25.61 -13.15 13.90
C LEU B 570 -24.72 -14.11 13.10
N GLY B 571 -25.15 -14.47 11.90
CA GLY B 571 -24.39 -15.41 11.09
C GLY B 571 -23.17 -14.78 10.44
N LEU B 572 -22.30 -15.66 9.94
CA LEU B 572 -21.08 -15.25 9.22
C LEU B 572 -20.19 -14.34 10.06
N ASN B 573 -20.15 -14.60 11.36
CA ASN B 573 -19.31 -13.83 12.27
C ASN B 573 -18.14 -14.69 12.75
N ASN B 574 -17.36 -14.13 13.67
CA ASN B 574 -16.22 -14.81 14.26
C ASN B 574 -16.42 -15.09 15.75
N LEU B 575 -17.66 -15.33 16.14
CA LEU B 575 -17.98 -15.61 17.54
C LEU B 575 -17.40 -16.95 17.95
N ASN B 576 -16.68 -16.98 19.06
CA ASN B 576 -16.16 -18.21 19.62
C ASN B 576 -16.65 -18.48 21.03
N THR B 577 -16.70 -17.45 21.88
CA THR B 577 -17.23 -17.57 23.22
C THR B 577 -18.21 -16.43 23.47
N LEU B 578 -19.19 -16.68 24.32
CA LEU B 578 -20.20 -15.67 24.61
C LEU B 578 -20.32 -15.48 26.11
N PRO B 579 -20.63 -14.26 26.55
CA PRO B 579 -20.80 -14.02 27.98
C PRO B 579 -22.00 -14.74 28.54
N ALA B 580 -21.87 -15.17 29.79
CA ALA B 580 -22.98 -15.84 30.47
C ALA B 580 -24.09 -14.85 30.78
N SER B 581 -25.33 -15.33 30.69
CA SER B 581 -26.52 -14.54 31.02
C SER B 581 -26.62 -13.28 30.17
N VAL B 582 -26.70 -13.50 28.85
CA VAL B 582 -26.80 -12.42 27.89
C VAL B 582 -28.21 -12.32 27.29
N PHE B 583 -28.86 -13.47 27.06
CA PHE B 583 -30.18 -13.52 26.46
C PHE B 583 -31.29 -13.62 27.52
N ASN B 584 -31.05 -13.09 28.72
CA ASN B 584 -32.06 -13.16 29.76
C ASN B 584 -33.31 -12.38 29.39
N ASN B 585 -33.14 -11.19 28.81
CA ASN B 585 -34.27 -10.32 28.52
C ASN B 585 -34.98 -10.70 27.22
N GLN B 586 -34.43 -11.62 26.43
CA GLN B 586 -35.08 -12.07 25.20
C GLN B 586 -36.08 -13.18 25.53
N VAL B 587 -37.17 -12.77 26.18
CA VAL B 587 -38.22 -13.69 26.61
C VAL B 587 -39.16 -14.09 25.49
N SER B 588 -39.13 -13.38 24.36
CA SER B 588 -40.02 -13.65 23.23
C SER B 588 -39.23 -13.92 21.95
N LEU B 589 -38.01 -14.40 22.09
CA LEU B 589 -37.19 -14.71 20.92
C LEU B 589 -37.81 -15.84 20.11
N LYS B 590 -37.79 -15.71 18.78
CA LYS B 590 -38.39 -16.69 17.90
C LYS B 590 -37.37 -17.36 16.99
N SER B 591 -36.48 -16.59 16.38
CA SER B 591 -35.48 -17.13 15.47
C SER B 591 -34.10 -16.64 15.88
N LEU B 592 -33.16 -17.57 16.01
CA LEU B 592 -31.77 -17.26 16.32
C LEU B 592 -30.89 -17.82 15.21
N ASN B 593 -30.04 -16.98 14.63
CA ASN B 593 -29.19 -17.37 13.52
C ASN B 593 -27.73 -17.20 13.93
N LEU B 594 -26.98 -18.30 13.92
CA LEU B 594 -25.56 -18.28 14.26
C LEU B 594 -24.77 -19.17 13.31
N GLN B 595 -25.17 -19.21 12.04
CA GLN B 595 -24.51 -20.05 11.07
C GLN B 595 -23.15 -19.50 10.67
N LYS B 596 -22.27 -20.39 10.19
CA LYS B 596 -20.96 -20.01 9.66
C LYS B 596 -20.15 -19.21 10.67
N ASN B 597 -20.19 -19.62 11.92
CA ASN B 597 -19.46 -18.99 13.00
C ASN B 597 -18.34 -19.93 13.47
N LEU B 598 -17.66 -19.50 14.53
CA LEU B 598 -16.60 -20.28 15.15
C LEU B 598 -17.02 -20.83 16.51
N ILE B 599 -18.33 -20.90 16.77
CA ILE B 599 -18.81 -21.36 18.07
C ILE B 599 -18.48 -22.83 18.23
N THR B 600 -17.85 -23.18 19.35
CA THR B 600 -17.50 -24.56 19.63
C THR B 600 -18.24 -25.13 20.84
N SER B 601 -18.81 -24.28 21.69
CA SER B 601 -19.49 -24.72 22.89
C SER B 601 -20.86 -24.06 22.99
N VAL B 602 -21.88 -24.86 23.25
CA VAL B 602 -23.24 -24.39 23.47
C VAL B 602 -23.66 -24.83 24.86
N GLU B 603 -23.76 -23.88 25.79
CA GLU B 603 -24.04 -24.19 27.18
C GLU B 603 -25.32 -23.51 27.64
N LYS B 604 -25.92 -24.09 28.67
CA LYS B 604 -27.15 -23.55 29.23
C LYS B 604 -26.92 -22.19 29.88
N LYS B 605 -25.70 -21.92 30.35
CA LYS B 605 -25.41 -20.66 31.01
C LYS B 605 -25.57 -19.46 30.08
N VAL B 606 -25.46 -19.68 28.76
CA VAL B 606 -25.58 -18.62 27.78
C VAL B 606 -26.77 -18.82 26.86
N PHE B 607 -27.03 -20.04 26.44
CA PHE B 607 -28.10 -20.33 25.50
C PHE B 607 -29.35 -20.87 26.18
N GLY B 608 -29.41 -20.86 27.49
CA GLY B 608 -30.55 -21.35 28.23
C GLY B 608 -31.80 -20.53 27.97
N PRO B 609 -31.80 -19.27 28.42
CA PRO B 609 -32.96 -18.40 28.15
C PRO B 609 -33.24 -18.21 26.67
N ALA B 610 -32.20 -18.24 25.83
CA ALA B 610 -32.41 -18.07 24.40
C ALA B 610 -33.20 -19.24 23.81
N PHE B 611 -32.98 -20.45 24.31
CA PHE B 611 -33.66 -21.64 23.81
C PHE B 611 -34.97 -21.90 24.56
N ARG B 612 -35.59 -20.87 25.12
CA ARG B 612 -36.82 -21.06 25.88
C ARG B 612 -37.96 -21.50 24.98
N ASN B 613 -38.32 -20.66 24.01
CA ASN B 613 -39.43 -20.98 23.11
C ASN B 613 -39.12 -20.32 21.76
N LEU B 614 -38.53 -21.10 20.86
CA LEU B 614 -38.11 -20.62 19.56
C LEU B 614 -38.95 -21.28 18.47
N THR B 615 -38.73 -20.85 17.23
CA THR B 615 -39.35 -21.47 16.08
C THR B 615 -38.37 -21.75 14.95
N GLU B 616 -37.13 -21.28 15.05
CA GLU B 616 -36.12 -21.53 14.02
C GLU B 616 -34.75 -21.47 14.69
N LEU B 617 -33.78 -22.12 14.05
CA LEU B 617 -32.41 -22.12 14.55
C LEU B 617 -31.48 -22.45 13.42
N ASP B 618 -30.43 -21.65 13.24
CA ASP B 618 -29.47 -21.82 12.15
C ASP B 618 -28.05 -21.76 12.72
N MET B 619 -27.48 -22.93 12.99
CA MET B 619 -26.11 -23.06 13.46
C MET B 619 -25.40 -24.16 12.69
N ARG B 620 -25.54 -24.12 11.37
CA ARG B 620 -25.13 -25.23 10.53
C ARG B 620 -23.61 -25.37 10.48
N PHE B 621 -22.92 -24.35 9.97
CA PHE B 621 -21.48 -24.45 9.72
C PHE B 621 -20.71 -23.91 10.93
N ASN B 622 -20.82 -24.65 12.03
CA ASN B 622 -20.13 -24.33 13.25
C ASN B 622 -19.22 -25.47 13.67
N PRO B 623 -17.96 -25.23 13.95
CA PRO B 623 -17.08 -26.32 14.40
C PRO B 623 -17.37 -26.72 15.84
N PHE B 624 -18.45 -27.48 16.04
CA PHE B 624 -18.84 -27.92 17.36
C PHE B 624 -17.81 -28.87 17.97
N ASP B 625 -17.70 -28.83 19.28
CA ASP B 625 -16.80 -29.70 20.03
C ASP B 625 -17.61 -30.77 20.75
N CYS B 626 -17.53 -32.00 20.26
CA CYS B 626 -18.29 -33.08 20.87
C CYS B 626 -17.67 -33.44 22.20
N THR B 627 -18.15 -32.83 23.29
CA THR B 627 -17.69 -33.13 24.63
C THR B 627 -18.85 -32.95 25.59
N CYS B 628 -18.97 -33.86 26.55
CA CYS B 628 -20.08 -33.81 27.48
C CYS B 628 -20.10 -32.52 28.30
N GLU B 629 -18.97 -31.82 28.38
CA GLU B 629 -18.94 -30.55 29.11
C GLU B 629 -19.48 -29.39 28.28
N SER B 630 -19.53 -29.53 26.95
CA SER B 630 -19.86 -28.40 26.10
C SER B 630 -20.97 -28.67 25.09
N ILE B 631 -21.32 -29.91 24.82
CA ILE B 631 -22.29 -30.18 23.76
C ILE B 631 -23.40 -31.09 24.26
N ALA B 632 -23.21 -31.69 25.43
CA ALA B 632 -24.19 -32.65 25.94
C ALA B 632 -25.55 -31.99 26.17
N TRP B 633 -25.55 -30.81 26.77
CA TRP B 633 -26.80 -30.10 26.96
C TRP B 633 -27.43 -29.72 25.63
N PHE B 634 -26.60 -29.28 24.67
CA PHE B 634 -27.11 -28.88 23.37
C PHE B 634 -27.73 -30.06 22.62
N VAL B 635 -27.06 -31.22 22.61
CA VAL B 635 -27.62 -32.36 21.92
C VAL B 635 -28.86 -32.88 22.64
N ASN B 636 -28.87 -32.81 23.97
CA ASN B 636 -30.07 -33.20 24.70
C ASN B 636 -31.24 -32.30 24.37
N TRP B 637 -30.99 -30.99 24.25
CA TRP B 637 -32.04 -30.09 23.82
C TRP B 637 -32.47 -30.36 22.39
N ILE B 638 -31.52 -30.76 21.54
CA ILE B 638 -31.86 -31.07 20.16
C ILE B 638 -32.79 -32.28 20.10
N ASN B 639 -32.53 -33.30 20.94
CA ASN B 639 -33.32 -34.53 20.94
C ASN B 639 -34.80 -34.22 21.14
N GLU B 640 -35.13 -33.48 22.20
CA GLU B 640 -36.51 -33.13 22.50
C GLU B 640 -36.68 -31.62 22.35
N THR B 641 -37.49 -31.21 21.37
CA THR B 641 -37.75 -29.82 21.05
C THR B 641 -38.81 -29.77 19.95
N HIS B 642 -39.37 -28.58 19.75
CA HIS B 642 -40.30 -28.34 18.66
C HIS B 642 -39.79 -27.27 17.71
N THR B 643 -38.63 -26.69 17.98
CA THR B 643 -38.08 -25.67 17.10
C THR B 643 -37.62 -26.30 15.79
N ASN B 644 -37.84 -25.59 14.70
CA ASN B 644 -37.45 -26.06 13.38
C ASN B 644 -35.95 -25.83 13.17
N ILE B 645 -35.20 -26.91 13.01
CA ILE B 645 -33.76 -26.84 12.78
C ILE B 645 -33.45 -27.49 11.44
N PRO B 646 -33.40 -26.73 10.35
CA PRO B 646 -33.11 -27.33 9.04
C PRO B 646 -31.70 -27.90 8.97
N GLU B 647 -31.57 -28.98 8.20
CA GLU B 647 -30.28 -29.64 7.98
C GLU B 647 -29.61 -30.01 9.30
N LEU B 648 -30.40 -30.55 10.23
CA LEU B 648 -29.87 -30.92 11.54
C LEU B 648 -28.84 -32.04 11.43
N SER B 649 -29.10 -33.03 10.59
CA SER B 649 -28.22 -34.17 10.46
C SER B 649 -27.25 -34.06 9.29
N SER B 650 -27.23 -32.92 8.59
CA SER B 650 -26.39 -32.76 7.42
C SER B 650 -25.16 -31.89 7.66
N HIS B 651 -25.29 -30.82 8.45
CA HIS B 651 -24.19 -29.89 8.66
C HIS B 651 -23.79 -29.71 10.11
N TYR B 652 -24.60 -30.18 11.05
CA TYR B 652 -24.25 -30.08 12.47
C TYR B 652 -23.30 -31.21 12.84
N LEU B 653 -22.07 -31.06 12.37
CA LEU B 653 -21.03 -32.08 12.54
C LEU B 653 -19.90 -31.53 13.39
N CYS B 654 -19.51 -32.29 14.40
CA CYS B 654 -18.37 -31.88 15.21
C CYS B 654 -17.11 -31.93 14.37
N ASN B 655 -16.21 -31.00 14.66
CA ASN B 655 -14.91 -30.89 14.02
C ASN B 655 -13.81 -31.49 14.86
N THR B 656 -13.94 -31.41 16.18
CA THR B 656 -12.99 -31.90 17.15
C THR B 656 -13.70 -32.50 18.35
N PRO B 657 -13.11 -33.53 18.98
CA PRO B 657 -11.86 -34.24 18.71
C PRO B 657 -11.93 -35.10 17.45
N PRO B 658 -10.79 -35.55 16.92
CA PRO B 658 -10.84 -36.38 15.71
C PRO B 658 -11.62 -37.67 15.90
N HIS B 659 -11.83 -38.12 17.13
CA HIS B 659 -12.66 -39.30 17.36
C HIS B 659 -14.09 -39.05 16.89
N TYR B 660 -14.61 -37.85 17.15
CA TYR B 660 -15.94 -37.45 16.71
C TYR B 660 -15.90 -36.56 15.48
N HIS B 661 -14.83 -36.62 14.70
CA HIS B 661 -14.69 -35.77 13.51
C HIS B 661 -15.74 -36.17 12.48
N GLY B 662 -16.70 -35.28 12.25
CA GLY B 662 -17.75 -35.51 11.26
C GLY B 662 -18.97 -36.23 11.77
N PHE B 663 -18.95 -36.71 13.01
CA PHE B 663 -20.11 -37.40 13.55
C PHE B 663 -21.18 -36.38 13.95
N PRO B 664 -22.41 -36.51 13.44
CA PRO B 664 -23.53 -35.61 13.75
C PRO B 664 -23.87 -35.59 15.24
N GLN E 4 80.08 19.40 18.87
CA GLN E 4 78.69 19.49 18.45
C GLN E 4 78.46 20.72 17.59
N VAL E 5 77.51 21.56 17.99
CA VAL E 5 77.16 22.75 17.23
C VAL E 5 77.88 23.95 17.83
N GLN E 6 78.61 24.66 16.98
CA GLN E 6 79.36 25.85 17.38
C GLN E 6 78.75 27.06 16.70
N LEU E 7 78.49 28.11 17.50
CA LEU E 7 77.94 29.37 17.02
C LEU E 7 78.95 30.46 17.36
N GLN E 8 79.54 31.06 16.33
CA GLN E 8 80.54 32.12 16.52
C GLN E 8 79.93 33.43 16.04
N GLN E 9 79.82 34.40 16.94
CA GLN E 9 79.27 35.69 16.58
C GLN E 9 80.38 36.65 16.15
N SER E 10 80.01 37.60 15.31
CA SER E 10 80.96 38.61 14.85
C SER E 10 80.19 39.88 14.49
N GLY E 11 80.82 41.02 14.75
CA GLY E 11 80.24 42.30 14.42
C GLY E 11 80.75 43.43 15.28
N PRO E 12 80.50 44.66 14.85
CA PRO E 12 80.97 45.83 15.62
C PRO E 12 80.39 45.84 17.03
N GLY E 13 81.25 46.15 18.00
CA GLY E 13 80.84 46.26 19.38
C GLY E 13 80.54 47.70 19.76
N LEU E 14 80.31 48.54 18.75
CA LEU E 14 80.09 49.96 18.97
C LEU E 14 79.37 50.53 17.75
N VAL E 15 78.21 51.14 17.96
CA VAL E 15 77.39 51.67 16.88
C VAL E 15 76.95 53.07 17.27
N LYS E 16 77.02 54.00 16.33
CA LYS E 16 76.52 55.35 16.57
C LYS E 16 74.99 55.34 16.57
N PRO E 17 74.36 56.25 17.31
CA PRO E 17 72.89 56.29 17.33
C PRO E 17 72.30 56.60 15.95
N SER E 18 71.09 56.10 15.73
CA SER E 18 70.33 56.21 14.49
C SER E 18 70.93 55.41 13.35
N GLN E 19 71.94 54.58 13.63
CA GLN E 19 72.55 53.73 12.64
C GLN E 19 71.94 52.32 12.70
N THR E 20 72.56 51.39 11.97
CA THR E 20 72.10 50.01 11.92
C THR E 20 73.08 49.11 12.64
N LEU E 21 72.56 48.30 13.55
CA LEU E 21 73.36 47.33 14.31
C LEU E 21 73.35 46.03 13.53
N SER E 22 74.51 45.61 13.05
CA SER E 22 74.65 44.42 12.23
C SER E 22 75.54 43.40 12.94
N LEU E 23 75.04 42.18 13.09
CA LEU E 23 75.79 41.09 13.68
C LEU E 23 75.60 39.84 12.84
N THR E 24 76.53 38.91 12.97
CA THR E 24 76.51 37.68 12.19
C THR E 24 76.79 36.49 13.10
N CYS E 25 75.95 35.46 13.01
CA CYS E 25 76.13 34.21 13.73
C CYS E 25 76.54 33.17 12.70
N ALA E 26 77.74 32.63 12.85
CA ALA E 26 78.27 31.60 11.97
C ALA E 26 78.08 30.24 12.63
N ILE E 27 77.44 29.33 11.92
CA ILE E 27 77.09 28.00 12.41
C ILE E 27 78.09 27.00 11.85
N SER E 28 78.55 26.09 12.71
CA SER E 28 79.38 24.97 12.27
C SER E 28 78.98 23.73 13.05
N GLY E 29 78.83 22.62 12.36
CA GLY E 29 78.30 21.41 12.97
C GLY E 29 76.80 21.28 12.91
N ASP E 30 76.13 22.12 12.12
CA ASP E 30 74.68 22.09 11.95
C ASP E 30 74.37 22.91 10.71
N SER E 31 73.12 22.87 10.28
CA SER E 31 72.68 23.60 9.09
C SER E 31 71.71 24.71 9.48
N VAL E 32 71.86 25.85 8.80
CA VAL E 32 70.90 26.94 8.97
C VAL E 32 69.57 26.64 8.31
N SER E 33 69.52 25.66 7.42
CA SER E 33 68.27 25.20 6.82
C SER E 33 67.73 23.95 7.48
N SER E 34 68.27 23.57 8.64
CA SER E 34 67.85 22.35 9.30
C SER E 34 66.37 22.40 9.65
N ASN E 35 65.68 21.30 9.40
CA ASN E 35 64.28 21.16 9.75
C ASN E 35 64.10 20.61 11.16
N SER E 36 65.16 20.58 11.96
CA SER E 36 65.10 20.13 13.35
C SER E 36 65.58 21.20 14.32
N ALA E 37 65.66 22.45 13.89
CA ALA E 37 66.14 23.51 14.75
C ALA E 37 65.64 24.85 14.22
N ALA E 38 65.70 25.86 15.07
CA ALA E 38 65.41 27.24 14.68
C ALA E 38 66.55 28.12 15.16
N TRP E 39 66.76 29.25 14.48
CA TRP E 39 67.90 30.11 14.77
C TRP E 39 67.41 31.50 15.13
N GLY E 40 67.87 32.02 16.29
CA GLY E 40 67.31 33.27 16.74
C GLY E 40 68.32 34.14 17.48
N TRP E 41 67.89 35.37 17.76
CA TRP E 41 68.67 36.33 18.52
C TRP E 41 67.86 36.79 19.73
N ILE E 42 68.52 36.83 20.87
CA ILE E 42 68.01 37.43 22.10
C ILE E 42 69.09 38.38 22.60
N ARG E 43 68.72 39.29 23.49
CA ARG E 43 69.67 40.23 24.05
C ARG E 43 69.48 40.37 25.56
N GLN E 44 70.46 40.98 26.21
CA GLN E 44 70.46 41.13 27.66
C GLN E 44 71.21 42.39 28.05
N SER E 45 70.53 43.29 28.76
CA SER E 45 71.17 44.45 29.36
C SER E 45 71.13 44.33 30.88
N PRO E 46 72.13 44.85 31.59
CA PRO E 46 72.13 44.70 33.06
C PRO E 46 70.96 45.38 33.74
N GLY E 47 70.35 46.40 33.12
CA GLY E 47 69.17 47.02 33.68
C GLY E 47 67.94 46.14 33.60
N ARG E 48 68.00 45.04 32.87
CA ARG E 48 66.90 44.09 32.74
C ARG E 48 67.46 42.67 32.70
N GLY E 49 66.64 41.72 32.27
CA GLY E 49 67.13 40.35 32.11
C GLY E 49 67.33 39.97 30.65
N LEU E 50 66.72 38.86 30.26
CA LEU E 50 66.83 38.33 28.90
C LEU E 50 65.60 38.72 28.09
N GLU E 51 65.82 39.07 26.83
CA GLU E 51 64.74 39.54 25.97
C GLU E 51 64.85 38.86 24.62
N TRP E 52 63.81 38.13 24.22
CA TRP E 52 63.78 37.52 22.91
C TRP E 52 63.57 38.59 21.84
N LEU E 53 64.44 38.60 20.84
CA LEU E 53 64.33 39.54 19.73
C LEU E 53 63.70 38.92 18.49
N GLY E 54 64.25 37.83 17.99
CA GLY E 54 63.69 37.28 16.77
C GLY E 54 64.17 35.89 16.50
N ILE E 55 63.54 35.27 15.50
CA ILE E 55 63.82 33.87 15.18
C ILE E 55 63.45 33.62 13.73
N ILE E 56 64.08 32.61 13.14
CA ILE E 56 63.81 32.18 11.77
C ILE E 56 63.98 30.66 11.73
N GLN E 57 63.15 30.01 10.92
CA GLN E 57 63.23 28.56 10.81
C GLN E 57 62.82 28.12 9.41
N LYS E 58 63.61 27.21 8.86
CA LYS E 58 63.40 26.69 7.51
C LYS E 58 62.46 25.50 7.58
N ARG E 59 61.21 25.69 7.16
CA ARG E 59 60.32 24.55 7.09
C ARG E 59 59.89 24.29 5.65
N SER E 60 59.08 25.18 5.07
CA SER E 60 58.63 25.03 3.69
C SER E 60 59.22 26.14 2.82
N LYS E 61 58.90 27.36 3.19
CA LYS E 61 59.51 28.61 2.78
C LYS E 61 60.28 29.12 4.00
N TRP E 62 60.82 30.32 3.90
CA TRP E 62 61.60 30.94 4.97
C TRP E 62 60.65 31.71 5.88
N TYR E 63 60.52 31.26 7.12
CA TYR E 63 59.61 31.89 8.08
C TYR E 63 60.40 32.53 9.22
N ASN E 64 60.00 33.74 9.58
CA ASN E 64 60.62 34.50 10.64
C ASN E 64 59.53 35.04 11.56
N ASN E 65 59.87 35.12 12.85
CA ASN E 65 58.97 35.65 13.86
C ASN E 65 59.76 36.65 14.70
N TYR E 66 59.23 37.87 14.83
CA TYR E 66 59.90 38.96 15.52
C TYR E 66 59.08 39.42 16.71
N ALA E 67 59.79 39.94 17.72
CA ALA E 67 59.13 40.57 18.86
C ALA E 67 58.60 41.94 18.47
N VAL E 68 57.44 42.28 19.01
CA VAL E 68 56.78 43.55 18.65
C VAL E 68 57.60 44.76 19.11
N SER E 69 58.50 44.58 20.07
CA SER E 69 59.30 45.70 20.54
C SER E 69 60.22 46.23 19.43
N VAL E 70 60.79 45.33 18.65
CA VAL E 70 61.74 45.70 17.61
C VAL E 70 61.28 45.23 16.23
N LYS E 71 59.98 44.91 16.10
CA LYS E 71 59.49 44.31 14.85
C LYS E 71 59.68 45.26 13.67
N SER E 72 59.46 46.55 13.88
CA SER E 72 59.62 47.52 12.80
C SER E 72 61.07 47.91 12.53
N ARG E 73 62.04 47.28 13.21
CA ARG E 73 63.43 47.65 13.03
C ARG E 73 64.32 46.45 12.73
N ILE E 74 63.93 45.27 13.22
CA ILE E 74 64.81 44.10 13.19
C ILE E 74 64.72 43.41 11.84
N THR E 75 65.79 42.70 11.49
CA THR E 75 65.86 41.92 10.26
C THR E 75 66.85 40.78 10.48
N ILE E 76 66.38 39.55 10.29
CA ILE E 76 67.20 38.36 10.51
C ILE E 76 67.18 37.56 9.21
N ASN E 77 68.27 37.63 8.44
CA ASN E 77 68.31 36.92 7.17
C ASN E 77 69.39 35.84 7.20
N PRO E 78 69.10 34.66 6.65
CA PRO E 78 70.11 33.59 6.63
C PRO E 78 70.96 33.62 5.37
N ASP E 79 72.21 33.20 5.53
CA ASP E 79 73.16 33.08 4.43
C ASP E 79 73.39 31.58 4.20
N THR E 80 72.56 31.00 3.34
CA THR E 80 72.68 29.58 3.04
C THR E 80 74.01 29.25 2.38
N SER E 81 74.55 30.18 1.59
CA SER E 81 75.81 29.92 0.91
C SER E 81 76.98 29.83 1.89
N LYS E 82 76.91 30.54 3.02
CA LYS E 82 77.95 30.50 4.02
C LYS E 82 77.51 29.90 5.35
N ASN E 83 76.29 29.39 5.45
CA ASN E 83 75.78 28.73 6.65
C ASN E 83 75.82 29.68 7.85
N GLN E 84 75.17 30.82 7.70
CA GLN E 84 75.17 31.87 8.72
C GLN E 84 73.77 32.44 8.84
N PHE E 85 73.58 33.28 9.86
CA PHE E 85 72.38 34.13 9.88
C PHE E 85 72.71 35.42 10.61
N SER E 86 72.12 36.51 10.14
CA SER E 86 72.50 37.85 10.55
C SER E 86 71.46 38.47 11.48
N LEU E 87 71.78 39.67 11.95
CA LEU E 87 70.90 40.47 12.80
C LEU E 87 71.07 41.91 12.40
N GLN E 88 69.99 42.54 11.97
CA GLN E 88 69.99 43.90 11.44
C GLN E 88 68.94 44.71 12.22
N LEU E 89 69.41 45.59 13.11
CA LEU E 89 68.54 46.37 13.98
C LEU E 89 68.73 47.85 13.67
N ASN E 90 67.77 48.45 12.99
CA ASN E 90 67.91 49.82 12.52
C ASN E 90 67.52 50.82 13.59
N SER E 91 67.95 52.07 13.38
CA SER E 91 67.57 53.21 14.22
C SER E 91 67.91 52.94 15.69
N VAL E 92 69.16 52.54 15.93
CA VAL E 92 69.55 52.16 17.28
C VAL E 92 69.57 53.39 18.19
N THR E 93 69.48 53.12 19.50
CA THR E 93 69.41 54.12 20.55
C THR E 93 70.08 53.49 21.76
N PRO E 94 70.77 54.29 22.62
CA PRO E 94 71.45 53.71 23.79
C PRO E 94 70.63 52.68 24.57
N GLU E 95 69.30 52.71 24.44
CA GLU E 95 68.50 51.65 25.00
C GLU E 95 68.72 50.30 24.30
N ASP E 96 69.37 50.29 23.14
CA ASP E 96 69.74 49.06 22.46
C ASP E 96 71.12 48.54 22.85
N THR E 97 71.78 49.20 23.81
CA THR E 97 73.08 48.75 24.29
C THR E 97 72.89 47.52 25.16
N ALA E 98 73.49 46.40 24.75
CA ALA E 98 73.30 45.14 25.46
C ALA E 98 74.22 44.08 24.87
N VAL E 99 74.25 42.92 25.52
CA VAL E 99 74.93 41.74 24.99
C VAL E 99 73.93 40.99 24.13
N TYR E 100 74.30 40.75 22.88
CA TYR E 100 73.45 40.06 21.93
C TYR E 100 73.95 38.64 21.75
N TYR E 101 73.07 37.67 21.98
CA TYR E 101 73.36 36.25 21.80
C TYR E 101 72.55 35.73 20.63
N CYS E 102 73.21 34.95 19.77
CA CYS E 102 72.52 34.09 18.81
C CYS E 102 72.42 32.69 19.39
N ALA E 103 71.32 32.01 19.09
CA ALA E 103 71.02 30.76 19.77
C ALA E 103 70.25 29.83 18.86
N ARG E 104 70.38 28.53 19.16
CA ARG E 104 69.65 27.47 18.47
C ARG E 104 68.52 26.99 19.37
N TYR E 105 67.30 27.05 18.85
CA TYR E 105 66.12 26.52 19.52
C TYR E 105 65.92 25.10 19.03
N SER E 106 66.02 24.15 19.95
CA SER E 106 65.90 22.73 19.63
C SER E 106 64.44 22.30 19.72
N TYR E 107 63.97 21.62 18.69
CA TYR E 107 62.62 21.10 18.69
C TYR E 107 62.51 19.95 19.70
N PRO E 108 61.32 19.69 20.22
CA PRO E 108 60.03 20.35 19.99
C PRO E 108 59.65 21.39 21.03
N PHE E 109 60.43 21.48 22.11
CA PHE E 109 60.12 22.36 23.21
C PHE E 109 60.64 23.77 23.03
N TYR E 110 61.37 24.03 21.94
CA TYR E 110 62.00 25.33 21.70
C TYR E 110 62.91 25.73 22.85
N SER E 111 63.54 24.73 23.47
CA SER E 111 64.60 24.98 24.44
C SER E 111 65.91 25.20 23.70
N ILE E 112 66.80 25.95 24.32
CA ILE E 112 68.03 26.40 23.69
C ILE E 112 69.18 25.54 24.24
N ASP E 113 69.80 24.77 23.36
CA ASP E 113 70.94 23.94 23.72
C ASP E 113 72.28 24.54 23.34
N TYR E 114 72.30 25.51 22.42
CA TYR E 114 73.56 26.08 21.94
C TYR E 114 73.41 27.58 21.78
N TRP E 115 74.40 28.31 22.28
CA TRP E 115 74.43 29.76 22.28
C TRP E 115 75.69 30.25 21.59
N GLY E 116 75.63 31.49 21.13
CA GLY E 116 76.84 32.17 20.71
C GLY E 116 77.63 32.68 21.90
N GLN E 117 78.85 33.15 21.62
CA GLN E 117 79.68 33.67 22.70
C GLN E 117 79.16 34.99 23.24
N GLY E 118 78.25 35.65 22.52
CA GLY E 118 77.71 36.92 22.97
C GLY E 118 78.57 38.09 22.56
N THR E 119 77.95 39.11 21.97
CA THR E 119 78.66 40.31 21.55
C THR E 119 78.04 41.51 22.25
N LEU E 120 78.83 42.20 23.06
CA LEU E 120 78.33 43.42 23.71
C LEU E 120 78.37 44.57 22.73
N VAL E 121 77.24 45.22 22.53
CA VAL E 121 77.12 46.35 21.61
C VAL E 121 76.68 47.56 22.41
N THR E 122 77.46 48.63 22.32
CA THR E 122 77.15 49.91 22.94
C THR E 122 76.75 50.90 21.86
N VAL E 123 75.65 51.62 22.10
CA VAL E 123 75.16 52.61 21.15
C VAL E 123 75.43 53.98 21.76
N SER E 124 76.40 54.69 21.20
CA SER E 124 76.74 56.02 21.69
C SER E 124 77.50 56.77 20.60
N SER E 125 77.50 58.09 20.73
CA SER E 125 78.27 58.93 19.82
C SER E 125 79.78 58.74 19.98
N SER E 147 53.50 38.55 28.45
CA SER E 147 53.40 37.87 29.73
C SER E 147 54.61 38.19 30.59
N VAL E 148 54.47 38.01 31.90
CA VAL E 148 55.52 38.36 32.86
C VAL E 148 55.73 37.16 33.78
N LEU E 149 56.94 36.60 33.74
CA LEU E 149 57.36 35.59 34.70
C LEU E 149 58.17 36.28 35.79
N THR E 150 57.76 36.08 37.04
CA THR E 150 58.34 36.79 38.18
C THR E 150 59.18 35.85 39.00
N GLN E 151 60.41 36.28 39.33
CA GLN E 151 61.33 35.56 40.18
C GLN E 151 61.75 36.41 41.36
N PRO E 152 62.10 35.81 42.49
CA PRO E 152 62.71 36.57 43.58
C PRO E 152 64.09 37.06 43.17
N PRO E 153 64.42 38.32 43.47
CA PRO E 153 65.70 38.87 42.98
C PRO E 153 66.93 38.15 43.51
N SER E 154 66.87 37.53 44.70
CA SER E 154 68.06 36.96 45.30
C SER E 154 67.70 35.77 46.17
N VAL E 155 68.56 34.76 46.16
CA VAL E 155 68.45 33.62 47.06
C VAL E 155 69.86 33.32 47.57
N SER E 156 70.04 33.35 48.89
CA SER E 156 71.31 33.05 49.53
C SER E 156 71.23 31.68 50.17
N VAL E 157 72.26 30.86 49.95
CA VAL E 157 72.26 29.47 50.41
C VAL E 157 73.64 29.13 50.96
N ALA E 158 73.65 28.28 51.97
CA ALA E 158 74.88 27.74 52.52
C ALA E 158 75.39 26.58 51.66
N PRO E 159 76.71 26.33 51.67
CA PRO E 159 77.23 25.20 50.89
C PRO E 159 76.71 23.87 51.41
N GLY E 160 76.10 23.10 50.51
CA GLY E 160 75.45 21.87 50.88
C GLY E 160 73.97 22.01 51.18
N GLN E 161 73.46 23.23 51.28
CA GLN E 161 72.06 23.47 51.56
C GLN E 161 71.27 23.55 50.25
N THR E 162 70.08 22.97 50.25
CA THR E 162 69.25 22.94 49.06
C THR E 162 68.72 24.34 48.76
N ALA E 163 68.78 24.73 47.49
CA ALA E 163 68.29 26.02 47.04
C ALA E 163 66.99 25.82 46.26
N ARG E 164 66.06 26.76 46.41
CA ARG E 164 64.77 26.70 45.73
C ARG E 164 64.47 28.07 45.13
N ILE E 165 64.38 28.12 43.80
CA ILE E 165 64.12 29.35 43.07
C ILE E 165 62.73 29.26 42.46
N SER E 166 61.85 30.17 42.84
CA SER E 166 60.46 30.15 42.37
C SER E 166 60.30 31.05 41.15
N CYS E 167 59.20 30.82 40.44
CA CYS E 167 58.90 31.55 39.20
C CYS E 167 57.38 31.54 39.03
N SER E 168 56.76 32.71 39.11
CA SER E 168 55.31 32.81 39.09
C SER E 168 54.83 33.53 37.84
N GLY E 169 53.60 33.25 37.45
CA GLY E 169 52.98 33.89 36.31
C GLY E 169 51.84 33.06 35.78
N ASP E 170 51.14 33.66 34.81
CA ASP E 170 50.05 32.97 34.14
C ASP E 170 50.54 31.96 33.11
N ASN E 171 51.77 32.12 32.60
CA ASN E 171 52.32 31.15 31.68
C ASN E 171 52.75 29.86 32.38
N ILE E 172 52.81 29.87 33.71
CA ILE E 172 53.30 28.69 34.43
C ILE E 172 52.35 27.52 34.24
N GLY E 173 51.06 27.73 34.47
CA GLY E 173 50.07 26.69 34.34
C GLY E 173 49.56 26.45 32.93
N SER E 174 50.12 27.15 31.94
CA SER E 174 49.69 27.00 30.55
C SER E 174 50.80 26.60 29.61
N TYR E 175 52.05 26.61 30.06
CA TYR E 175 53.19 26.28 29.20
C TYR E 175 54.24 25.55 30.02
N TYR E 176 55.14 24.87 29.30
CA TYR E 176 56.32 24.28 29.90
C TYR E 176 57.30 25.37 30.34
N VAL E 177 58.02 25.09 31.42
CA VAL E 177 59.00 26.03 31.96
C VAL E 177 60.39 25.46 31.76
N HIS E 178 61.26 26.24 31.15
CA HIS E 178 62.67 25.94 31.04
C HIS E 178 63.43 26.85 32.00
N TRP E 179 64.58 26.37 32.47
CA TRP E 179 65.43 27.06 33.42
C TRP E 179 66.86 27.09 32.90
N TYR E 180 67.40 28.32 32.81
CA TYR E 180 68.74 28.59 32.30
C TYR E 180 69.63 29.13 33.41
N GLN E 181 70.90 28.74 33.36
CA GLN E 181 71.93 29.18 34.30
C GLN E 181 72.97 30.02 33.54
N GLN E 182 73.28 31.19 34.09
CA GLN E 182 74.23 32.12 33.47
C GLN E 182 75.24 32.54 34.51
N LYS E 183 76.50 32.18 34.28
CA LYS E 183 77.66 32.65 35.05
C LYS E 183 78.16 33.95 34.48
N PRO E 184 78.88 34.75 35.25
CA PRO E 184 79.35 36.05 34.76
C PRO E 184 80.21 35.89 33.50
N GLY E 185 79.96 36.77 32.53
CA GLY E 185 80.72 36.78 31.30
C GLY E 185 80.47 35.61 30.38
N GLN E 186 79.44 34.81 30.63
CA GLN E 186 79.17 33.62 29.85
C GLN E 186 77.73 33.62 29.34
N ALA E 187 77.51 32.87 28.27
CA ALA E 187 76.16 32.66 27.77
C ALA E 187 75.38 31.78 28.75
N PRO E 188 74.06 31.88 28.75
CA PRO E 188 73.25 31.03 29.64
C PRO E 188 73.37 29.56 29.26
N VAL E 189 73.10 28.71 30.24
CA VAL E 189 73.17 27.26 30.07
C VAL E 189 71.85 26.66 30.51
N LEU E 190 71.22 25.88 29.64
CA LEU E 190 69.97 25.23 29.97
C LEU E 190 70.22 24.15 31.02
N VAL E 191 69.63 24.33 32.21
CA VAL E 191 69.73 23.32 33.25
C VAL E 191 68.47 22.48 33.35
N ILE E 192 67.29 23.03 33.09
CA ILE E 192 66.06 22.23 33.15
C ILE E 192 65.18 22.61 31.96
N TYR E 193 64.55 21.63 31.34
CA TYR E 193 63.58 21.92 30.30
C TYR E 193 62.33 21.06 30.50
N GLU E 194 61.22 21.57 30.00
CA GLU E 194 59.91 20.93 30.12
C GLU E 194 59.57 20.62 31.58
N ASP E 195 59.75 21.66 32.41
CA ASP E 195 59.35 21.72 33.82
C ASP E 195 60.17 20.82 34.73
N SER E 196 60.75 19.76 34.19
CA SER E 196 61.48 18.79 35.00
C SER E 196 62.61 18.07 34.28
N GLU E 197 62.63 18.07 32.96
CA GLU E 197 63.62 17.27 32.26
C GLU E 197 64.99 17.92 32.37
N ARG E 198 66.02 17.10 32.45
CA ARG E 198 67.39 17.60 32.62
C ARG E 198 68.24 17.17 31.43
N PRO E 199 68.88 18.08 30.72
CA PRO E 199 69.77 17.67 29.63
C PRO E 199 70.99 16.96 30.16
N SER E 200 71.55 16.09 29.32
CA SER E 200 72.73 15.32 29.68
C SER E 200 73.94 16.25 29.85
N GLY E 201 74.75 15.94 30.85
CA GLY E 201 75.88 16.77 31.23
C GLY E 201 75.60 17.67 32.42
N ILE E 202 74.34 17.88 32.76
CA ILE E 202 73.95 18.72 33.90
C ILE E 202 73.97 17.86 35.16
N PRO E 203 74.51 18.34 36.28
CA PRO E 203 74.54 17.53 37.50
C PRO E 203 73.15 17.10 37.94
N GLU E 204 73.06 15.89 38.50
CA GLU E 204 71.77 15.32 38.88
C GLU E 204 71.11 16.08 40.01
N ARG E 205 71.86 16.92 40.74
CA ARG E 205 71.27 17.69 41.84
C ARG E 205 70.30 18.75 41.36
N PHE E 206 70.27 19.06 40.06
CA PHE E 206 69.32 20.02 39.52
C PHE E 206 68.01 19.34 39.19
N SER E 207 66.90 19.97 39.57
CA SER E 207 65.58 19.43 39.23
C SER E 207 64.60 20.58 39.17
N GLY E 208 63.44 20.32 38.58
CA GLY E 208 62.41 21.33 38.42
C GLY E 208 61.02 20.77 38.66
N SER E 209 60.14 21.63 39.16
CA SER E 209 58.77 21.27 39.50
C SER E 209 57.83 22.40 39.07
N ASN E 210 56.54 22.09 38.99
CA ASN E 210 55.54 23.06 38.54
C ASN E 210 54.22 22.69 39.23
N SER E 211 53.85 23.47 40.23
CA SER E 211 52.63 23.25 41.01
C SER E 211 51.78 24.52 40.92
N GLY E 212 50.72 24.47 40.12
CA GLY E 212 49.85 25.63 39.99
C GLY E 212 50.46 26.68 39.09
N ASN E 213 50.50 27.91 39.58
CA ASN E 213 51.13 29.03 38.87
C ASN E 213 52.50 29.36 39.44
N THR E 214 53.23 28.34 39.88
CA THR E 214 54.56 28.53 40.46
C THR E 214 55.44 27.36 40.05
N ALA E 215 56.45 27.63 39.23
CA ALA E 215 57.49 26.67 38.94
C ALA E 215 58.64 26.88 39.92
N THR E 216 59.41 25.81 40.15
CA THR E 216 60.48 25.84 41.14
C THR E 216 61.67 25.05 40.64
N LEU E 217 62.82 25.72 40.59
CA LEU E 217 64.10 25.06 40.34
C LEU E 217 64.73 24.71 41.68
N THR E 218 64.90 23.43 41.93
CA THR E 218 65.50 22.93 43.16
C THR E 218 66.92 22.46 42.87
N ILE E 219 67.87 23.00 43.62
CA ILE E 219 69.26 22.56 43.59
C ILE E 219 69.55 21.86 44.91
N SER E 220 69.43 20.53 44.92
CA SER E 220 69.67 19.73 46.12
C SER E 220 71.15 19.74 46.46
N GLY E 221 71.51 20.40 47.56
CA GLY E 221 72.91 20.52 47.94
C GLY E 221 73.68 21.44 47.01
N THR E 222 73.32 22.72 47.00
CA THR E 222 74.02 23.69 46.16
C THR E 222 75.51 23.70 46.47
N GLN E 223 76.33 23.51 45.44
CA GLN E 223 77.76 23.61 45.57
C GLN E 223 78.24 25.00 45.16
N ALA E 224 79.52 25.26 45.39
CA ALA E 224 80.07 26.58 45.09
C ALA E 224 79.95 26.91 43.61
N GLU E 225 80.12 25.90 42.75
CA GLU E 225 80.04 26.11 41.31
C GLU E 225 78.64 26.42 40.82
N ASP E 226 77.62 26.24 41.65
CA ASP E 226 76.25 26.55 41.26
C ASP E 226 75.88 28.01 41.46
N GLU E 227 76.79 28.83 41.99
CA GLU E 227 76.52 30.25 42.21
C GLU E 227 76.51 30.97 40.86
N ALA E 228 75.34 31.43 40.45
CA ALA E 228 75.15 32.09 39.16
C ALA E 228 73.78 32.77 39.17
N ASP E 229 73.36 33.26 38.00
CA ASP E 229 72.03 33.82 37.82
C ASP E 229 71.15 32.79 37.14
N TYR E 230 69.93 32.60 37.64
CA TYR E 230 69.02 31.60 37.09
C TYR E 230 67.79 32.31 36.55
N TYR E 231 67.48 32.05 35.29
CA TYR E 231 66.31 32.64 34.65
C TYR E 231 65.32 31.55 34.28
N CYS E 232 64.08 31.71 34.74
CA CYS E 232 62.99 30.89 34.23
C CYS E 232 62.46 31.50 32.95
N SER E 233 61.97 30.64 32.09
CA SER E 233 61.53 31.04 30.76
C SER E 233 60.45 30.07 30.34
N SER E 234 59.65 30.50 29.38
CA SER E 234 58.65 29.62 28.83
C SER E 234 58.28 30.10 27.45
N TYR E 235 57.67 29.19 26.71
CA TYR E 235 57.07 29.51 25.45
C TYR E 235 55.74 30.24 25.67
N ASP E 236 55.29 30.95 24.65
CA ASP E 236 54.15 31.85 24.75
C ASP E 236 53.50 31.99 23.39
N ASP E 237 52.17 31.94 23.36
CA ASP E 237 51.48 31.93 22.07
C ASP E 237 51.65 33.22 21.28
N PRO E 238 51.36 34.42 21.83
CA PRO E 238 51.52 35.63 21.01
C PRO E 238 52.97 36.06 20.86
N ASN E 239 53.76 35.94 21.93
CA ASN E 239 55.09 36.56 22.00
C ASN E 239 56.21 35.52 21.98
N PHE E 240 55.93 34.30 21.52
CA PHE E 240 56.91 33.23 21.35
C PHE E 240 57.66 32.85 22.62
N GLN E 241 58.49 33.73 23.17
CA GLN E 241 59.34 33.39 24.31
C GLN E 241 59.24 34.46 25.38
N VAL E 242 59.18 34.03 26.63
CA VAL E 242 59.13 34.94 27.78
C VAL E 242 60.11 34.47 28.83
N PHE E 243 60.92 35.40 29.35
CA PHE E 243 61.92 35.12 30.36
C PHE E 243 61.51 35.73 31.70
N GLY E 244 61.93 35.06 32.78
CA GLY E 244 61.78 35.64 34.10
C GLY E 244 62.81 36.72 34.38
N GLY E 245 62.57 37.48 35.44
CA GLY E 245 63.48 38.56 35.80
C GLY E 245 64.86 38.09 36.17
N GLY E 246 64.97 36.90 36.72
CA GLY E 246 66.26 36.36 37.10
C GLY E 246 66.45 36.38 38.60
N THR E 247 67.17 35.38 39.10
CA THR E 247 67.43 35.22 40.53
C THR E 247 68.92 35.00 40.73
N LYS E 248 69.53 35.85 41.55
CA LYS E 248 70.94 35.72 41.88
C LYS E 248 71.08 34.73 43.03
N LEU E 249 71.81 33.64 42.80
CA LEU E 249 72.03 32.60 43.80
C LEU E 249 73.43 32.71 44.34
N THR E 250 73.56 32.81 45.66
CA THR E 250 74.85 32.97 46.31
C THR E 250 75.09 31.80 47.26
N VAL E 251 76.22 31.13 47.09
CA VAL E 251 76.70 30.12 48.02
C VAL E 251 77.56 30.85 49.04
N LEU E 252 77.12 30.87 50.30
CA LEU E 252 77.74 31.71 51.32
C LEU E 252 79.18 31.32 51.57
#